data_5Y3K
#
_entry.id   5Y3K
#
_cell.length_a   106.849
_cell.length_b   126.502
_cell.length_c   140.716
_cell.angle_alpha   90.00
_cell.angle_beta   98.49
_cell.angle_gamma   90.00
#
_symmetry.space_group_name_H-M   'C 1 2 1'
#
loop_
_entity.id
_entity.type
_entity.pdbx_description
1 polymer 'Toll-like receptor 9'
2 polymer "DNA (5'-D(*AP*GP*GP*CP*GP*TP*TP*TP*TP*T)-3')"
3 polymer "DNA (5'-D(*GP*CP*GP*CP*AP*C)-3')"
4 branched 2-acetamido-2-deoxy-beta-D-glucopyranose-(1-4)-2-acetamido-2-deoxy-beta-D-glucopyranose
5 non-polymer 2-acetamido-2-deoxy-beta-D-glucopyranose
6 water water
#
loop_
_entity_poly.entity_id
_entity_poly.type
_entity_poly.pdbx_seq_one_letter_code
_entity_poly.pdbx_strand_id
1 'polypeptide(L)'
;RSPWQGTLPPFLPCELQPHGLVNCNWLFLKSVPHFSAAAPRDNVTSLSLLSNRIHHLHDSDFAQLSNLQKLNLKWNCPPA
GLSPMHFPCHMTIEPNTFLAVPTLEELNLSYNGITTVPALPSSLVSLILSRTNILQLDPTSLTGLHALRFLYMDGNCYYK
NPCGRALEVAPGALLGLGNLTHLSLKYNNLTTVPRSLPPSLEYLLLSYNHIVTLAPEDLANLTALRVLDVGGNCRRCDHA
RNPCVECPHKFPQLHSDTFSHLSRLEGLVLKDSSLYQLNPRWFRGLGNLTVLDLSENFLYDCITKTKAFQGLAQLRRLNL
SFNYHKKVSFAHLTLAPSFGSLLSLQELDMHGIFFRSLSQKTLQPLARLPMLQRLYLQMNFINQAQLGIFKDFPGLRYID
LSDNRISGAVEPVATTGEVDGGKKVWLTSRDLTPGPLDTPSSEDFMPSCKNLSFTLDLSRNNLVTVQPEMFAQLSRLQCL
RLSHNSISQAVNGSQFVPLTSLQVLDLSHNKLDLYHGRSFTELPRLEALDLSYNSQPFSMRGVGHNLSFVAQLPTLRYLS
LAHNGIHSRVSQQLCSTSLWALDFSGNSLSQMWAEGDLYLRFFQGLRSLIRLDLSQNRLHTLLPCTLGNLPKSLQLLRLR
NNYLAFFNWSSLTLLPNLETLDLAGNQLKALSNGSLPSGTQLQRLDVSRNSIIFVVPGFFALATRLRELNLSANALRTVE
PSWFGFLAGSLEVLDVSANPLHCACGAAFVDFLLQVQAAVPGLPSRVKCGSPGQLQGRSIFAQDLRLCLDESLSWDEFLV
PR
;
A,B
2 'polydeoxyribonucleotide' (DA)(DG)(DG)(DC)(DG)(DT)(DT)(DT)(DT)(DT) C,D
3 'polydeoxyribonucleotide' (DG)(DC)(DG)(DC)(DA)(DC) E,F
#
loop_
_chem_comp.id
_chem_comp.type
_chem_comp.name
_chem_comp.formula
DA DNA linking 2'-DEOXYADENOSINE-5'-MONOPHOSPHATE 'C10 H14 N5 O6 P'
DC DNA linking 2'-DEOXYCYTIDINE-5'-MONOPHOSPHATE 'C9 H14 N3 O7 P'
DG DNA linking 2'-DEOXYGUANOSINE-5'-MONOPHOSPHATE 'C10 H14 N5 O7 P'
DT DNA linking THYMIDINE-5'-MONOPHOSPHATE 'C10 H15 N2 O8 P'
NAG D-saccharide, beta linking 2-acetamido-2-deoxy-beta-D-glucopyranose 'C8 H15 N O6'
#
# COMPACT_ATOMS: atom_id res chain seq x y z
N THR A 7 40.00 -1.48 -5.14
CA THR A 7 40.11 -2.82 -5.83
C THR A 7 38.90 -3.09 -6.71
N LEU A 8 39.01 -4.12 -7.56
CA LEU A 8 38.05 -4.38 -8.64
C LEU A 8 36.63 -4.70 -8.18
N PRO A 9 35.64 -4.58 -9.10
CA PRO A 9 34.33 -5.17 -8.83
C PRO A 9 34.46 -6.70 -8.80
N PRO A 10 33.83 -7.33 -7.80
CA PRO A 10 34.10 -8.75 -7.52
C PRO A 10 33.78 -9.77 -8.62
N PHE A 11 32.78 -9.50 -9.47
CA PHE A 11 32.36 -10.47 -10.49
C PHE A 11 32.50 -9.98 -11.94
N LEU A 12 33.60 -9.31 -12.29
CA LEU A 12 33.81 -8.86 -13.69
C LEU A 12 33.60 -10.01 -14.71
N PRO A 13 32.97 -9.77 -15.87
CA PRO A 13 32.40 -8.49 -16.29
C PRO A 13 30.95 -8.27 -15.81
N CYS A 14 30.39 -9.22 -15.07
CA CYS A 14 29.04 -9.12 -14.53
C CYS A 14 28.96 -8.10 -13.37
N GLU A 15 27.74 -7.84 -12.91
CA GLU A 15 27.47 -6.81 -11.92
C GLU A 15 26.77 -7.41 -10.69
N LEU A 16 27.38 -7.26 -9.51
CA LEU A 16 26.79 -7.73 -8.26
C LEU A 16 25.64 -6.82 -7.84
N GLN A 17 24.42 -7.37 -7.83
CA GLN A 17 23.22 -6.63 -7.45
C GLN A 17 22.69 -7.13 -6.08
N PRO A 18 21.65 -6.47 -5.54
CA PRO A 18 21.10 -6.89 -4.21
C PRO A 18 20.48 -8.31 -4.14
N HIS A 19 20.26 -8.79 -2.91
CA HIS A 19 19.71 -10.11 -2.62
C HIS A 19 20.54 -11.21 -3.34
N GLY A 20 21.86 -11.06 -3.26
CA GLY A 20 22.82 -12.02 -3.82
C GLY A 20 22.71 -12.39 -5.29
N LEU A 21 22.37 -11.41 -6.14
CA LEU A 21 22.22 -11.63 -7.59
C LEU A 21 23.47 -11.18 -8.35
N VAL A 22 24.04 -12.10 -9.14
CA VAL A 22 25.11 -11.74 -10.06
C VAL A 22 24.50 -11.70 -11.44
N ASN A 23 24.49 -10.50 -12.03
CA ASN A 23 23.82 -10.21 -13.29
C ASN A 23 24.82 -10.13 -14.45
N CYS A 24 24.82 -11.15 -15.30
CA CYS A 24 25.64 -11.17 -16.52
C CYS A 24 24.82 -10.92 -17.77
N ASN A 25 23.71 -10.20 -17.66
CA ASN A 25 22.79 -10.05 -18.78
C ASN A 25 23.41 -9.20 -19.90
N TRP A 26 23.16 -9.61 -21.14
CA TRP A 26 23.47 -8.82 -22.33
C TRP A 26 24.95 -8.47 -22.53
N LEU A 27 25.86 -9.30 -22.03
CA LEU A 27 27.30 -9.09 -22.19
C LEU A 27 27.94 -9.86 -23.34
N PHE A 28 27.11 -10.44 -24.21
CA PHE A 28 27.56 -11.13 -25.41
C PHE A 28 28.63 -12.20 -25.14
N LEU A 29 28.45 -12.90 -24.03
CA LEU A 29 29.40 -13.91 -23.58
C LEU A 29 29.26 -15.18 -24.41
N LYS A 30 30.40 -15.79 -24.75
CA LYS A 30 30.47 -17.05 -25.52
C LYS A 30 30.46 -18.27 -24.62
N SER A 31 30.93 -18.12 -23.38
CA SER A 31 30.78 -19.15 -22.35
C SER A 31 30.59 -18.49 -20.97
N VAL A 32 30.31 -19.33 -19.95
CA VAL A 32 30.00 -18.86 -18.61
C VAL A 32 31.28 -18.38 -17.96
N PRO A 33 31.29 -17.16 -17.40
CA PRO A 33 32.49 -16.70 -16.71
C PRO A 33 32.76 -17.48 -15.43
N HIS A 34 34.03 -17.70 -15.11
CA HIS A 34 34.39 -18.56 -13.98
C HIS A 34 34.49 -17.79 -12.65
N PHE A 35 35.01 -16.56 -12.69
CA PHE A 35 35.22 -15.70 -11.49
C PHE A 35 36.35 -16.25 -10.62
N SER A 36 37.37 -15.43 -10.31
CA SER A 36 38.52 -15.92 -9.51
C SER A 36 38.05 -16.33 -8.11
N ALA A 37 38.89 -17.13 -7.45
CA ALA A 37 38.62 -17.61 -6.08
C ALA A 37 38.51 -16.46 -5.05
N ALA A 38 39.10 -15.31 -5.39
CA ALA A 38 38.98 -14.10 -4.58
C ALA A 38 37.54 -13.60 -4.42
N ALA A 39 36.67 -13.91 -5.38
CA ALA A 39 35.26 -13.49 -5.32
C ALA A 39 34.47 -14.37 -4.34
N PRO A 40 33.54 -13.76 -3.56
CA PRO A 40 32.67 -14.54 -2.67
C PRO A 40 31.58 -15.29 -3.43
N ARG A 41 31.93 -16.43 -4.02
CA ARG A 41 31.02 -17.26 -4.81
C ARG A 41 29.84 -17.93 -4.04
N ASP A 42 29.76 -17.69 -2.73
CA ASP A 42 28.75 -18.30 -1.85
C ASP A 42 27.71 -17.32 -1.32
N ASN A 43 28.06 -16.04 -1.16
CA ASN A 43 27.05 -14.96 -1.13
C ASN A 43 26.20 -14.95 -2.44
N VAL A 44 26.60 -15.70 -3.48
CA VAL A 44 25.86 -15.82 -4.76
C VAL A 44 24.65 -16.78 -4.71
N THR A 45 23.45 -16.21 -4.56
CA THR A 45 22.18 -16.95 -4.46
C THR A 45 21.42 -17.05 -5.80
N SER A 46 21.74 -16.16 -6.74
CA SER A 46 21.09 -16.16 -8.05
C SER A 46 22.08 -15.72 -9.13
N LEU A 47 21.99 -16.32 -10.34
CA LEU A 47 22.91 -16.01 -11.43
C LEU A 47 22.17 -15.83 -12.75
N SER A 48 22.27 -14.64 -13.34
CA SER A 48 21.52 -14.32 -14.55
C SER A 48 22.44 -14.20 -15.74
N LEU A 49 22.17 -14.97 -16.79
CA LEU A 49 22.95 -14.96 -18.01
C LEU A 49 22.04 -14.74 -19.22
N LEU A 50 21.06 -13.83 -19.05
CA LEU A 50 20.03 -13.60 -20.07
C LEU A 50 20.62 -13.05 -21.39
N SER A 51 20.23 -13.66 -22.49
CA SER A 51 20.49 -13.12 -23.83
C SER A 51 21.98 -12.89 -24.17
N ASN A 52 22.85 -13.73 -23.62
CA ASN A 52 24.24 -13.83 -24.10
C ASN A 52 24.28 -14.80 -25.32
N ARG A 53 25.43 -15.34 -25.68
CA ARG A 53 25.53 -16.31 -26.80
C ARG A 53 26.36 -17.52 -26.41
N ILE A 54 26.00 -18.09 -25.25
CA ILE A 54 26.62 -19.28 -24.73
C ILE A 54 25.92 -20.47 -25.37
N HIS A 55 26.62 -21.15 -26.27
CA HIS A 55 26.10 -22.33 -26.98
C HIS A 55 26.59 -23.67 -26.40
N HIS A 56 27.61 -23.64 -25.53
CA HIS A 56 28.23 -24.85 -24.94
C HIS A 56 28.30 -24.73 -23.40
N LEU A 57 27.58 -25.63 -22.70
CA LEU A 57 27.55 -25.65 -21.23
C LEU A 57 28.35 -26.83 -20.67
N HIS A 58 29.22 -26.53 -19.70
CA HIS A 58 30.21 -27.48 -19.17
C HIS A 58 29.91 -27.90 -17.71
N ASP A 59 30.62 -28.94 -17.27
CA ASP A 59 30.54 -29.38 -15.87
C ASP A 59 31.10 -28.34 -14.89
N SER A 60 32.25 -27.75 -15.24
CA SER A 60 32.92 -26.76 -14.39
C SER A 60 32.22 -25.39 -14.31
N ASP A 61 31.28 -25.10 -15.23
CA ASP A 61 30.68 -23.76 -15.33
C ASP A 61 29.95 -23.29 -14.08
N PHE A 62 29.25 -24.18 -13.39
CA PHE A 62 28.54 -23.79 -12.17
C PHE A 62 29.03 -24.46 -10.90
N ALA A 63 30.10 -25.26 -11.01
CA ALA A 63 30.57 -26.09 -9.89
C ALA A 63 30.95 -25.27 -8.66
N GLN A 64 31.61 -24.15 -8.89
CA GLN A 64 32.13 -23.32 -7.79
C GLN A 64 31.09 -22.38 -7.16
N LEU A 65 29.81 -22.47 -7.55
CA LEU A 65 28.76 -21.57 -7.04
C LEU A 65 27.86 -22.35 -6.09
N SER A 66 28.46 -22.77 -4.98
CA SER A 66 27.93 -23.88 -4.18
C SER A 66 26.65 -23.57 -3.39
N ASN A 67 26.25 -22.31 -3.31
CA ASN A 67 24.94 -21.93 -2.75
C ASN A 67 23.93 -21.34 -3.78
N LEU A 68 24.09 -21.70 -5.05
CA LEU A 68 23.25 -21.18 -6.12
C LEU A 68 21.82 -21.77 -6.09
N GLN A 69 20.82 -20.89 -6.01
CA GLN A 69 19.41 -21.28 -5.97
C GLN A 69 18.68 -20.99 -7.30
N LYS A 70 19.05 -19.93 -8.03
CA LYS A 70 18.36 -19.56 -9.29
C LYS A 70 19.34 -19.33 -10.44
N LEU A 71 19.08 -19.98 -11.58
CA LEU A 71 19.94 -19.85 -12.76
C LEU A 71 19.08 -19.56 -13.98
N ASN A 72 19.29 -18.39 -14.59
CA ASN A 72 18.58 -17.98 -15.82
C ASN A 72 19.55 -18.03 -17.02
N LEU A 73 19.23 -18.89 -17.99
CA LEU A 73 20.07 -19.07 -19.18
C LEU A 73 19.27 -18.84 -20.47
N LYS A 74 18.28 -17.96 -20.36
CA LYS A 74 17.28 -17.73 -21.41
C LYS A 74 17.89 -16.99 -22.58
N TRP A 75 17.42 -17.32 -23.79
CA TRP A 75 17.76 -16.56 -25.02
C TRP A 75 19.23 -16.68 -25.45
N ASN A 76 19.95 -17.68 -24.95
CA ASN A 76 21.37 -17.81 -25.26
C ASN A 76 21.63 -18.48 -26.60
N CYS A 77 20.72 -19.34 -27.05
CA CYS A 77 20.96 -20.15 -28.25
C CYS A 77 19.64 -20.39 -28.96
N PRO A 78 19.03 -19.30 -29.47
CA PRO A 78 17.64 -19.38 -29.92
C PRO A 78 17.48 -20.21 -31.20
N PRO A 79 16.45 -21.09 -31.21
CA PRO A 79 16.06 -21.81 -32.43
C PRO A 79 15.87 -20.85 -33.58
N ALA A 80 16.04 -21.36 -34.80
CA ALA A 80 16.02 -20.54 -36.01
C ALA A 80 14.80 -19.64 -36.13
N GLY A 81 13.62 -20.16 -35.81
CA GLY A 81 12.39 -19.37 -35.88
C GLY A 81 12.31 -18.17 -34.94
N LEU A 82 13.05 -18.21 -33.84
CA LEU A 82 13.08 -17.13 -32.85
C LEU A 82 14.34 -16.26 -32.93
N SER A 83 15.36 -16.75 -33.61
CA SER A 83 16.52 -15.96 -33.96
C SER A 83 16.09 -14.77 -34.79
N PRO A 84 16.41 -13.54 -34.35
CA PRO A 84 16.04 -12.38 -35.16
C PRO A 84 16.40 -12.44 -36.65
N MET A 85 17.39 -13.25 -37.04
CA MET A 85 17.79 -13.39 -38.45
C MET A 85 17.77 -14.85 -38.89
N HIS A 86 16.90 -15.64 -38.30
CA HIS A 86 16.77 -17.09 -38.55
C HIS A 86 18.06 -17.92 -38.66
N PHE A 87 19.01 -17.63 -37.77
CA PHE A 87 20.22 -18.41 -37.60
C PHE A 87 19.97 -19.62 -36.70
N PRO A 88 20.28 -20.84 -37.18
CA PRO A 88 20.12 -21.99 -36.30
C PRO A 88 21.15 -22.02 -35.17
N CYS A 89 20.81 -22.73 -34.11
CA CYS A 89 21.65 -22.82 -32.93
C CYS A 89 21.28 -24.09 -32.17
N HIS A 90 22.26 -24.99 -31.97
CA HIS A 90 22.11 -26.11 -31.03
C HIS A 90 22.99 -25.86 -29.80
N MET A 91 22.48 -26.21 -28.63
CA MET A 91 23.18 -26.04 -27.35
C MET A 91 23.56 -27.42 -26.77
N THR A 92 24.86 -27.62 -26.54
CA THR A 92 25.37 -28.87 -25.96
C THR A 92 25.48 -28.67 -24.45
N ILE A 93 25.00 -29.65 -23.68
CA ILE A 93 25.12 -29.61 -22.22
C ILE A 93 25.88 -30.88 -21.79
N GLU A 94 26.96 -30.71 -21.03
CA GLU A 94 27.68 -31.85 -20.49
C GLU A 94 26.87 -32.50 -19.36
N PRO A 95 26.83 -33.84 -19.31
CA PRO A 95 25.80 -34.48 -18.48
C PRO A 95 25.75 -34.13 -16.98
N ASN A 96 26.83 -33.57 -16.42
CA ASN A 96 26.86 -33.20 -14.99
C ASN A 96 26.72 -31.69 -14.75
N THR A 97 26.38 -30.95 -15.81
CA THR A 97 26.33 -29.47 -15.79
C THR A 97 25.56 -28.90 -14.62
N PHE A 98 24.35 -29.42 -14.43
CA PHE A 98 23.42 -28.94 -13.41
C PHE A 98 23.47 -29.77 -12.14
N LEU A 99 23.94 -31.02 -12.25
CA LEU A 99 24.16 -31.89 -11.07
C LEU A 99 25.20 -31.29 -10.13
N ALA A 100 26.22 -30.63 -10.69
CA ALA A 100 27.23 -29.92 -9.90
C ALA A 100 26.70 -28.78 -9.03
N VAL A 101 25.45 -28.36 -9.25
CA VAL A 101 24.77 -27.40 -8.38
C VAL A 101 23.65 -28.09 -7.61
N PRO A 102 24.00 -28.80 -6.51
CA PRO A 102 22.98 -29.55 -5.76
C PRO A 102 21.94 -28.67 -5.04
N THR A 103 22.24 -27.39 -4.86
CA THR A 103 21.33 -26.42 -4.23
C THR A 103 20.36 -25.73 -5.20
N LEU A 104 20.46 -26.02 -6.50
CA LEU A 104 19.67 -25.33 -7.51
C LEU A 104 18.16 -25.56 -7.35
N GLU A 105 17.40 -24.46 -7.28
CA GLU A 105 15.93 -24.48 -7.09
C GLU A 105 15.09 -24.05 -8.31
N GLU A 106 15.55 -23.06 -9.09
CA GLU A 106 14.82 -22.61 -10.27
C GLU A 106 15.78 -22.49 -11.45
N LEU A 107 15.37 -23.00 -12.60
CA LEU A 107 16.20 -22.95 -13.81
C LEU A 107 15.37 -22.51 -15.01
N ASN A 108 15.94 -21.62 -15.81
CA ASN A 108 15.32 -21.13 -17.02
C ASN A 108 16.27 -21.46 -18.18
N LEU A 109 15.88 -22.45 -18.98
CA LEU A 109 16.63 -22.87 -20.18
C LEU A 109 15.81 -22.53 -21.43
N SER A 110 14.90 -21.56 -21.32
CA SER A 110 14.03 -21.18 -22.43
C SER A 110 14.76 -20.39 -23.52
N TYR A 111 14.16 -20.37 -24.72
CA TYR A 111 14.74 -19.74 -25.92
C TYR A 111 16.21 -20.22 -26.11
N ASN A 112 16.34 -21.54 -26.20
CA ASN A 112 17.62 -22.23 -26.37
C ASN A 112 17.40 -23.52 -27.18
N GLY A 113 18.20 -23.75 -28.22
CA GLY A 113 18.12 -24.97 -29.04
C GLY A 113 18.63 -26.25 -28.36
N ILE A 114 17.74 -26.91 -27.61
CA ILE A 114 18.00 -28.23 -27.03
C ILE A 114 16.82 -29.15 -27.34
N THR A 115 17.14 -30.42 -27.64
CA THR A 115 16.14 -31.42 -28.04
C THR A 115 15.89 -32.48 -26.96
N THR A 116 16.71 -32.53 -25.91
CA THR A 116 16.40 -33.35 -24.72
C THR A 116 16.67 -32.60 -23.44
N VAL A 117 15.95 -33.01 -22.38
CA VAL A 117 16.15 -32.49 -21.03
C VAL A 117 17.46 -33.04 -20.45
N PRO A 118 18.30 -32.17 -19.86
CA PRO A 118 19.49 -32.65 -19.17
C PRO A 118 19.24 -33.15 -17.74
N ALA A 119 20.22 -33.83 -17.19
CA ALA A 119 20.16 -34.33 -15.83
C ALA A 119 20.11 -33.13 -14.89
N LEU A 120 19.21 -33.20 -13.91
CA LEU A 120 18.93 -32.09 -13.01
C LEU A 120 18.91 -32.52 -11.54
N PRO A 121 19.42 -31.67 -10.64
CA PRO A 121 19.49 -32.07 -9.24
C PRO A 121 18.08 -32.21 -8.65
N SER A 122 17.91 -33.18 -7.76
CA SER A 122 16.63 -33.44 -7.11
C SER A 122 16.01 -32.21 -6.37
N SER A 123 16.88 -31.27 -5.97
CA SER A 123 16.47 -30.00 -5.33
C SER A 123 15.56 -29.07 -6.15
N LEU A 124 15.59 -29.21 -7.49
CA LEU A 124 14.87 -28.32 -8.40
C LEU A 124 13.36 -28.24 -8.13
N VAL A 125 12.91 -27.01 -7.80
CA VAL A 125 11.51 -26.65 -7.55
C VAL A 125 10.82 -26.09 -8.80
N SER A 126 11.59 -25.53 -9.74
CA SER A 126 11.02 -24.89 -10.95
C SER A 126 11.90 -25.10 -12.20
N LEU A 127 11.26 -25.53 -13.29
CA LEU A 127 11.96 -25.76 -14.56
C LEU A 127 11.16 -25.11 -15.67
N ILE A 128 11.81 -24.25 -16.45
CA ILE A 128 11.22 -23.58 -17.62
C ILE A 128 11.96 -24.05 -18.87
N LEU A 129 11.24 -24.74 -19.76
CA LEU A 129 11.81 -25.28 -21.01
C LEU A 129 11.13 -24.71 -22.25
N SER A 130 10.45 -23.57 -22.12
CA SER A 130 9.64 -23.01 -23.20
C SER A 130 10.51 -22.52 -24.38
N ARG A 131 9.93 -22.50 -25.58
CA ARG A 131 10.65 -22.13 -26.82
C ARG A 131 12.02 -22.82 -26.93
N THR A 132 12.03 -24.11 -26.64
CA THR A 132 13.16 -24.98 -26.91
C THR A 132 12.78 -25.88 -28.10
N ASN A 133 13.59 -26.88 -28.42
CA ASN A 133 13.24 -27.84 -29.47
C ASN A 133 12.94 -29.23 -28.89
N ILE A 134 12.52 -29.28 -27.63
CA ILE A 134 12.17 -30.53 -26.98
C ILE A 134 10.80 -30.94 -27.50
N LEU A 135 10.75 -32.06 -28.20
CA LEU A 135 9.53 -32.57 -28.85
C LEU A 135 8.88 -33.78 -28.14
N GLN A 136 9.46 -34.22 -27.03
CA GLN A 136 8.97 -35.43 -26.35
C GLN A 136 9.28 -35.38 -24.87
N LEU A 137 8.31 -35.81 -24.07
CA LEU A 137 8.49 -35.97 -22.63
C LEU A 137 8.00 -37.36 -22.21
N ASP A 138 8.91 -38.10 -21.58
CA ASP A 138 8.66 -39.44 -21.06
C ASP A 138 9.41 -39.55 -19.73
N PRO A 139 9.12 -40.59 -18.92
CA PRO A 139 9.59 -40.53 -17.53
C PRO A 139 11.11 -40.44 -17.34
N THR A 140 11.89 -40.91 -18.32
CA THR A 140 13.34 -40.80 -18.28
C THR A 140 13.85 -39.35 -18.36
N SER A 141 13.04 -38.44 -18.94
CA SER A 141 13.33 -36.99 -19.05
C SER A 141 13.58 -36.26 -17.72
N LEU A 142 12.70 -36.48 -16.75
CA LEU A 142 12.66 -35.71 -15.52
C LEU A 142 12.89 -36.61 -14.28
N THR A 143 13.89 -37.49 -14.38
CA THR A 143 14.17 -38.50 -13.37
C THR A 143 14.55 -37.86 -12.03
N GLY A 144 13.93 -38.32 -10.94
CA GLY A 144 14.27 -37.92 -9.58
C GLY A 144 14.06 -36.47 -9.18
N LEU A 145 13.03 -35.83 -9.73
CA LEU A 145 12.68 -34.45 -9.37
C LEU A 145 11.41 -34.44 -8.56
N HIS A 146 11.48 -35.06 -7.40
CA HIS A 146 10.32 -35.24 -6.54
C HIS A 146 9.90 -33.92 -5.82
N ALA A 147 10.81 -32.95 -5.74
CA ALA A 147 10.49 -31.63 -5.17
C ALA A 147 9.89 -30.64 -6.18
N LEU A 148 9.90 -30.99 -7.47
CA LEU A 148 9.48 -30.08 -8.56
C LEU A 148 7.99 -29.70 -8.47
N ARG A 149 7.73 -28.39 -8.39
CA ARG A 149 6.39 -27.85 -8.30
C ARG A 149 5.92 -27.10 -9.59
N PHE A 150 6.85 -26.58 -10.39
CA PHE A 150 6.57 -25.79 -11.62
C PHE A 150 7.27 -26.34 -12.86
N LEU A 151 6.48 -26.75 -13.87
CA LEU A 151 7.02 -27.07 -15.19
C LEU A 151 6.37 -26.21 -16.27
N TYR A 152 7.17 -25.37 -16.91
CA TYR A 152 6.69 -24.48 -17.97
C TYR A 152 7.36 -24.88 -19.28
N MET A 153 6.59 -25.40 -20.23
CA MET A 153 7.15 -25.73 -21.52
C MET A 153 6.22 -25.36 -22.68
N ASP A 154 6.10 -24.06 -22.87
CA ASP A 154 5.29 -23.52 -23.96
C ASP A 154 6.11 -23.33 -25.21
N GLY A 155 5.45 -23.37 -26.36
CA GLY A 155 6.04 -22.87 -27.61
C GLY A 155 7.15 -23.72 -28.21
N ASN A 156 7.03 -25.04 -28.06
CA ASN A 156 7.97 -25.97 -28.68
C ASN A 156 7.49 -26.50 -30.03
N CYS A 157 6.29 -26.13 -30.46
CA CYS A 157 5.85 -26.44 -31.83
C CYS A 157 4.69 -25.55 -32.28
N TYR A 158 5.03 -24.41 -32.86
CA TYR A 158 4.04 -23.43 -33.32
C TYR A 158 4.60 -22.58 -34.48
N TYR A 159 3.85 -21.59 -34.98
CA TYR A 159 4.29 -20.81 -36.16
C TYR A 159 5.73 -20.28 -36.10
N LYS A 160 6.16 -19.85 -34.92
CA LYS A 160 7.48 -19.27 -34.74
C LYS A 160 8.56 -20.30 -34.39
N ASN A 161 8.19 -21.55 -34.17
CA ASN A 161 9.16 -22.59 -33.76
C ASN A 161 8.61 -23.94 -34.22
N PRO A 162 8.46 -24.11 -35.55
CA PRO A 162 7.78 -25.30 -36.08
C PRO A 162 8.57 -26.59 -35.87
N CYS A 163 7.86 -27.71 -35.92
CA CYS A 163 8.43 -29.05 -35.76
C CYS A 163 7.90 -30.13 -36.75
N GLY A 164 6.68 -29.98 -37.23
CA GLY A 164 6.10 -30.87 -38.24
C GLY A 164 5.20 -31.96 -37.68
N ARG A 165 4.86 -31.85 -36.41
CA ARG A 165 4.09 -32.87 -35.70
C ARG A 165 3.57 -32.30 -34.38
N ALA A 166 2.87 -33.11 -33.60
CA ALA A 166 2.52 -32.72 -32.23
C ALA A 166 3.69 -33.04 -31.30
N LEU A 167 3.83 -32.25 -30.25
CA LEU A 167 4.66 -32.63 -29.10
C LEU A 167 4.07 -33.92 -28.50
N GLU A 168 4.93 -34.88 -28.14
CA GLU A 168 4.52 -36.20 -27.65
C GLU A 168 4.83 -36.38 -26.16
N VAL A 169 3.84 -36.08 -25.33
CA VAL A 169 3.89 -36.36 -23.90
C VAL A 169 3.29 -37.73 -23.72
N ALA A 170 4.13 -38.74 -23.47
CA ALA A 170 3.65 -40.11 -23.32
C ALA A 170 2.73 -40.27 -22.09
N PRO A 171 1.73 -41.18 -22.17
CA PRO A 171 0.83 -41.40 -21.01
C PRO A 171 1.58 -41.68 -19.70
N GLY A 172 1.22 -40.96 -18.63
CA GLY A 172 1.84 -41.14 -17.32
C GLY A 172 3.27 -40.62 -17.22
N ALA A 173 3.73 -39.86 -18.21
CA ALA A 173 5.14 -39.45 -18.27
C ALA A 173 5.59 -38.59 -17.09
N LEU A 174 4.68 -37.80 -16.55
CA LEU A 174 4.99 -36.88 -15.47
C LEU A 174 4.54 -37.39 -14.11
N LEU A 175 3.96 -38.60 -14.03
CA LEU A 175 3.43 -39.14 -12.75
C LEU A 175 4.46 -39.25 -11.63
N GLY A 176 5.72 -39.52 -12.00
CA GLY A 176 6.87 -39.45 -11.09
C GLY A 176 7.03 -38.17 -10.27
N LEU A 177 6.38 -37.09 -10.70
CA LEU A 177 6.43 -35.76 -10.06
C LEU A 177 5.26 -35.58 -9.08
N GLY A 178 5.46 -36.03 -7.84
CA GLY A 178 4.45 -35.99 -6.80
C GLY A 178 4.08 -34.61 -6.30
N ASN A 179 5.00 -33.65 -6.38
CA ASN A 179 4.76 -32.25 -5.92
C ASN A 179 4.27 -31.26 -7.02
N LEU A 180 4.18 -31.73 -8.27
CA LEU A 180 3.92 -30.84 -9.42
C LEU A 180 2.56 -30.13 -9.35
N THR A 181 2.57 -28.82 -9.08
CA THR A 181 1.35 -28.01 -9.03
C THR A 181 1.08 -27.20 -10.31
N HIS A 182 2.13 -26.76 -11.01
CA HIS A 182 1.99 -25.90 -12.19
C HIS A 182 2.55 -26.56 -13.46
N LEU A 183 1.68 -26.82 -14.43
CA LEU A 183 2.09 -27.31 -15.74
C LEU A 183 1.58 -26.40 -16.85
N SER A 184 2.42 -26.12 -17.83
CA SER A 184 2.02 -25.29 -18.98
C SER A 184 2.63 -25.85 -20.24
N LEU A 185 1.78 -26.08 -21.24
CA LEU A 185 2.19 -26.67 -22.51
C LEU A 185 1.43 -26.00 -23.65
N LYS A 186 1.48 -24.67 -23.65
CA LYS A 186 0.81 -23.85 -24.67
C LYS A 186 1.63 -23.86 -25.96
N TYR A 187 0.96 -23.64 -27.10
CA TYR A 187 1.62 -23.48 -28.41
C TYR A 187 2.54 -24.67 -28.72
N ASN A 188 2.03 -25.88 -28.50
CA ASN A 188 2.80 -27.10 -28.74
C ASN A 188 2.17 -28.02 -29.80
N ASN A 189 1.10 -27.56 -30.46
CA ASN A 189 0.46 -28.31 -31.55
C ASN A 189 -0.20 -29.59 -31.04
N LEU A 190 -0.63 -29.57 -29.78
CA LEU A 190 -1.32 -30.71 -29.19
C LEU A 190 -2.73 -30.81 -29.78
N THR A 191 -3.19 -32.05 -29.96
CA THR A 191 -4.55 -32.36 -30.39
C THR A 191 -5.39 -32.99 -29.28
N THR A 192 -4.74 -33.57 -28.27
CA THR A 192 -5.45 -34.16 -27.13
C THR A 192 -4.70 -33.78 -25.88
N VAL A 193 -5.41 -33.80 -24.75
CA VAL A 193 -4.78 -33.57 -23.44
C VAL A 193 -3.87 -34.78 -23.18
N PRO A 194 -2.68 -34.58 -22.58
CA PRO A 194 -1.84 -35.74 -22.21
C PRO A 194 -2.47 -36.66 -21.16
N ARG A 195 -2.37 -37.97 -21.38
CA ARG A 195 -3.02 -38.97 -20.50
C ARG A 195 -2.31 -39.06 -19.15
N SER A 196 -3.11 -39.09 -18.07
CA SER A 196 -2.60 -39.34 -16.71
C SER A 196 -1.52 -38.36 -16.26
N LEU A 197 -1.96 -37.15 -15.94
CA LEU A 197 -1.07 -36.14 -15.38
C LEU A 197 -1.19 -36.26 -13.86
N PRO A 198 -0.20 -35.74 -13.10
CA PRO A 198 -0.24 -35.90 -11.64
C PRO A 198 -1.50 -35.32 -11.01
N PRO A 199 -2.20 -36.11 -10.17
CA PRO A 199 -3.35 -35.60 -9.40
C PRO A 199 -3.05 -34.34 -8.57
N SER A 200 -1.78 -34.17 -8.19
CA SER A 200 -1.30 -32.94 -7.54
C SER A 200 -1.44 -31.62 -8.32
N LEU A 201 -1.71 -31.68 -9.64
CA LEU A 201 -1.82 -30.45 -10.45
C LEU A 201 -2.88 -29.48 -9.97
N GLU A 202 -2.48 -28.21 -9.81
CA GLU A 202 -3.38 -27.12 -9.44
C GLU A 202 -3.63 -26.13 -10.59
N TYR A 203 -2.60 -25.84 -11.41
CA TYR A 203 -2.74 -24.95 -12.58
C TYR A 203 -2.34 -25.75 -13.81
N LEU A 204 -3.28 -25.95 -14.73
CA LEU A 204 -3.01 -26.63 -16.01
C LEU A 204 -3.33 -25.73 -17.20
N LEU A 205 -2.29 -25.35 -17.95
CA LEU A 205 -2.41 -24.37 -19.04
C LEU A 205 -2.09 -25.00 -20.41
N LEU A 206 -3.12 -25.19 -21.23
CA LEU A 206 -2.98 -25.86 -22.53
C LEU A 206 -3.50 -25.02 -23.68
N SER A 207 -3.51 -23.69 -23.51
CA SER A 207 -4.05 -22.77 -24.52
C SER A 207 -3.21 -22.69 -25.80
N TYR A 208 -3.86 -22.31 -26.90
CA TYR A 208 -3.25 -22.21 -28.25
C TYR A 208 -2.58 -23.49 -28.74
N ASN A 209 -3.24 -24.61 -28.47
CA ASN A 209 -2.94 -25.88 -29.10
C ASN A 209 -4.07 -26.09 -30.13
N HIS A 210 -4.38 -27.33 -30.51
CA HIS A 210 -5.56 -27.62 -31.35
C HIS A 210 -6.37 -28.77 -30.73
N ILE A 211 -6.58 -28.66 -29.42
CA ILE A 211 -7.43 -29.58 -28.67
C ILE A 211 -8.86 -29.14 -28.90
N VAL A 212 -9.52 -29.79 -29.84
CA VAL A 212 -10.85 -29.38 -30.29
C VAL A 212 -12.01 -30.09 -29.56
N THR A 213 -11.77 -31.29 -29.00
CA THR A 213 -12.74 -32.04 -28.19
C THR A 213 -12.27 -32.13 -26.73
N LEU A 214 -13.21 -32.01 -25.80
CA LEU A 214 -12.95 -32.31 -24.40
C LEU A 214 -14.10 -33.15 -23.84
N ALA A 215 -13.79 -33.92 -22.80
CA ALA A 215 -14.76 -34.75 -22.06
C ALA A 215 -14.22 -34.97 -20.63
N PRO A 216 -15.02 -35.57 -19.73
CA PRO A 216 -14.44 -35.83 -18.39
C PRO A 216 -13.23 -36.79 -18.35
N GLU A 217 -13.10 -37.69 -19.34
CA GLU A 217 -11.91 -38.57 -19.47
C GLU A 217 -10.62 -37.76 -19.63
N ASP A 218 -10.69 -36.69 -20.42
CA ASP A 218 -9.54 -35.84 -20.72
C ASP A 218 -8.94 -35.12 -19.47
N LEU A 219 -9.73 -34.94 -18.42
CA LEU A 219 -9.28 -34.34 -17.16
C LEU A 219 -9.41 -35.33 -15.98
N ALA A 220 -9.13 -36.61 -16.23
CA ALA A 220 -9.35 -37.66 -15.24
C ALA A 220 -8.41 -37.49 -14.07
N ASN A 221 -8.95 -37.60 -12.85
CA ASN A 221 -8.18 -37.57 -11.60
C ASN A 221 -7.52 -36.25 -11.28
N LEU A 222 -7.98 -35.15 -11.87
CA LEU A 222 -7.32 -33.86 -11.65
C LEU A 222 -8.23 -33.02 -10.79
N THR A 223 -8.62 -33.56 -9.64
CA THR A 223 -9.56 -32.90 -8.75
C THR A 223 -8.92 -31.75 -7.95
N ALA A 224 -7.59 -31.65 -7.95
CA ALA A 224 -6.92 -30.53 -7.26
C ALA A 224 -6.89 -29.21 -8.04
N LEU A 225 -7.31 -29.24 -9.31
CA LEU A 225 -7.23 -28.09 -10.23
C LEU A 225 -7.93 -26.87 -9.69
N ARG A 226 -7.15 -25.81 -9.51
CA ARG A 226 -7.66 -24.51 -9.15
C ARG A 226 -7.79 -23.59 -10.39
N VAL A 227 -6.94 -23.77 -11.40
CA VAL A 227 -7.03 -23.02 -12.66
C VAL A 227 -6.85 -23.97 -13.86
N LEU A 228 -7.71 -23.82 -14.86
CA LEU A 228 -7.60 -24.56 -16.10
C LEU A 228 -7.78 -23.60 -17.28
N ASP A 229 -6.72 -23.41 -18.06
CA ASP A 229 -6.74 -22.64 -19.32
C ASP A 229 -6.78 -23.61 -20.51
N VAL A 230 -7.88 -23.53 -21.27
CA VAL A 230 -8.02 -24.28 -22.53
C VAL A 230 -8.43 -23.38 -23.71
N GLY A 231 -8.21 -22.07 -23.58
CA GLY A 231 -8.59 -21.12 -24.62
C GLY A 231 -7.72 -21.20 -25.88
N GLY A 232 -8.21 -20.63 -26.97
CA GLY A 232 -7.42 -20.54 -28.19
C GLY A 232 -7.19 -21.84 -28.94
N ASN A 233 -7.90 -22.91 -28.58
CA ASN A 233 -7.81 -24.18 -29.32
C ASN A 233 -8.72 -24.27 -30.54
N CYS A 234 -9.76 -23.43 -30.58
CA CYS A 234 -10.65 -23.32 -31.73
C CYS A 234 -10.96 -21.84 -31.98
N ARG A 235 -10.09 -21.21 -32.74
CA ARG A 235 -10.01 -19.76 -32.80
C ARG A 235 -10.91 -19.15 -33.87
N ARG A 236 -11.28 -17.88 -33.61
CA ARG A 236 -11.88 -17.02 -34.63
C ARG A 236 -10.76 -16.17 -35.19
N CYS A 237 -10.36 -16.46 -36.43
CA CYS A 237 -9.22 -15.78 -37.04
C CYS A 237 -9.52 -14.38 -37.52
N ASP A 238 -10.79 -14.02 -37.65
CA ASP A 238 -11.18 -12.62 -37.94
C ASP A 238 -10.71 -11.61 -36.88
N HIS A 239 -10.47 -12.11 -35.66
CA HIS A 239 -9.89 -11.31 -34.59
C HIS A 239 -8.38 -11.58 -34.34
N ALA A 240 -7.78 -12.53 -35.06
CA ALA A 240 -6.37 -12.88 -34.84
C ALA A 240 -5.42 -11.81 -35.34
N ARG A 241 -4.46 -11.44 -34.49
CA ARG A 241 -3.33 -10.60 -34.87
C ARG A 241 -2.14 -11.41 -35.37
N ASN A 242 -2.05 -12.69 -34.98
CA ASN A 242 -0.92 -13.56 -35.35
C ASN A 242 -1.40 -14.60 -36.37
N PRO A 243 -0.50 -15.47 -36.86
CA PRO A 243 -0.98 -16.57 -37.72
C PRO A 243 -1.96 -17.49 -36.98
N CYS A 244 -2.94 -18.00 -37.70
CA CYS A 244 -4.14 -18.59 -37.09
C CYS A 244 -4.80 -19.61 -38.00
N VAL A 245 -5.23 -20.73 -37.44
CA VAL A 245 -6.04 -21.68 -38.20
C VAL A 245 -7.48 -21.56 -37.72
N GLU A 246 -8.41 -21.43 -38.66
CA GLU A 246 -9.80 -21.24 -38.28
C GLU A 246 -10.33 -22.55 -37.73
N CYS A 247 -11.17 -22.43 -36.71
CA CYS A 247 -11.84 -23.54 -36.04
C CYS A 247 -12.72 -24.29 -37.04
N PRO A 248 -12.55 -25.64 -37.20
CA PRO A 248 -13.40 -26.41 -38.17
C PRO A 248 -14.91 -26.36 -37.87
N HIS A 249 -15.77 -26.65 -38.85
CA HIS A 249 -17.22 -26.64 -38.58
C HIS A 249 -17.60 -27.89 -37.77
N LYS A 250 -18.62 -27.72 -36.91
CA LYS A 250 -19.07 -28.71 -35.93
C LYS A 250 -18.06 -28.92 -34.78
N PHE A 251 -17.36 -27.84 -34.46
CA PHE A 251 -16.39 -27.82 -33.36
C PHE A 251 -16.43 -26.46 -32.66
N PRO A 252 -15.98 -26.37 -31.42
CA PRO A 252 -15.49 -27.49 -30.61
C PRO A 252 -16.60 -28.29 -29.96
N GLN A 253 -16.28 -29.52 -29.54
CA GLN A 253 -17.20 -30.37 -28.80
C GLN A 253 -16.75 -30.49 -27.34
N LEU A 254 -17.39 -29.75 -26.45
CA LEU A 254 -17.17 -29.85 -25.02
C LEU A 254 -18.36 -30.58 -24.41
N HIS A 255 -18.13 -31.80 -23.94
CA HIS A 255 -19.17 -32.60 -23.27
C HIS A 255 -19.63 -31.87 -22.00
N SER A 256 -20.92 -31.99 -21.68
CA SER A 256 -21.59 -31.27 -20.60
C SER A 256 -20.89 -31.30 -19.24
N ASP A 257 -20.47 -32.50 -18.86
CA ASP A 257 -19.98 -32.79 -17.51
C ASP A 257 -18.46 -32.80 -17.49
N THR A 258 -17.84 -32.09 -18.43
CA THR A 258 -16.39 -32.08 -18.55
C THR A 258 -15.73 -31.52 -17.30
N PHE A 259 -16.34 -30.48 -16.74
CA PHE A 259 -15.78 -29.79 -15.56
C PHE A 259 -16.48 -30.17 -14.26
N SER A 260 -17.30 -31.23 -14.29
CA SER A 260 -18.18 -31.61 -13.15
C SER A 260 -17.42 -32.06 -11.90
N HIS A 261 -16.31 -32.75 -12.09
CA HIS A 261 -15.48 -33.23 -10.99
C HIS A 261 -14.38 -32.25 -10.57
N LEU A 262 -14.57 -30.95 -10.80
CA LEU A 262 -13.55 -29.93 -10.46
C LEU A 262 -14.12 -28.93 -9.44
N SER A 263 -14.50 -29.44 -8.27
CA SER A 263 -15.09 -28.60 -7.22
C SER A 263 -14.18 -27.49 -6.71
N ARG A 264 -12.86 -27.69 -6.78
CA ARG A 264 -11.91 -26.67 -6.30
C ARG A 264 -11.51 -25.61 -7.35
N LEU A 265 -12.09 -25.67 -8.55
CA LEU A 265 -11.69 -24.77 -9.64
C LEU A 265 -12.07 -23.30 -9.40
N GLU A 266 -11.05 -22.45 -9.34
CA GLU A 266 -11.17 -21.01 -9.10
C GLU A 266 -11.22 -20.23 -10.42
N GLY A 267 -10.43 -20.68 -11.40
CA GLY A 267 -10.25 -19.99 -12.68
C GLY A 267 -10.43 -20.87 -13.91
N LEU A 268 -11.38 -20.50 -14.77
CA LEU A 268 -11.62 -21.21 -16.03
C LEU A 268 -11.49 -20.27 -17.23
N VAL A 269 -10.45 -20.49 -18.03
CA VAL A 269 -10.24 -19.71 -19.24
C VAL A 269 -10.78 -20.49 -20.43
N LEU A 270 -11.81 -19.96 -21.09
CA LEU A 270 -12.43 -20.55 -22.29
C LEU A 270 -12.40 -19.56 -23.46
N LYS A 271 -11.40 -18.69 -23.48
CA LYS A 271 -11.37 -17.64 -24.48
C LYS A 271 -11.04 -18.20 -25.85
N ASP A 272 -11.58 -17.54 -26.87
CA ASP A 272 -11.19 -17.80 -28.26
C ASP A 272 -11.42 -19.27 -28.62
N SER A 273 -12.59 -19.74 -28.25
CA SER A 273 -12.98 -21.13 -28.44
C SER A 273 -14.19 -21.26 -29.38
N SER A 274 -14.54 -20.20 -30.11
CA SER A 274 -15.63 -20.20 -31.10
C SER A 274 -17.00 -20.66 -30.55
N LEU A 275 -17.29 -20.28 -29.31
CA LEU A 275 -18.52 -20.68 -28.63
C LEU A 275 -19.68 -19.78 -29.03
N TYR A 276 -20.74 -20.40 -29.58
CA TYR A 276 -22.02 -19.71 -29.87
C TYR A 276 -23.06 -19.88 -28.77
N GLN A 277 -22.84 -20.80 -27.83
CA GLN A 277 -23.80 -21.10 -26.77
C GLN A 277 -23.15 -21.64 -25.52
N LEU A 278 -23.52 -21.09 -24.38
CA LEU A 278 -22.99 -21.60 -23.11
C LEU A 278 -23.90 -22.74 -22.64
N ASN A 279 -23.33 -23.94 -22.50
CA ASN A 279 -24.03 -25.07 -21.88
C ASN A 279 -23.97 -24.91 -20.34
N PRO A 280 -25.14 -24.75 -19.67
CA PRO A 280 -25.09 -24.48 -18.23
C PRO A 280 -24.52 -25.64 -17.43
N ARG A 281 -24.57 -26.84 -18.00
CA ARG A 281 -24.01 -28.01 -17.33
C ARG A 281 -22.49 -27.92 -17.18
N TRP A 282 -21.82 -27.17 -18.05
CA TRP A 282 -20.39 -26.85 -17.86
C TRP A 282 -20.08 -26.23 -16.51
N PHE A 283 -20.97 -25.35 -16.04
CA PHE A 283 -20.75 -24.62 -14.77
C PHE A 283 -21.41 -25.23 -13.53
N ARG A 284 -22.02 -26.41 -13.66
CA ARG A 284 -22.49 -27.16 -12.49
C ARG A 284 -21.31 -27.73 -11.72
N GLY A 285 -21.37 -27.63 -10.40
CA GLY A 285 -20.28 -28.06 -9.53
C GLY A 285 -19.10 -27.11 -9.51
N LEU A 286 -19.28 -25.88 -10.00
CA LEU A 286 -18.23 -24.85 -10.01
C LEU A 286 -18.69 -23.68 -9.15
N GLY A 287 -19.04 -24.00 -7.90
CA GLY A 287 -19.52 -23.00 -6.96
C GLY A 287 -18.42 -22.23 -6.30
N ASN A 288 -17.18 -22.71 -6.44
CA ASN A 288 -15.99 -22.05 -5.92
C ASN A 288 -15.24 -21.24 -7.03
N LEU A 289 -15.90 -21.02 -8.17
CA LEU A 289 -15.32 -20.31 -9.31
C LEU A 289 -15.29 -18.80 -9.09
N THR A 290 -14.10 -18.21 -9.13
CA THR A 290 -13.87 -16.77 -8.94
C THR A 290 -13.50 -15.99 -10.22
N VAL A 291 -12.97 -16.66 -11.24
CA VAL A 291 -12.58 -15.98 -12.49
C VAL A 291 -12.97 -16.83 -13.71
N LEU A 292 -13.67 -16.21 -14.65
CA LEU A 292 -14.17 -16.89 -15.84
C LEU A 292 -13.89 -16.03 -17.05
N ASP A 293 -13.00 -16.48 -17.92
CA ASP A 293 -12.67 -15.75 -19.16
C ASP A 293 -13.33 -16.37 -20.40
N LEU A 294 -14.29 -15.64 -20.97
CA LEU A 294 -15.04 -16.07 -22.15
C LEU A 294 -14.80 -15.17 -23.36
N SER A 295 -13.62 -14.54 -23.43
CA SER A 295 -13.38 -13.53 -24.46
C SER A 295 -13.23 -14.15 -25.87
N GLU A 296 -13.46 -13.33 -26.89
CA GLU A 296 -13.24 -13.68 -28.31
C GLU A 296 -14.04 -14.88 -28.76
N ASN A 297 -15.24 -15.03 -28.20
CA ASN A 297 -16.17 -16.09 -28.60
C ASN A 297 -17.32 -15.43 -29.35
N PHE A 298 -18.40 -16.17 -29.63
CA PHE A 298 -19.55 -15.61 -30.34
C PHE A 298 -20.78 -15.59 -29.44
N LEU A 299 -20.61 -15.15 -28.19
CA LEU A 299 -21.70 -15.17 -27.19
C LEU A 299 -22.57 -13.89 -27.12
N TYR A 300 -22.63 -13.14 -28.22
CA TYR A 300 -23.38 -11.87 -28.27
C TYR A 300 -24.88 -12.05 -28.02
N ASP A 301 -25.46 -13.12 -28.57
CA ASP A 301 -26.84 -13.43 -28.26
C ASP A 301 -26.99 -14.08 -26.89
N CYS A 302 -26.10 -15.02 -26.58
CA CYS A 302 -26.22 -15.83 -25.36
C CYS A 302 -26.20 -14.98 -24.06
N ILE A 303 -25.47 -13.86 -24.06
CA ILE A 303 -25.42 -12.97 -22.88
C ILE A 303 -26.66 -12.07 -22.65
N THR A 304 -27.61 -12.06 -23.61
CA THR A 304 -28.90 -11.43 -23.41
C THR A 304 -29.94 -12.40 -22.83
N LYS A 305 -29.66 -13.71 -22.87
CA LYS A 305 -30.66 -14.78 -22.57
C LYS A 305 -30.27 -15.74 -21.44
N THR A 306 -29.06 -16.29 -21.51
CA THR A 306 -28.62 -17.44 -20.73
C THR A 306 -28.95 -17.36 -19.23
N LYS A 307 -29.00 -18.53 -18.59
CA LYS A 307 -29.11 -18.63 -17.15
C LYS A 307 -27.93 -19.41 -16.57
N ALA A 308 -26.87 -19.55 -17.36
CA ALA A 308 -25.71 -20.32 -16.95
C ALA A 308 -24.87 -19.61 -15.89
N PHE A 309 -25.10 -18.31 -15.66
CA PHE A 309 -24.40 -17.60 -14.58
C PHE A 309 -25.10 -17.73 -13.23
N GLN A 310 -26.32 -18.28 -13.21
CA GLN A 310 -27.17 -18.31 -12.00
C GLN A 310 -26.49 -18.99 -10.81
N GLY A 311 -25.74 -20.07 -11.06
CA GLY A 311 -25.05 -20.81 -10.01
C GLY A 311 -23.77 -20.21 -9.45
N LEU A 312 -23.20 -19.21 -10.13
CA LEU A 312 -21.83 -18.75 -9.85
C LEU A 312 -21.78 -17.65 -8.78
N ALA A 313 -22.13 -18.04 -7.56
CA ALA A 313 -22.29 -17.14 -6.42
C ALA A 313 -20.98 -16.45 -6.03
N GLN A 314 -19.87 -17.19 -6.08
CA GLN A 314 -18.55 -16.66 -5.69
C GLN A 314 -17.75 -15.92 -6.80
N LEU A 315 -18.30 -15.80 -8.01
CA LEU A 315 -17.57 -15.23 -9.18
C LEU A 315 -17.22 -13.75 -9.04
N ARG A 316 -15.94 -13.42 -9.23
CA ARG A 316 -15.42 -12.05 -9.10
C ARG A 316 -15.10 -11.35 -10.44
N ARG A 317 -14.50 -12.05 -11.39
CA ARG A 317 -14.10 -11.45 -12.65
C ARG A 317 -14.74 -12.21 -13.81
N LEU A 318 -15.44 -11.50 -14.67
CA LEU A 318 -16.05 -12.08 -15.86
C LEU A 318 -15.59 -11.32 -17.08
N ASN A 319 -14.87 -11.98 -17.97
CA ASN A 319 -14.42 -11.36 -19.21
C ASN A 319 -15.27 -11.84 -20.40
N LEU A 320 -16.09 -10.93 -20.93
CA LEU A 320 -16.90 -11.19 -22.13
C LEU A 320 -16.43 -10.39 -23.37
N SER A 321 -15.19 -9.90 -23.35
CA SER A 321 -14.74 -8.93 -24.35
C SER A 321 -14.57 -9.57 -25.71
N PHE A 322 -14.84 -8.80 -26.77
CA PHE A 322 -14.75 -9.28 -28.15
C PHE A 322 -15.64 -10.49 -28.46
N ASN A 323 -16.82 -10.50 -27.83
CA ASN A 323 -17.92 -11.40 -28.19
C ASN A 323 -18.78 -10.61 -29.16
N TYR A 324 -18.21 -10.36 -30.32
CA TYR A 324 -18.82 -9.47 -31.31
C TYR A 324 -19.24 -10.30 -32.51
N HIS A 325 -20.37 -9.91 -33.08
CA HIS A 325 -20.88 -10.53 -34.29
C HIS A 325 -20.11 -9.98 -35.49
N LYS A 326 -19.55 -10.87 -36.30
CA LYS A 326 -18.88 -10.50 -37.54
C LYS A 326 -19.61 -9.44 -38.35
N LYS A 327 -18.85 -8.42 -38.74
CA LYS A 327 -19.31 -7.34 -39.61
C LYS A 327 -20.45 -6.47 -39.08
N VAL A 328 -20.87 -6.62 -37.82
CA VAL A 328 -21.99 -5.82 -37.29
C VAL A 328 -21.74 -5.28 -35.88
N SER A 329 -22.34 -4.11 -35.63
CA SER A 329 -22.62 -3.63 -34.29
C SER A 329 -24.14 -3.67 -34.11
N PHE A 330 -24.56 -3.95 -32.87
CA PHE A 330 -25.96 -4.03 -32.54
C PHE A 330 -26.46 -2.66 -32.23
N ALA A 331 -27.72 -2.40 -32.53
CA ALA A 331 -28.36 -1.16 -32.12
C ALA A 331 -28.56 -1.13 -30.60
N HIS A 332 -28.87 -2.28 -30.01
CA HIS A 332 -29.18 -2.40 -28.58
C HIS A 332 -28.56 -3.69 -28.02
N LEU A 333 -28.23 -3.67 -26.75
CA LEU A 333 -27.81 -4.88 -26.06
C LEU A 333 -28.46 -4.80 -24.70
N THR A 334 -29.12 -5.87 -24.28
CA THR A 334 -29.73 -5.95 -22.95
C THR A 334 -29.17 -7.22 -22.29
N LEU A 335 -28.53 -7.06 -21.13
CA LEU A 335 -27.94 -8.20 -20.45
C LEU A 335 -29.05 -9.05 -19.83
N ALA A 336 -28.77 -10.35 -19.72
CA ALA A 336 -29.68 -11.34 -19.15
C ALA A 336 -30.05 -11.04 -17.67
N PRO A 337 -31.29 -11.36 -17.27
CA PRO A 337 -31.66 -11.33 -15.84
C PRO A 337 -30.71 -12.11 -14.91
N SER A 338 -30.17 -13.24 -15.37
CA SER A 338 -29.27 -14.08 -14.56
C SER A 338 -27.93 -13.45 -14.12
N PHE A 339 -27.52 -12.36 -14.77
CA PHE A 339 -26.39 -11.56 -14.29
C PHE A 339 -26.62 -11.05 -12.87
N GLY A 340 -27.89 -10.76 -12.55
CA GLY A 340 -28.29 -10.29 -11.22
C GLY A 340 -28.02 -11.21 -10.02
N SER A 341 -27.67 -12.47 -10.29
CA SER A 341 -27.30 -13.40 -9.24
C SER A 341 -25.80 -13.59 -9.08
N LEU A 342 -25.00 -12.68 -9.62
CA LEU A 342 -23.54 -12.70 -9.44
C LEU A 342 -23.15 -11.73 -8.32
N LEU A 343 -23.56 -12.04 -7.09
CA LEU A 343 -23.40 -11.11 -5.97
C LEU A 343 -21.97 -10.83 -5.53
N SER A 344 -21.03 -11.68 -5.94
CA SER A 344 -19.61 -11.46 -5.66
C SER A 344 -18.90 -10.58 -6.70
N LEU A 345 -19.58 -10.32 -7.84
CA LEU A 345 -18.91 -9.75 -9.01
C LEU A 345 -18.27 -8.39 -8.74
N GLN A 346 -16.95 -8.30 -8.98
CA GLN A 346 -16.16 -7.07 -8.85
C GLN A 346 -15.76 -6.40 -10.16
N GLU A 347 -15.61 -7.19 -11.23
CA GLU A 347 -14.96 -6.75 -12.48
C GLU A 347 -15.72 -7.39 -13.65
N LEU A 348 -16.29 -6.57 -14.53
CA LEU A 348 -16.98 -7.05 -15.72
C LEU A 348 -16.46 -6.36 -16.97
N ASP A 349 -15.93 -7.16 -17.89
CA ASP A 349 -15.36 -6.67 -19.15
C ASP A 349 -16.25 -6.98 -20.37
N MET A 350 -16.89 -5.94 -20.90
CA MET A 350 -17.73 -6.00 -22.09
C MET A 350 -17.18 -5.16 -23.25
N HIS A 351 -15.87 -4.95 -23.29
CA HIS A 351 -15.26 -4.13 -24.33
C HIS A 351 -15.16 -4.94 -25.63
N GLY A 352 -15.43 -4.28 -26.74
CA GLY A 352 -15.31 -4.90 -28.06
C GLY A 352 -16.43 -5.82 -28.46
N ILE A 353 -17.62 -5.64 -27.90
CA ILE A 353 -18.80 -6.40 -28.33
C ILE A 353 -19.47 -5.72 -29.53
N PHE A 354 -19.37 -4.40 -29.56
CA PHE A 354 -19.92 -3.56 -30.63
C PHE A 354 -21.44 -3.45 -30.53
N PHE A 355 -21.88 -2.39 -29.84
CA PHE A 355 -23.30 -2.03 -29.73
C PHE A 355 -23.46 -0.52 -29.57
N ARG A 356 -24.47 0.04 -30.23
CA ARG A 356 -24.53 1.50 -30.47
C ARG A 356 -25.18 2.33 -29.35
N SER A 357 -25.87 1.67 -28.43
CA SER A 357 -26.68 2.37 -27.43
C SER A 357 -26.41 1.85 -26.03
N LEU A 358 -26.26 2.76 -25.08
CA LEU A 358 -26.12 2.43 -23.66
C LEU A 358 -27.22 3.15 -22.85
N SER A 359 -28.21 2.37 -22.38
CA SER A 359 -29.40 2.87 -21.69
C SER A 359 -29.60 2.15 -20.36
N GLN A 360 -30.64 2.56 -19.62
CA GLN A 360 -31.02 1.90 -18.36
C GLN A 360 -31.15 0.38 -18.56
N LYS A 361 -31.80 -0.04 -19.63
CA LYS A 361 -32.07 -1.47 -19.87
C LYS A 361 -30.80 -2.32 -20.04
N THR A 362 -29.73 -1.71 -20.61
CA THR A 362 -28.51 -2.44 -20.96
C THR A 362 -27.86 -3.13 -19.78
N LEU A 363 -27.76 -2.41 -18.67
CA LEU A 363 -27.07 -2.91 -17.49
C LEU A 363 -27.98 -3.09 -16.25
N GLN A 364 -29.32 -3.07 -16.43
CA GLN A 364 -30.29 -3.20 -15.33
C GLN A 364 -29.92 -4.31 -14.30
N PRO A 365 -29.64 -5.55 -14.76
CA PRO A 365 -29.30 -6.62 -13.82
C PRO A 365 -28.09 -6.38 -12.90
N LEU A 366 -27.15 -5.55 -13.34
CA LEU A 366 -25.97 -5.24 -12.55
C LEU A 366 -26.23 -4.17 -11.48
N ALA A 367 -27.29 -3.40 -11.64
CA ALA A 367 -27.58 -2.22 -10.80
C ALA A 367 -27.66 -2.48 -9.28
N ARG A 368 -28.03 -3.69 -8.90
CA ARG A 368 -27.97 -4.10 -7.50
C ARG A 368 -27.06 -5.31 -7.38
N LEU A 369 -25.77 -5.04 -7.48
CA LEU A 369 -24.72 -5.98 -7.08
C LEU A 369 -23.83 -5.17 -6.17
N PRO A 370 -23.71 -5.57 -4.89
CA PRO A 370 -22.98 -4.73 -3.94
C PRO A 370 -21.46 -4.56 -4.22
N MET A 371 -20.79 -5.61 -4.71
CA MET A 371 -19.34 -5.59 -4.90
C MET A 371 -18.84 -5.11 -6.28
N LEU A 372 -19.73 -4.74 -7.21
CA LEU A 372 -19.30 -4.35 -8.57
C LEU A 372 -18.57 -3.01 -8.61
N GLN A 373 -17.27 -3.06 -8.91
CA GLN A 373 -16.38 -1.93 -8.79
C GLN A 373 -15.82 -1.42 -10.11
N ARG A 374 -15.53 -2.30 -11.06
CA ARG A 374 -14.87 -1.92 -12.29
C ARG A 374 -15.66 -2.42 -13.49
N LEU A 375 -15.94 -1.53 -14.43
CA LEU A 375 -16.80 -1.84 -15.57
C LEU A 375 -16.17 -1.36 -16.87
N TYR A 376 -15.82 -2.30 -17.74
CA TYR A 376 -15.14 -2.01 -18.99
C TYR A 376 -16.08 -2.05 -20.19
N LEU A 377 -16.36 -0.89 -20.78
CA LEU A 377 -17.27 -0.76 -21.91
C LEU A 377 -16.60 -0.07 -23.15
N GLN A 378 -15.27 -0.11 -23.23
CA GLN A 378 -14.57 0.60 -24.29
C GLN A 378 -14.68 -0.15 -25.63
N MET A 379 -14.39 0.54 -26.74
CA MET A 379 -14.33 -0.06 -28.06
C MET A 379 -15.60 -0.76 -28.48
N ASN A 380 -16.74 -0.13 -28.24
CA ASN A 380 -18.05 -0.73 -28.53
C ASN A 380 -18.84 0.03 -29.60
N PHE A 381 -18.22 1.00 -30.26
CA PHE A 381 -18.91 1.89 -31.21
C PHE A 381 -20.20 2.49 -30.64
N ILE A 382 -20.22 2.78 -29.34
CA ILE A 382 -21.41 3.35 -28.69
C ILE A 382 -21.51 4.80 -29.11
N ASN A 383 -22.66 5.21 -29.66
CA ASN A 383 -22.88 6.64 -30.01
C ASN A 383 -23.93 7.37 -29.18
N GLN A 384 -24.72 6.64 -28.38
CA GLN A 384 -25.67 7.24 -27.46
C GLN A 384 -25.48 6.59 -26.11
N ALA A 385 -25.27 7.41 -25.09
CA ALA A 385 -25.02 6.88 -23.75
C ALA A 385 -25.71 7.72 -22.71
N GLN A 386 -26.66 7.13 -21.99
CA GLN A 386 -27.23 7.76 -20.82
C GLN A 386 -26.29 7.47 -19.66
N LEU A 387 -25.42 8.43 -19.36
CA LEU A 387 -24.46 8.27 -18.26
C LEU A 387 -25.11 8.27 -16.87
N GLY A 388 -26.33 8.79 -16.77
CA GLY A 388 -27.12 8.78 -15.54
C GLY A 388 -27.48 7.41 -14.97
N ILE A 389 -27.37 6.35 -15.76
CA ILE A 389 -27.60 4.99 -15.25
C ILE A 389 -26.64 4.56 -14.13
N PHE A 390 -25.45 5.15 -14.11
CA PHE A 390 -24.44 4.80 -13.10
C PHE A 390 -24.71 5.38 -11.72
N LYS A 391 -25.62 6.34 -11.58
CA LYS A 391 -25.94 6.93 -10.26
C LYS A 391 -26.22 5.89 -9.17
N ASP A 392 -27.17 4.99 -9.47
CA ASP A 392 -27.68 4.02 -8.51
C ASP A 392 -26.77 2.81 -8.25
N PHE A 393 -25.68 2.67 -9.02
CA PHE A 393 -24.72 1.57 -8.79
C PHE A 393 -23.99 1.76 -7.46
N PRO A 394 -24.16 0.82 -6.51
CA PRO A 394 -23.73 1.08 -5.13
C PRO A 394 -22.22 1.24 -4.96
N GLY A 395 -21.42 0.29 -5.48
CA GLY A 395 -19.99 0.24 -5.21
C GLY A 395 -19.03 0.52 -6.36
N LEU A 396 -19.52 1.20 -7.40
CA LEU A 396 -18.71 1.47 -8.58
C LEU A 396 -17.55 2.43 -8.31
N ARG A 397 -16.36 2.02 -8.78
CA ARG A 397 -15.15 2.78 -8.68
C ARG A 397 -14.55 3.20 -10.02
N TYR A 398 -14.88 2.49 -11.10
CA TYR A 398 -14.23 2.70 -12.38
C TYR A 398 -15.10 2.29 -13.57
N ILE A 399 -15.25 3.21 -14.53
CA ILE A 399 -15.99 2.93 -15.76
C ILE A 399 -15.06 3.30 -16.90
N ASP A 400 -14.71 2.34 -17.74
CA ASP A 400 -14.00 2.67 -18.97
C ASP A 400 -14.99 2.70 -20.13
N LEU A 401 -15.29 3.91 -20.62
CA LEU A 401 -16.10 4.13 -21.82
C LEU A 401 -15.26 4.79 -22.93
N SER A 402 -13.94 4.57 -22.90
CA SER A 402 -13.04 5.15 -23.90
C SER A 402 -13.22 4.47 -25.27
N ASP A 403 -12.77 5.11 -26.35
CA ASP A 403 -12.79 4.54 -27.73
C ASP A 403 -14.22 4.14 -28.14
N ASN A 404 -15.12 5.09 -28.02
CA ASN A 404 -16.51 4.92 -28.38
C ASN A 404 -16.84 6.16 -29.22
N ARG A 405 -18.08 6.25 -29.71
CA ARG A 405 -18.50 7.39 -30.53
C ARG A 405 -19.53 8.26 -29.80
N ILE A 406 -19.42 8.33 -28.48
CA ILE A 406 -20.29 9.19 -27.66
C ILE A 406 -19.91 10.63 -27.92
N SER A 407 -20.90 11.48 -28.11
CA SER A 407 -20.69 12.88 -28.47
C SER A 407 -21.50 13.92 -27.67
N GLY A 408 -22.25 13.49 -26.66
CA GLY A 408 -23.08 14.41 -25.88
C GLY A 408 -24.04 13.71 -24.96
N ALA A 409 -25.05 14.44 -24.51
CA ALA A 409 -26.21 13.87 -23.83
C ALA A 409 -27.19 13.30 -24.87
N VAL A 410 -28.07 12.42 -24.42
CA VAL A 410 -28.96 11.66 -25.32
C VAL A 410 -30.08 12.50 -25.96
N GLU A 411 -30.68 11.96 -27.03
CA GLU A 411 -31.76 12.64 -27.77
C GLU A 411 -33.12 12.34 -27.12
N SER A 442 4.94 10.72 -15.13
CA SER A 442 5.61 11.56 -14.14
C SER A 442 4.58 12.04 -13.11
N GLU A 443 4.48 11.27 -12.01
CA GLU A 443 3.47 11.50 -10.93
C GLU A 443 3.71 12.72 -10.04
N ASP A 444 4.90 13.33 -10.15
CA ASP A 444 5.18 14.61 -9.51
C ASP A 444 4.35 15.76 -10.10
N PHE A 445 4.11 15.74 -11.42
CA PHE A 445 3.44 16.85 -12.12
C PHE A 445 1.96 16.64 -12.39
N MET A 446 1.52 15.40 -12.54
CA MET A 446 0.11 15.12 -12.72
C MET A 446 -0.21 13.82 -11.99
N PRO A 447 -1.05 13.88 -10.94
CA PRO A 447 -1.39 12.67 -10.24
C PRO A 447 -2.28 11.73 -11.06
N SER A 448 -2.25 10.44 -10.72
CA SER A 448 -3.11 9.46 -11.36
C SER A 448 -4.42 9.41 -10.60
N CYS A 449 -5.40 8.77 -11.22
CA CYS A 449 -6.71 8.55 -10.61
C CYS A 449 -6.82 7.23 -9.82
N LYS A 450 -5.79 6.40 -9.85
CA LYS A 450 -5.82 5.04 -9.26
C LYS A 450 -6.33 4.88 -7.82
N ASN A 451 -6.10 5.86 -6.96
CA ASN A 451 -6.49 5.76 -5.54
C ASN A 451 -7.77 6.56 -5.20
N LEU A 452 -8.47 7.09 -6.21
CA LEU A 452 -9.71 7.85 -5.99
C LEU A 452 -10.89 6.91 -6.08
N SER A 453 -12.03 7.37 -5.60
CA SER A 453 -13.16 6.50 -5.32
C SER A 453 -14.05 6.24 -6.54
N PHE A 454 -14.07 7.18 -7.50
CA PHE A 454 -14.94 7.07 -8.66
C PHE A 454 -14.32 7.78 -9.87
N THR A 455 -13.93 6.99 -10.88
CA THR A 455 -13.31 7.48 -12.11
C THR A 455 -14.09 7.11 -13.39
N LEU A 456 -14.37 8.11 -14.23
CA LEU A 456 -14.99 7.88 -15.54
C LEU A 456 -14.01 8.24 -16.65
N ASP A 457 -13.63 7.24 -17.45
CA ASP A 457 -12.84 7.46 -18.65
C ASP A 457 -13.73 7.56 -19.89
N LEU A 458 -13.82 8.77 -20.43
CA LEU A 458 -14.53 9.08 -21.66
C LEU A 458 -13.58 9.55 -22.78
N SER A 459 -12.33 9.11 -22.75
CA SER A 459 -11.35 9.61 -23.73
C SER A 459 -11.55 8.92 -25.07
N ARG A 460 -10.98 9.44 -26.14
CA ARG A 460 -11.11 8.82 -27.47
C ARG A 460 -12.58 8.65 -27.90
N ASN A 461 -13.34 9.72 -27.66
CA ASN A 461 -14.75 9.83 -28.04
C ASN A 461 -14.89 11.04 -28.94
N ASN A 462 -16.13 11.37 -29.32
CA ASN A 462 -16.38 12.43 -30.32
C ASN A 462 -17.04 13.70 -29.77
N LEU A 463 -16.85 14.00 -28.49
CA LEU A 463 -17.32 15.28 -27.95
C LEU A 463 -16.65 16.45 -28.64
N VAL A 464 -17.45 17.39 -29.16
CA VAL A 464 -16.93 18.67 -29.69
C VAL A 464 -17.27 19.85 -28.80
N THR A 465 -18.33 19.73 -28.01
CA THR A 465 -18.59 20.66 -26.91
C THR A 465 -18.89 19.82 -25.67
N VAL A 466 -18.88 20.44 -24.51
CA VAL A 466 -19.28 19.79 -23.28
C VAL A 466 -20.61 20.42 -22.87
N GLN A 467 -21.63 19.56 -22.70
CA GLN A 467 -22.96 19.93 -22.23
C GLN A 467 -23.05 19.61 -20.76
N PRO A 468 -23.48 20.56 -19.90
CA PRO A 468 -23.67 20.18 -18.48
C PRO A 468 -24.59 18.97 -18.29
N GLU A 469 -25.60 18.88 -19.15
CA GLU A 469 -26.68 17.89 -19.08
C GLU A 469 -26.17 16.45 -19.00
N MET A 470 -25.11 16.13 -19.73
CA MET A 470 -24.61 14.74 -19.78
C MET A 470 -23.97 14.27 -18.50
N PHE A 471 -23.62 15.20 -17.60
CA PHE A 471 -23.04 14.85 -16.30
C PHE A 471 -24.05 14.99 -15.16
N ALA A 472 -25.33 15.12 -15.48
CA ALA A 472 -26.35 15.55 -14.51
C ALA A 472 -26.37 14.76 -13.21
N GLN A 473 -26.10 13.45 -13.30
CA GLN A 473 -26.25 12.55 -12.16
C GLN A 473 -24.93 11.93 -11.72
N LEU A 474 -23.84 12.65 -11.99
CA LEU A 474 -22.51 12.14 -11.75
C LEU A 474 -21.76 13.05 -10.79
N SER A 475 -22.49 13.67 -9.86
CA SER A 475 -21.86 14.56 -8.89
C SER A 475 -20.94 13.82 -7.92
N ARG A 476 -21.08 12.50 -7.81
CA ARG A 476 -20.14 11.69 -7.05
C ARG A 476 -18.71 11.57 -7.66
N LEU A 477 -18.60 11.76 -8.99
CA LEU A 477 -17.32 11.59 -9.69
C LEU A 477 -16.18 12.39 -9.13
N GLN A 478 -15.05 11.70 -8.93
CA GLN A 478 -13.81 12.33 -8.52
C GLN A 478 -12.80 12.54 -9.67
N CYS A 479 -12.90 11.73 -10.72
CA CYS A 479 -11.96 11.82 -11.83
C CYS A 479 -12.69 11.63 -13.16
N LEU A 480 -12.46 12.55 -14.10
CA LEU A 480 -13.05 12.49 -15.45
C LEU A 480 -11.94 12.61 -16.48
N ARG A 481 -11.82 11.62 -17.36
CA ARG A 481 -10.87 11.69 -18.49
C ARG A 481 -11.65 11.99 -19.75
N LEU A 482 -11.32 13.09 -20.40
CA LEU A 482 -11.92 13.46 -21.68
C LEU A 482 -10.84 13.71 -22.73
N SER A 483 -9.71 13.02 -22.64
CA SER A 483 -8.60 13.30 -23.55
C SER A 483 -8.89 12.71 -24.93
N HIS A 484 -8.18 13.19 -25.94
CA HIS A 484 -8.28 12.68 -27.31
C HIS A 484 -9.75 12.70 -27.73
N ASN A 485 -10.41 13.82 -27.48
CA ASN A 485 -11.75 14.06 -28.03
C ASN A 485 -11.57 15.07 -29.18
N SER A 486 -12.61 15.83 -29.51
CA SER A 486 -12.52 16.91 -30.48
C SER A 486 -13.10 18.20 -29.91
N ILE A 487 -12.93 18.39 -28.60
CA ILE A 487 -13.55 19.51 -27.90
C ILE A 487 -12.91 20.81 -28.40
N SER A 488 -13.67 21.65 -29.08
CA SER A 488 -13.12 22.89 -29.64
C SER A 488 -13.94 24.08 -29.18
N GLN A 489 -14.22 24.08 -27.89
CA GLN A 489 -15.11 25.00 -27.25
C GLN A 489 -14.32 26.03 -26.45
N ALA A 490 -14.83 27.26 -26.42
CA ALA A 490 -14.32 28.29 -25.49
C ALA A 490 -14.96 28.12 -24.13
N VAL A 491 -14.43 27.22 -23.33
CA VAL A 491 -15.01 26.95 -22.01
C VAL A 491 -15.14 28.22 -21.16
N ASN A 492 -16.25 28.34 -20.42
CA ASN A 492 -16.57 29.62 -19.72
C ASN A 492 -17.02 29.55 -18.26
N GLY A 493 -17.07 28.37 -17.66
CA GLY A 493 -17.58 28.20 -16.30
C GLY A 493 -18.93 27.48 -16.22
N SER A 494 -19.53 27.11 -17.37
CA SER A 494 -20.88 26.51 -17.42
C SER A 494 -20.91 25.06 -17.89
N GLN A 495 -19.77 24.44 -18.15
CA GLN A 495 -19.73 23.14 -18.86
C GLN A 495 -19.78 21.91 -17.93
N PHE A 496 -19.19 22.03 -16.73
CA PHE A 496 -19.00 20.88 -15.83
C PHE A 496 -19.73 21.05 -14.49
N VAL A 497 -20.85 21.77 -14.49
CA VAL A 497 -21.51 22.26 -13.27
C VAL A 497 -21.95 21.18 -12.25
N PRO A 498 -22.52 20.05 -12.73
CA PRO A 498 -22.89 18.97 -11.79
C PRO A 498 -21.72 18.33 -11.02
N LEU A 499 -20.50 18.40 -11.53
CA LEU A 499 -19.39 17.60 -10.98
C LEU A 499 -18.76 18.23 -9.73
N THR A 500 -19.53 18.22 -8.64
CA THR A 500 -19.18 18.93 -7.41
C THR A 500 -18.17 18.18 -6.53
N SER A 501 -17.86 16.93 -6.84
CA SER A 501 -16.75 16.20 -6.17
C SER A 501 -15.45 16.03 -6.99
N LEU A 502 -15.45 16.53 -8.23
CA LEU A 502 -14.38 16.24 -9.19
C LEU A 502 -13.06 16.87 -8.78
N GLN A 503 -12.02 16.04 -8.65
CA GLN A 503 -10.67 16.46 -8.29
C GLN A 503 -9.70 16.44 -9.46
N VAL A 504 -9.81 15.43 -10.34
CA VAL A 504 -8.95 15.31 -11.51
C VAL A 504 -9.77 15.49 -12.80
N LEU A 505 -9.30 16.36 -13.69
CA LEU A 505 -9.93 16.51 -15.00
C LEU A 505 -8.87 16.52 -16.10
N ASP A 506 -8.86 15.48 -16.94
CA ASP A 506 -7.92 15.38 -18.05
C ASP A 506 -8.57 15.82 -19.35
N LEU A 507 -8.12 16.95 -19.90
CA LEU A 507 -8.61 17.43 -21.19
C LEU A 507 -7.45 17.46 -22.21
N SER A 508 -6.43 16.65 -21.97
CA SER A 508 -5.30 16.60 -22.89
C SER A 508 -5.74 16.16 -24.30
N HIS A 509 -4.97 16.56 -25.31
CA HIS A 509 -5.22 16.16 -26.70
C HIS A 509 -6.63 16.53 -27.14
N ASN A 510 -6.94 17.82 -27.02
CA ASN A 510 -8.21 18.39 -27.50
C ASN A 510 -7.88 19.70 -28.20
N LYS A 511 -8.88 20.57 -28.42
CA LYS A 511 -8.69 21.88 -29.06
C LYS A 511 -9.34 23.01 -28.25
N LEU A 512 -9.25 22.94 -26.93
CA LEU A 512 -9.84 23.98 -26.09
C LEU A 512 -9.30 25.40 -26.34
N ASP A 513 -10.24 26.33 -26.48
CA ASP A 513 -9.93 27.74 -26.62
C ASP A 513 -9.99 28.38 -25.23
N LEU A 514 -8.82 28.71 -24.69
CA LEU A 514 -8.75 29.30 -23.36
C LEU A 514 -8.85 30.82 -23.53
N TYR A 515 -10.00 31.40 -23.18
CA TYR A 515 -10.30 32.79 -23.52
C TYR A 515 -11.19 33.49 -22.50
N HIS A 516 -12.32 32.88 -22.15
CA HIS A 516 -13.16 33.37 -21.06
C HIS A 516 -12.51 33.19 -19.67
N GLY A 517 -12.74 34.17 -18.82
CA GLY A 517 -12.07 34.27 -17.54
C GLY A 517 -12.42 33.25 -16.47
N ARG A 518 -13.56 32.58 -16.60
CA ARG A 518 -14.08 31.72 -15.51
C ARG A 518 -14.22 30.25 -15.87
N SER A 519 -13.47 29.81 -16.88
CA SER A 519 -13.43 28.39 -17.23
C SER A 519 -12.94 27.57 -16.03
N PHE A 520 -13.63 26.48 -15.77
CA PHE A 520 -13.29 25.53 -14.69
C PHE A 520 -13.68 25.96 -13.24
N THR A 521 -14.16 27.18 -13.06
CA THR A 521 -14.54 27.67 -11.73
C THR A 521 -15.80 27.01 -11.19
N GLU A 522 -16.59 26.37 -12.03
CA GLU A 522 -17.72 25.54 -11.57
C GLU A 522 -17.32 24.23 -10.91
N LEU A 523 -16.02 23.95 -10.79
CA LEU A 523 -15.52 22.72 -10.16
C LEU A 523 -14.87 23.05 -8.80
N PRO A 524 -15.66 23.04 -7.72
CA PRO A 524 -15.13 23.53 -6.42
C PRO A 524 -13.99 22.70 -5.80
N ARG A 525 -13.84 21.44 -6.22
CA ARG A 525 -12.84 20.51 -5.66
C ARG A 525 -11.66 20.20 -6.59
N LEU A 526 -11.55 20.90 -7.72
CA LEU A 526 -10.54 20.59 -8.71
C LEU A 526 -9.09 20.78 -8.18
N GLU A 527 -8.33 19.69 -8.15
CA GLU A 527 -6.93 19.71 -7.75
C GLU A 527 -5.94 19.48 -8.88
N ALA A 528 -6.36 18.81 -9.96
CA ALA A 528 -5.47 18.49 -11.05
C ALA A 528 -6.17 18.65 -12.39
N LEU A 529 -5.59 19.47 -13.26
CA LEU A 529 -6.21 19.80 -14.54
C LEU A 529 -5.17 19.68 -15.66
N ASP A 530 -5.40 18.79 -16.61
CA ASP A 530 -4.48 18.57 -17.69
C ASP A 530 -5.03 19.19 -18.96
N LEU A 531 -4.38 20.25 -19.41
CA LEU A 531 -4.73 20.92 -20.65
C LEU A 531 -3.59 20.80 -21.64
N SER A 532 -2.84 19.70 -21.59
CA SER A 532 -1.72 19.53 -22.51
C SER A 532 -2.19 19.17 -23.92
N TYR A 533 -1.35 19.40 -24.93
CA TYR A 533 -1.69 19.12 -26.32
C TYR A 533 -3.05 19.69 -26.74
N ASN A 534 -3.25 20.96 -26.43
CA ASN A 534 -4.39 21.74 -26.94
C ASN A 534 -3.73 22.91 -27.69
N SER A 535 -2.82 22.55 -28.60
CA SER A 535 -1.94 23.52 -29.25
C SER A 535 -2.62 24.34 -30.35
N GLN A 536 -3.65 23.77 -30.99
CA GLN A 536 -4.20 24.36 -32.21
C GLN A 536 -4.70 25.79 -32.06
N PRO A 537 -5.47 26.10 -30.99
CA PRO A 537 -5.83 27.50 -30.78
C PRO A 537 -4.62 28.41 -30.60
N PHE A 538 -3.59 27.95 -29.88
CA PHE A 538 -2.38 28.76 -29.66
C PHE A 538 -1.54 28.93 -30.94
N SER A 539 -1.72 28.07 -31.94
CA SER A 539 -1.10 28.25 -33.27
C SER A 539 -1.69 29.34 -34.15
N MET A 540 -2.89 29.78 -33.80
CA MET A 540 -3.69 30.73 -34.59
C MET A 540 -3.02 32.10 -34.55
N ARG A 541 -2.12 32.34 -35.49
CA ARG A 541 -1.28 33.55 -35.49
C ARG A 541 -2.06 34.86 -35.65
N GLY A 542 -1.88 35.76 -34.68
CA GLY A 542 -2.67 36.98 -34.60
C GLY A 542 -3.92 36.85 -33.75
N VAL A 543 -4.14 35.70 -33.11
CA VAL A 543 -5.25 35.53 -32.18
C VAL A 543 -4.72 35.08 -30.83
N GLY A 544 -4.94 35.89 -29.81
CA GLY A 544 -4.42 35.64 -28.49
C GLY A 544 -5.36 34.90 -27.58
N HIS A 545 -4.88 34.61 -26.37
CA HIS A 545 -5.58 33.74 -25.46
C HIS A 545 -5.38 34.14 -24.02
N ASN A 546 -6.24 33.66 -23.14
CA ASN A 546 -6.29 34.10 -21.75
C ASN A 546 -6.04 32.94 -20.80
N LEU A 547 -4.97 33.06 -20.02
CA LEU A 547 -4.66 32.10 -18.96
C LEU A 547 -5.00 32.60 -17.55
N SER A 548 -5.71 33.74 -17.44
CA SER A 548 -6.01 34.31 -16.12
C SER A 548 -7.01 33.50 -15.31
N PHE A 549 -7.70 32.52 -15.91
CA PHE A 549 -8.55 31.57 -15.16
C PHE A 549 -7.82 30.79 -14.06
N VAL A 550 -6.50 30.62 -14.17
CA VAL A 550 -5.74 29.85 -13.17
C VAL A 550 -5.82 30.49 -11.75
N ALA A 551 -5.81 31.82 -11.69
CA ALA A 551 -6.07 32.57 -10.46
C ALA A 551 -7.42 32.28 -9.79
N GLN A 552 -8.44 31.97 -10.60
CA GLN A 552 -9.81 31.69 -10.12
C GLN A 552 -10.06 30.24 -9.67
N LEU A 553 -9.05 29.38 -9.70
CA LEU A 553 -9.18 27.99 -9.25
C LEU A 553 -8.47 27.82 -7.92
N PRO A 554 -9.16 28.15 -6.80
CA PRO A 554 -8.52 28.31 -5.47
C PRO A 554 -7.93 27.03 -4.88
N THR A 555 -8.44 25.87 -5.30
CA THR A 555 -7.97 24.54 -4.83
C THR A 555 -6.97 23.84 -5.75
N LEU A 556 -6.66 24.42 -6.90
CA LEU A 556 -5.81 23.77 -7.91
C LEU A 556 -4.38 23.52 -7.43
N ARG A 557 -3.90 22.29 -7.55
CA ARG A 557 -2.54 21.94 -7.16
C ARG A 557 -1.64 21.53 -8.32
N TYR A 558 -2.22 20.96 -9.37
CA TYR A 558 -1.46 20.42 -10.49
C TYR A 558 -2.05 20.96 -11.78
N LEU A 559 -1.19 21.40 -12.70
CA LEU A 559 -1.63 21.99 -13.97
C LEU A 559 -0.60 21.67 -15.05
N SER A 560 -1.07 21.12 -16.18
CA SER A 560 -0.22 20.93 -17.35
C SER A 560 -0.72 21.85 -18.44
N LEU A 561 0.12 22.80 -18.85
CA LEU A 561 -0.11 23.51 -20.10
C LEU A 561 0.89 23.02 -21.15
N ALA A 562 1.30 21.74 -21.03
CA ALA A 562 2.39 21.20 -21.84
C ALA A 562 2.01 20.98 -23.30
N HIS A 563 2.99 21.13 -24.18
CA HIS A 563 2.88 20.81 -25.61
C HIS A 563 1.77 21.59 -26.32
N ASN A 564 1.61 22.85 -25.91
CA ASN A 564 0.60 23.76 -26.45
C ASN A 564 1.17 24.77 -27.44
N GLY A 565 2.48 24.80 -27.61
CA GLY A 565 3.13 25.79 -28.45
C GLY A 565 2.77 27.23 -28.14
N ILE A 566 2.69 27.55 -26.85
CA ILE A 566 2.35 28.90 -26.40
C ILE A 566 3.52 29.80 -26.72
N HIS A 567 3.34 30.76 -27.61
CA HIS A 567 4.47 31.61 -28.07
C HIS A 567 4.25 33.13 -28.03
N SER A 568 3.01 33.58 -28.15
CA SER A 568 2.68 35.01 -28.17
C SER A 568 1.21 35.25 -27.86
N ARG A 569 0.90 36.49 -27.49
CA ARG A 569 -0.47 36.91 -27.23
C ARG A 569 -1.17 36.06 -26.20
N VAL A 570 -0.59 36.02 -25.01
CA VAL A 570 -1.20 35.37 -23.86
C VAL A 570 -1.02 36.27 -22.69
N SER A 571 -1.72 35.93 -21.61
CA SER A 571 -1.66 36.67 -20.36
C SER A 571 -0.23 36.82 -19.93
N GLN A 572 0.15 37.99 -19.48
CA GLN A 572 1.55 38.22 -19.09
C GLN A 572 2.00 37.53 -17.80
N GLN A 573 1.06 37.13 -16.96
CA GLN A 573 1.40 36.42 -15.74
C GLN A 573 0.42 35.31 -15.47
N LEU A 574 0.93 34.15 -15.07
CA LEU A 574 0.15 33.16 -14.36
C LEU A 574 0.18 33.55 -12.88
N CYS A 575 -1.01 33.58 -12.29
CA CYS A 575 -1.17 33.95 -10.90
C CYS A 575 -1.94 32.79 -10.22
N SER A 576 -1.42 32.30 -9.09
CA SER A 576 -2.09 31.28 -8.24
C SER A 576 -1.42 31.11 -6.90
N THR A 577 -2.19 31.12 -5.81
CA THR A 577 -1.63 30.84 -4.48
C THR A 577 -1.61 29.36 -4.12
N SER A 578 -2.45 28.56 -4.77
CA SER A 578 -2.54 27.11 -4.46
C SER A 578 -1.58 26.17 -5.23
N LEU A 579 -1.19 26.57 -6.44
CA LEU A 579 -0.58 25.65 -7.38
C LEU A 579 0.77 25.18 -6.91
N TRP A 580 0.97 23.87 -6.86
CA TRP A 580 2.24 23.26 -6.53
C TRP A 580 3.07 22.87 -7.76
N ALA A 581 2.43 22.50 -8.86
CA ALA A 581 3.17 21.95 -9.99
C ALA A 581 2.61 22.45 -11.31
N LEU A 582 3.50 22.81 -12.22
CA LEU A 582 3.11 23.30 -13.53
C LEU A 582 4.03 22.72 -14.57
N ASP A 583 3.48 21.85 -15.41
CA ASP A 583 4.19 21.44 -16.62
C ASP A 583 3.93 22.47 -17.72
N PHE A 584 4.96 23.27 -18.02
CA PHE A 584 4.93 24.21 -19.13
C PHE A 584 5.83 23.76 -20.26
N SER A 585 6.14 22.48 -20.32
CA SER A 585 7.10 21.98 -21.31
C SER A 585 6.44 22.03 -22.67
N GLY A 586 7.27 22.00 -23.74
CA GLY A 586 6.76 21.99 -25.12
C GLY A 586 6.02 23.25 -25.54
N ASN A 587 6.55 24.41 -25.17
CA ASN A 587 5.98 25.70 -25.57
C ASN A 587 7.19 26.52 -26.10
N SER A 588 7.07 27.84 -26.21
CA SER A 588 8.18 28.68 -26.63
C SER A 588 8.35 29.82 -25.71
N LEU A 589 8.80 29.52 -24.49
CA LEU A 589 9.24 30.58 -23.59
C LEU A 589 10.34 31.42 -24.24
N SER A 590 11.11 30.77 -25.12
CA SER A 590 12.07 31.43 -26.00
C SER A 590 11.56 32.70 -26.64
N GLN A 591 10.48 32.58 -27.40
CA GLN A 591 9.88 33.73 -28.05
C GLN A 591 9.23 34.71 -27.06
N MET A 592 8.61 34.18 -26.00
CA MET A 592 8.00 35.00 -24.95
C MET A 592 9.03 35.87 -24.25
N TRP A 593 10.11 35.26 -23.77
CA TRP A 593 11.16 35.99 -23.04
C TRP A 593 12.03 36.87 -23.95
N ALA A 594 12.00 36.61 -25.26
CA ALA A 594 12.61 37.53 -26.23
C ALA A 594 11.81 38.80 -26.45
N GLU A 595 10.53 38.80 -26.06
CA GLU A 595 9.61 39.87 -26.42
C GLU A 595 9.59 41.04 -25.42
N GLY A 596 10.71 41.75 -25.30
CA GLY A 596 10.81 42.85 -24.35
C GLY A 596 10.58 42.35 -22.94
N ASP A 597 9.91 43.14 -22.13
CA ASP A 597 9.73 42.84 -20.71
C ASP A 597 8.34 42.27 -20.38
N LEU A 598 7.60 41.80 -21.39
CA LEU A 598 6.19 41.42 -21.20
C LEU A 598 6.00 40.19 -20.35
N TYR A 599 6.84 39.16 -20.57
CA TYR A 599 6.65 37.87 -19.92
C TYR A 599 7.75 37.49 -18.90
N LEU A 600 8.55 38.45 -18.46
CA LEU A 600 9.68 38.14 -17.56
C LEU A 600 9.23 37.65 -16.16
N ARG A 601 8.08 38.14 -15.70
CA ARG A 601 7.47 37.73 -14.44
C ARG A 601 6.34 36.70 -14.64
N PHE A 602 6.37 35.93 -15.74
CA PHE A 602 5.24 35.03 -16.12
C PHE A 602 4.89 33.99 -15.05
N PHE A 603 5.89 33.43 -14.41
CA PHE A 603 5.69 32.37 -13.43
C PHE A 603 5.79 32.89 -12.01
N GLN A 604 5.99 34.19 -11.82
CA GLN A 604 6.30 34.74 -10.51
C GLN A 604 5.13 34.70 -9.54
N GLY A 605 3.93 34.94 -10.04
CA GLY A 605 2.71 34.87 -9.25
C GLY A 605 2.28 33.49 -8.78
N LEU A 606 3.03 32.45 -9.14
CA LEU A 606 2.80 31.10 -8.61
C LEU A 606 3.56 30.99 -7.28
N ARG A 607 2.92 31.52 -6.23
CA ARG A 607 3.53 31.77 -4.92
C ARG A 607 3.92 30.53 -4.12
N SER A 608 3.22 29.41 -4.34
CA SER A 608 3.50 28.14 -3.65
C SER A 608 4.14 27.07 -4.54
N LEU A 609 4.46 27.42 -5.78
CA LEU A 609 4.90 26.44 -6.75
C LEU A 609 6.21 25.77 -6.31
N ILE A 610 6.21 24.44 -6.28
CA ILE A 610 7.39 23.67 -5.95
C ILE A 610 8.00 22.88 -7.12
N ARG A 611 7.24 22.66 -8.20
CA ARG A 611 7.79 21.99 -9.39
C ARG A 611 7.41 22.72 -10.66
N LEU A 612 8.40 22.99 -11.50
CA LEU A 612 8.19 23.67 -12.79
C LEU A 612 8.98 22.97 -13.85
N ASP A 613 8.29 22.56 -14.92
CA ASP A 613 8.95 21.98 -16.08
C ASP A 613 8.96 22.97 -17.24
N LEU A 614 10.14 23.52 -17.52
CA LEU A 614 10.36 24.37 -18.69
C LEU A 614 11.13 23.64 -19.83
N SER A 615 11.04 22.30 -19.88
CA SER A 615 11.71 21.55 -20.93
C SER A 615 11.16 21.83 -22.33
N GLN A 616 11.93 21.48 -23.36
CA GLN A 616 11.59 21.71 -24.76
C GLN A 616 10.83 23.00 -24.94
N ASN A 617 11.43 24.09 -24.51
CA ASN A 617 10.87 25.42 -24.75
C ASN A 617 11.70 26.25 -25.73
N ARG A 618 12.53 25.59 -26.55
CA ARG A 618 13.44 26.25 -27.50
C ARG A 618 14.38 27.31 -26.92
N LEU A 619 14.63 27.28 -25.63
CA LEU A 619 15.50 28.28 -24.98
C LEU A 619 16.99 28.19 -25.41
N HIS A 620 17.43 29.16 -26.20
CA HIS A 620 18.85 29.32 -26.53
C HIS A 620 19.57 30.13 -25.48
N THR A 621 18.87 30.82 -24.59
CA THR A 621 19.49 31.68 -23.61
C THR A 621 18.58 31.89 -22.40
N LEU A 622 19.18 32.25 -21.28
CA LEU A 622 18.46 32.67 -20.07
C LEU A 622 19.16 33.88 -19.50
N LEU A 623 18.40 34.90 -19.10
CA LEU A 623 18.99 35.95 -18.24
C LEU A 623 19.05 35.45 -16.78
N PRO A 624 20.08 35.86 -16.01
CA PRO A 624 20.01 35.65 -14.55
C PRO A 624 18.79 36.34 -13.92
N CYS A 625 18.39 37.45 -14.52
CA CYS A 625 17.17 38.17 -14.16
C CYS A 625 15.87 37.37 -14.38
N THR A 626 15.84 36.50 -15.40
CA THR A 626 14.70 35.63 -15.68
C THR A 626 14.56 34.50 -14.63
N LEU A 627 15.69 33.88 -14.27
CA LEU A 627 15.69 32.80 -13.28
C LEU A 627 15.30 33.25 -11.85
N GLY A 628 15.70 34.46 -11.46
CA GLY A 628 15.32 35.01 -10.15
C GLY A 628 13.86 35.40 -10.03
N ASN A 629 13.21 35.64 -11.16
CA ASN A 629 11.78 35.89 -11.20
C ASN A 629 10.93 34.62 -11.17
N LEU A 630 11.56 33.44 -11.12
CA LEU A 630 10.82 32.24 -10.81
C LEU A 630 10.60 32.16 -9.30
N PRO A 631 9.50 31.54 -8.86
CA PRO A 631 9.12 31.52 -7.44
C PRO A 631 10.21 31.03 -6.52
N LYS A 632 10.39 31.72 -5.37
CA LYS A 632 11.41 31.33 -4.37
C LYS A 632 11.14 29.92 -3.85
N SER A 633 9.86 29.52 -3.81
CA SER A 633 9.48 28.20 -3.32
C SER A 633 9.93 27.01 -4.18
N LEU A 634 10.46 27.24 -5.38
CA LEU A 634 10.81 26.11 -6.26
C LEU A 634 11.84 25.12 -5.70
N GLN A 635 11.46 23.84 -5.70
CA GLN A 635 12.37 22.74 -5.36
C GLN A 635 12.87 21.99 -6.58
N LEU A 636 12.04 21.87 -7.63
CA LEU A 636 12.41 21.15 -8.87
C LEU A 636 12.27 22.05 -10.10
N LEU A 637 13.34 22.13 -10.91
CA LEU A 637 13.33 22.87 -12.18
C LEU A 637 13.87 22.01 -13.30
N ARG A 638 13.05 21.71 -14.30
CA ARG A 638 13.51 21.04 -15.50
C ARG A 638 13.71 22.00 -16.65
N LEU A 639 14.84 21.87 -17.35
CA LEU A 639 15.12 22.64 -18.54
C LEU A 639 15.64 21.67 -19.61
N ARG A 640 15.03 20.49 -19.67
CA ARG A 640 15.54 19.44 -20.55
C ARG A 640 15.33 19.83 -22.01
N ASN A 641 16.23 19.37 -22.86
CA ASN A 641 16.05 19.45 -24.31
C ASN A 641 15.76 20.85 -24.77
N ASN A 642 16.50 21.80 -24.23
CA ASN A 642 16.53 23.16 -24.74
C ASN A 642 17.81 23.30 -25.59
N TYR A 643 18.24 24.51 -25.93
CA TYR A 643 19.49 24.73 -26.67
C TYR A 643 20.52 25.59 -25.89
N LEU A 644 20.55 25.42 -24.57
CA LEU A 644 21.42 26.20 -23.70
C LEU A 644 22.89 25.74 -23.89
N ALA A 645 23.74 26.70 -24.22
CA ALA A 645 25.18 26.48 -24.34
C ALA A 645 25.95 27.13 -23.19
N PHE A 646 25.25 27.71 -22.22
CA PHE A 646 25.87 28.51 -21.17
C PHE A 646 24.87 28.55 -20.03
N PHE A 647 25.35 28.49 -18.80
CA PHE A 647 24.50 28.58 -17.63
C PHE A 647 25.32 29.28 -16.56
N ASN A 648 24.84 30.46 -16.15
CA ASN A 648 25.44 31.18 -15.04
C ASN A 648 25.06 30.43 -13.75
N TRP A 649 25.97 29.61 -13.25
CA TRP A 649 25.72 28.81 -12.02
C TRP A 649 25.46 29.65 -10.75
N SER A 650 25.99 30.87 -10.69
CA SER A 650 25.86 31.72 -9.49
C SER A 650 24.42 32.12 -9.21
N SER A 651 23.63 32.27 -10.28
CA SER A 651 22.22 32.59 -10.16
C SER A 651 21.36 31.49 -9.52
N LEU A 652 21.91 30.30 -9.30
CA LEU A 652 21.24 29.30 -8.47
C LEU A 652 20.93 29.78 -7.05
N THR A 653 21.65 30.77 -6.54
CA THR A 653 21.33 31.32 -5.20
C THR A 653 20.02 32.08 -5.18
N LEU A 654 19.57 32.55 -6.35
CA LEU A 654 18.24 33.17 -6.48
C LEU A 654 17.04 32.19 -6.36
N LEU A 655 17.32 30.88 -6.38
CA LEU A 655 16.38 29.82 -6.06
C LEU A 655 16.89 29.02 -4.85
N PRO A 656 16.80 29.61 -3.64
CA PRO A 656 17.43 29.00 -2.44
C PRO A 656 16.91 27.63 -2.02
N ASN A 657 15.68 27.31 -2.42
CA ASN A 657 15.06 26.01 -2.10
C ASN A 657 15.29 24.90 -3.17
N LEU A 658 16.05 25.19 -4.22
CA LEU A 658 16.17 24.24 -5.33
C LEU A 658 16.93 22.98 -4.91
N GLU A 659 16.24 21.86 -4.94
CA GLU A 659 16.82 20.54 -4.64
C GLU A 659 17.16 19.77 -5.92
N THR A 660 16.42 19.99 -7.01
CA THR A 660 16.66 19.25 -8.26
C THR A 660 16.75 20.16 -9.45
N LEU A 661 17.74 19.92 -10.32
CA LEU A 661 17.94 20.74 -11.53
C LEU A 661 18.25 19.81 -12.68
N ASP A 662 17.38 19.83 -13.70
CA ASP A 662 17.53 18.97 -14.86
C ASP A 662 17.93 19.83 -16.05
N LEU A 663 19.17 19.73 -16.45
CA LEU A 663 19.62 20.34 -17.68
C LEU A 663 19.91 19.30 -18.77
N ALA A 664 19.37 18.09 -18.65
CA ALA A 664 19.71 17.04 -19.62
C ALA A 664 19.33 17.48 -21.01
N GLY A 665 20.11 17.11 -22.01
CA GLY A 665 19.76 17.37 -23.42
C GLY A 665 20.03 18.76 -23.99
N ASN A 666 20.86 19.54 -23.32
CA ASN A 666 21.22 20.88 -23.80
C ASN A 666 22.57 20.81 -24.52
N GLN A 667 23.28 21.93 -24.71
CA GLN A 667 24.56 21.95 -25.42
C GLN A 667 25.72 22.53 -24.61
N LEU A 668 25.77 22.26 -23.32
CA LEU A 668 26.89 22.71 -22.49
C LEU A 668 28.22 22.10 -22.96
N LYS A 669 29.21 22.93 -23.23
CA LYS A 669 30.57 22.45 -23.65
C LYS A 669 31.51 22.20 -22.47
N ALA A 670 31.08 22.60 -21.28
CA ALA A 670 31.86 22.48 -20.05
C ALA A 670 31.03 22.83 -18.83
N LEU A 671 31.45 22.31 -17.69
CA LEU A 671 30.94 22.77 -16.40
C LEU A 671 31.94 23.79 -15.86
N SER A 672 31.62 25.06 -16.03
CA SER A 672 32.55 26.16 -15.73
C SER A 672 31.77 27.48 -15.66
N ASN A 673 32.48 28.62 -15.69
CA ASN A 673 31.90 29.95 -15.56
C ASN A 673 31.34 30.10 -14.16
N GLY A 674 32.21 29.85 -13.19
CA GLY A 674 31.85 29.77 -11.77
C GLY A 674 31.71 28.33 -11.36
N SER A 675 31.44 28.11 -10.09
CA SER A 675 31.11 26.78 -9.58
C SER A 675 29.70 26.77 -9.05
N LEU A 676 29.23 25.62 -8.59
CA LEU A 676 27.99 25.58 -7.84
C LEU A 676 28.21 26.46 -6.61
N PRO A 677 27.38 27.49 -6.46
CA PRO A 677 27.66 28.47 -5.45
C PRO A 677 27.45 27.95 -4.04
N SER A 678 27.96 28.71 -3.08
CA SER A 678 27.97 28.32 -1.69
C SER A 678 26.56 28.24 -1.13
N GLY A 679 26.36 27.35 -0.17
CA GLY A 679 25.07 27.21 0.52
C GLY A 679 23.92 26.65 -0.29
N THR A 680 24.22 26.06 -1.45
CA THR A 680 23.18 25.61 -2.35
C THR A 680 22.62 24.31 -1.81
N GLN A 681 21.29 24.14 -1.91
CA GLN A 681 20.56 22.94 -1.39
C GLN A 681 20.41 21.80 -2.39
N LEU A 682 21.15 21.86 -3.48
CA LEU A 682 20.92 20.99 -4.61
C LEU A 682 21.36 19.56 -4.31
N GLN A 683 20.45 18.60 -4.49
CA GLN A 683 20.68 17.17 -4.28
C GLN A 683 20.80 16.34 -5.58
N ARG A 684 19.97 16.68 -6.57
CA ARG A 684 19.92 15.99 -7.87
C ARG A 684 20.35 16.96 -8.97
N LEU A 685 21.36 16.59 -9.75
CA LEU A 685 21.78 17.41 -10.90
C LEU A 685 22.02 16.53 -12.10
N ASP A 686 21.30 16.81 -13.19
CA ASP A 686 21.41 16.05 -14.42
C ASP A 686 21.94 16.98 -15.49
N VAL A 687 23.15 16.72 -15.96
CA VAL A 687 23.68 17.41 -17.15
C VAL A 687 24.06 16.37 -18.21
N SER A 688 23.20 15.34 -18.35
CA SER A 688 23.45 14.28 -19.32
C SER A 688 23.08 14.79 -20.71
N ARG A 689 23.56 14.09 -21.74
CA ARG A 689 23.31 14.45 -23.14
C ARG A 689 23.60 15.93 -23.47
N ASN A 690 24.69 16.45 -22.91
CA ASN A 690 25.27 17.70 -23.37
C ASN A 690 26.53 17.37 -24.21
N SER A 691 27.42 18.35 -24.40
CA SER A 691 28.72 18.15 -25.06
C SER A 691 29.89 18.56 -24.16
N ILE A 692 29.81 18.18 -22.90
CA ILE A 692 30.77 18.62 -21.89
C ILE A 692 32.16 17.97 -22.09
N ILE A 693 33.13 18.83 -22.42
CA ILE A 693 34.54 18.47 -22.68
C ILE A 693 35.38 18.40 -21.39
N PHE A 694 35.10 19.28 -20.45
CA PHE A 694 35.80 19.27 -19.18
C PHE A 694 34.97 19.85 -18.05
N VAL A 695 35.51 19.72 -16.84
CA VAL A 695 34.92 20.30 -15.65
C VAL A 695 36.01 21.03 -14.90
N VAL A 696 35.75 22.27 -14.48
CA VAL A 696 36.73 23.03 -13.69
C VAL A 696 36.93 22.39 -12.30
N PRO A 697 38.17 22.41 -11.79
CA PRO A 697 38.45 21.93 -10.44
C PRO A 697 37.59 22.61 -9.38
N GLY A 698 37.08 21.80 -8.44
CA GLY A 698 36.24 22.27 -7.37
C GLY A 698 34.84 22.74 -7.79
N PHE A 699 34.31 22.19 -8.88
CA PHE A 699 33.01 22.65 -9.43
C PHE A 699 31.84 22.26 -8.53
N PHE A 700 31.84 21.01 -8.08
CA PHE A 700 30.82 20.50 -7.20
C PHE A 700 31.13 20.77 -5.72
N ALA A 701 32.34 21.24 -5.41
CA ALA A 701 32.86 21.26 -4.02
C ALA A 701 31.92 21.87 -2.97
N LEU A 702 31.30 23.01 -3.30
CA LEU A 702 30.41 23.71 -2.37
C LEU A 702 28.98 23.16 -2.31
N ALA A 703 28.65 22.19 -3.17
CA ALA A 703 27.35 21.51 -3.16
C ALA A 703 27.36 20.31 -2.23
N THR A 704 27.36 20.60 -0.93
CA THR A 704 27.45 19.56 0.12
C THR A 704 26.22 18.65 0.23
N ARG A 705 25.07 19.12 -0.24
CA ARG A 705 23.85 18.31 -0.24
C ARG A 705 23.70 17.42 -1.48
N LEU A 706 24.59 17.59 -2.48
CA LEU A 706 24.51 16.86 -3.76
C LEU A 706 24.62 15.36 -3.56
N ARG A 707 23.57 14.60 -3.91
CA ARG A 707 23.59 13.13 -3.80
C ARG A 707 23.61 12.37 -5.11
N GLU A 708 22.93 12.89 -6.13
CA GLU A 708 22.79 12.18 -7.39
C GLU A 708 23.26 13.09 -8.51
N LEU A 709 24.15 12.58 -9.36
CA LEU A 709 24.77 13.38 -10.41
C LEU A 709 24.92 12.56 -11.67
N ASN A 710 24.42 13.08 -12.78
CA ASN A 710 24.42 12.37 -14.06
C ASN A 710 25.27 13.13 -15.10
N LEU A 711 26.41 12.53 -15.46
CA LEU A 711 27.30 13.09 -16.46
C LEU A 711 27.33 12.24 -17.72
N SER A 712 26.33 11.39 -17.88
CA SER A 712 26.27 10.49 -18.99
C SER A 712 26.17 11.20 -20.34
N ALA A 713 26.60 10.53 -21.40
CA ALA A 713 26.44 10.97 -22.80
C ALA A 713 26.97 12.39 -23.02
N ASN A 714 28.24 12.56 -22.66
CA ASN A 714 28.95 13.83 -22.82
C ASN A 714 30.23 13.57 -23.58
N ALA A 715 31.19 14.49 -23.55
CA ALA A 715 32.48 14.33 -24.24
C ALA A 715 33.68 14.31 -23.26
N LEU A 716 33.41 13.92 -22.02
CA LEU A 716 34.44 13.79 -21.00
C LEU A 716 35.42 12.65 -21.32
N ARG A 717 36.70 13.01 -21.45
CA ARG A 717 37.78 12.03 -21.66
C ARG A 717 38.41 11.50 -20.39
N THR A 718 37.90 11.98 -19.25
CA THR A 718 38.38 11.58 -17.94
C THR A 718 37.33 11.91 -16.89
N VAL A 719 37.52 11.38 -15.69
CA VAL A 719 36.71 11.68 -14.52
C VAL A 719 37.71 11.97 -13.39
N GLU A 720 37.65 13.16 -12.82
CA GLU A 720 38.65 13.61 -11.84
C GLU A 720 38.04 13.71 -10.44
N PRO A 721 38.78 13.27 -9.40
CA PRO A 721 38.29 13.55 -8.03
C PRO A 721 38.37 15.05 -7.69
N SER A 722 39.26 15.78 -8.38
CA SER A 722 39.38 17.22 -8.19
C SER A 722 38.13 18.04 -8.58
N TRP A 723 37.19 17.46 -9.32
CA TRP A 723 35.92 18.15 -9.60
C TRP A 723 35.08 18.33 -8.35
N PHE A 724 35.23 17.37 -7.42
CA PHE A 724 34.37 17.28 -6.25
C PHE A 724 34.96 17.89 -4.98
N GLY A 725 35.94 18.78 -5.13
CA GLY A 725 36.83 19.15 -4.02
C GLY A 725 37.49 17.82 -3.71
N PHE A 726 37.33 17.33 -2.49
CA PHE A 726 37.60 15.91 -2.23
C PHE A 726 36.51 15.32 -1.34
N LEU A 727 35.28 15.78 -1.60
CA LEU A 727 34.07 15.42 -0.86
C LEU A 727 33.09 14.56 -1.72
N ALA A 728 33.63 13.85 -2.73
CA ALA A 728 32.82 12.98 -3.60
C ALA A 728 32.18 11.76 -2.91
N GLY A 729 32.69 11.37 -1.75
CA GLY A 729 32.18 10.21 -1.01
C GLY A 729 30.73 10.28 -0.54
N SER A 730 30.16 11.49 -0.49
CA SER A 730 28.73 11.65 -0.18
C SER A 730 27.79 11.25 -1.34
N LEU A 731 28.30 11.18 -2.57
CA LEU A 731 27.47 10.86 -3.72
C LEU A 731 26.91 9.45 -3.71
N GLU A 732 25.62 9.33 -3.98
CA GLU A 732 24.95 8.05 -4.10
C GLU A 732 24.88 7.57 -5.55
N VAL A 733 24.75 8.49 -6.50
CA VAL A 733 24.74 8.11 -7.92
C VAL A 733 25.72 8.99 -8.68
N LEU A 734 26.64 8.37 -9.41
CA LEU A 734 27.50 9.08 -10.36
C LEU A 734 27.50 8.32 -11.68
N ASP A 735 26.67 8.74 -12.62
CA ASP A 735 26.62 8.08 -13.93
C ASP A 735 27.63 8.76 -14.84
N VAL A 736 28.63 8.01 -15.30
CA VAL A 736 29.64 8.52 -16.27
C VAL A 736 29.73 7.64 -17.53
N SER A 737 28.66 6.90 -17.79
CA SER A 737 28.57 6.02 -18.96
C SER A 737 28.48 6.83 -20.26
N ALA A 738 28.75 6.20 -21.39
CA ALA A 738 28.74 6.85 -22.70
C ALA A 738 29.60 8.13 -22.77
N ASN A 739 30.81 8.06 -22.27
CA ASN A 739 31.77 9.16 -22.36
C ASN A 739 33.04 8.65 -23.01
N PRO A 740 33.65 9.44 -23.92
CA PRO A 740 34.82 8.96 -24.69
C PRO A 740 36.14 8.96 -23.88
N LEU A 741 36.14 8.19 -22.79
CA LEU A 741 37.24 8.18 -21.81
C LEU A 741 38.55 7.75 -22.42
N HIS A 742 39.64 8.36 -21.94
CA HIS A 742 41.01 8.09 -22.40
C HIS A 742 41.63 6.99 -21.55
N CYS A 743 41.54 5.76 -22.04
CA CYS A 743 41.99 4.57 -21.32
C CYS A 743 43.47 4.30 -21.55
N ALA A 744 44.26 5.29 -21.17
CA ALA A 744 45.70 5.24 -21.26
C ALA A 744 46.13 4.47 -20.03
N CYS A 745 47.13 3.61 -20.19
CA CYS A 745 47.65 2.80 -19.10
C CYS A 745 48.08 3.68 -17.91
N GLY A 746 47.55 3.35 -16.73
CA GLY A 746 47.78 4.09 -15.48
C GLY A 746 46.99 5.38 -15.31
N ALA A 747 45.78 5.44 -15.88
CA ALA A 747 44.98 6.69 -15.91
C ALA A 747 44.33 6.98 -14.56
N ALA A 748 44.31 8.25 -14.19
CA ALA A 748 43.86 8.69 -12.87
C ALA A 748 42.38 8.38 -12.60
N PHE A 749 41.56 8.41 -13.65
CA PHE A 749 40.11 8.11 -13.51
C PHE A 749 39.81 6.70 -13.00
N VAL A 750 40.55 5.70 -13.47
CA VAL A 750 40.28 4.27 -13.20
C VAL A 750 40.25 4.02 -11.70
N ASP A 751 41.24 4.58 -11.02
CA ASP A 751 41.38 4.44 -9.59
C ASP A 751 40.22 5.11 -8.89
N PHE A 752 39.88 6.31 -9.34
CA PHE A 752 38.80 7.09 -8.74
C PHE A 752 37.43 6.38 -8.78
N LEU A 753 37.08 5.84 -9.93
CA LEU A 753 35.79 5.16 -10.06
C LEU A 753 35.67 3.93 -9.18
N LEU A 754 36.80 3.28 -8.87
CA LEU A 754 36.83 2.15 -7.94
C LEU A 754 36.66 2.60 -6.48
N GLN A 755 37.15 3.78 -6.13
CA GLN A 755 36.95 4.30 -4.78
C GLN A 755 35.51 4.70 -4.51
N VAL A 756 34.73 4.97 -5.56
CA VAL A 756 33.30 5.31 -5.39
C VAL A 756 32.38 4.37 -6.19
N GLN A 757 32.85 3.15 -6.46
CA GLN A 757 32.12 2.18 -7.31
C GLN A 757 30.67 1.89 -6.87
N ALA A 758 30.42 1.88 -5.55
CA ALA A 758 29.06 1.69 -5.02
C ALA A 758 28.03 2.67 -5.60
N ALA A 759 28.51 3.85 -6.01
CA ALA A 759 27.67 4.91 -6.56
C ALA A 759 27.62 4.96 -8.10
N VAL A 760 28.45 4.18 -8.81
CA VAL A 760 28.54 4.27 -10.28
C VAL A 760 27.74 3.15 -10.92
N PRO A 761 26.56 3.46 -11.48
CA PRO A 761 25.76 2.38 -12.05
C PRO A 761 26.40 1.83 -13.32
N GLY A 762 26.34 0.51 -13.49
CA GLY A 762 26.87 -0.14 -14.69
C GLY A 762 28.36 -0.07 -14.87
N LEU A 763 29.10 0.09 -13.77
CA LEU A 763 30.56 0.26 -13.85
C LEU A 763 31.30 -0.88 -14.59
N PRO A 764 30.93 -2.17 -14.32
CA PRO A 764 31.63 -3.28 -14.95
C PRO A 764 31.51 -3.38 -16.47
N SER A 765 30.43 -2.86 -17.05
CA SER A 765 30.16 -3.10 -18.48
C SER A 765 29.91 -1.87 -19.33
N ARG A 766 29.29 -0.84 -18.76
CA ARG A 766 28.73 0.25 -19.54
C ARG A 766 29.53 1.57 -19.47
N VAL A 767 30.59 1.62 -18.67
CA VAL A 767 31.54 2.74 -18.69
C VAL A 767 32.71 2.37 -19.62
N LYS A 768 32.85 3.08 -20.73
CA LYS A 768 33.65 2.64 -21.88
C LYS A 768 34.71 3.65 -22.31
N CYS A 769 35.62 3.19 -23.16
CA CYS A 769 36.74 4.00 -23.66
C CYS A 769 36.42 4.56 -25.04
N GLY A 770 36.78 5.83 -25.25
CA GLY A 770 36.77 6.47 -26.58
C GLY A 770 38.13 6.42 -27.29
N SER A 771 39.17 6.17 -26.50
CA SER A 771 40.56 6.12 -26.94
C SER A 771 41.37 5.31 -25.90
N PRO A 772 42.59 4.87 -26.20
CA PRO A 772 43.24 4.96 -27.50
C PRO A 772 43.04 3.70 -28.33
N GLY A 773 43.26 3.78 -29.65
CA GLY A 773 43.23 2.62 -30.56
C GLY A 773 42.12 1.60 -30.35
N GLN A 774 42.52 0.36 -30.08
CA GLN A 774 41.64 -0.80 -30.04
C GLN A 774 40.75 -0.87 -28.79
N LEU A 775 40.98 0.01 -27.81
CA LEU A 775 40.12 0.12 -26.63
C LEU A 775 38.83 0.95 -26.87
N GLN A 776 38.78 1.72 -27.95
CA GLN A 776 37.57 2.48 -28.29
C GLN A 776 36.33 1.58 -28.42
N GLY A 777 35.31 1.86 -27.61
CA GLY A 777 34.05 1.13 -27.65
C GLY A 777 34.03 -0.12 -26.79
N ARG A 778 35.06 -0.27 -25.95
CA ARG A 778 35.19 -1.39 -25.05
C ARG A 778 35.32 -0.88 -23.62
N SER A 779 34.96 -1.75 -22.67
CA SER A 779 34.89 -1.37 -21.25
C SER A 779 36.24 -0.95 -20.73
N ILE A 780 36.22 -0.16 -19.65
CA ILE A 780 37.45 0.26 -18.98
C ILE A 780 38.22 -0.93 -18.39
N PHE A 781 37.52 -2.00 -18.05
CA PHE A 781 38.13 -3.24 -17.56
C PHE A 781 38.42 -4.29 -18.65
N ALA A 782 38.37 -3.91 -19.93
CA ALA A 782 38.69 -4.86 -21.01
C ALA A 782 40.18 -5.21 -21.05
N GLN A 783 41.01 -4.39 -20.42
CA GLN A 783 42.41 -4.73 -20.10
C GLN A 783 42.77 -4.01 -18.79
N ASP A 784 43.68 -4.60 -18.01
CA ASP A 784 44.00 -4.05 -16.68
C ASP A 784 44.85 -2.79 -16.85
N LEU A 785 44.31 -1.65 -16.42
CA LEU A 785 44.97 -0.37 -16.63
C LEU A 785 46.08 -0.09 -15.60
N ARG A 786 45.98 -0.68 -14.40
CA ARG A 786 47.01 -0.53 -13.35
C ARG A 786 48.03 -1.68 -13.44
N THR D 7 32.27 -6.94 12.49
CA THR D 7 32.53 -5.66 13.25
C THR D 7 31.26 -5.10 13.87
N LEU D 8 31.43 -4.11 14.77
CA LEU D 8 30.37 -3.59 15.61
C LEU D 8 29.19 -2.96 14.87
N PRO D 9 28.04 -2.81 15.56
CA PRO D 9 26.99 -1.94 15.05
C PRO D 9 27.46 -0.47 15.08
N PRO D 10 27.23 0.26 14.00
CA PRO D 10 27.85 1.56 13.80
C PRO D 10 27.56 2.66 14.84
N PHE D 11 26.39 2.65 15.46
CA PHE D 11 26.01 3.72 16.40
C PHE D 11 25.74 3.23 17.84
N LEU D 12 26.56 2.34 18.39
CA LEU D 12 26.38 1.88 19.78
C LEU D 12 26.23 3.06 20.77
N PRO D 13 25.35 3.00 21.77
CA PRO D 13 24.43 1.91 22.05
C PRO D 13 23.09 2.00 21.28
N CYS D 14 22.92 3.03 20.46
CA CYS D 14 21.72 3.21 19.65
C CYS D 14 21.65 2.22 18.47
N GLU D 15 20.53 2.23 17.75
CA GLU D 15 20.25 1.26 16.70
C GLU D 15 19.97 1.99 15.37
N LEU D 16 20.75 1.69 14.33
CA LEU D 16 20.54 2.25 13.01
C LEU D 16 19.32 1.63 12.33
N GLN D 17 18.29 2.42 12.10
CA GLN D 17 17.06 1.97 11.45
C GLN D 17 16.94 2.56 10.03
N PRO D 18 15.89 2.15 9.27
CA PRO D 18 15.70 2.68 7.89
C PRO D 18 15.45 4.20 7.74
N HIS D 19 15.60 4.69 6.51
CA HIS D 19 15.43 6.12 6.18
C HIS D 19 16.33 6.98 7.06
N GLY D 20 17.58 6.53 7.23
CA GLY D 20 18.61 7.25 8.00
C GLY D 20 18.29 7.66 9.43
N LEU D 21 17.58 6.80 10.17
CA LEU D 21 17.20 7.06 11.57
C LEU D 21 18.13 6.37 12.55
N VAL D 22 18.72 7.13 13.46
CA VAL D 22 19.49 6.58 14.56
C VAL D 22 18.60 6.69 15.79
N ASN D 23 18.21 5.52 16.31
CA ASN D 23 17.24 5.41 17.41
C ASN D 23 17.94 5.13 18.74
N CYS D 24 17.99 6.14 19.61
CA CYS D 24 18.52 6.00 20.96
C CYS D 24 17.43 5.97 22.01
N ASN D 25 16.23 5.52 21.66
CA ASN D 25 15.10 5.59 22.58
C ASN D 25 15.26 4.64 23.76
N TRP D 26 14.86 5.12 24.94
CA TRP D 26 14.74 4.29 26.13
C TRP D 26 16.03 3.61 26.61
N LEU D 27 17.19 4.23 26.34
CA LEU D 27 18.49 3.70 26.78
C LEU D 27 19.01 4.33 28.07
N PHE D 28 18.17 5.10 28.76
CA PHE D 28 18.52 5.69 30.06
C PHE D 28 19.82 6.49 30.03
N LEU D 29 20.04 7.20 28.92
CA LEU D 29 21.26 7.95 28.71
C LEU D 29 21.24 9.24 29.53
N LYS D 30 22.40 9.58 30.12
CA LYS D 30 22.58 10.80 30.91
C LYS D 30 23.03 11.98 30.05
N SER D 31 23.70 11.69 28.93
CA SER D 31 24.01 12.72 27.92
C SER D 31 23.97 12.12 26.51
N VAL D 32 24.10 12.98 25.50
CA VAL D 32 23.97 12.57 24.09
C VAL D 32 25.22 11.79 23.71
N PRO D 33 25.07 10.59 23.12
CA PRO D 33 26.26 9.86 22.69
C PRO D 33 26.94 10.53 21.51
N HIS D 34 28.27 10.45 21.47
CA HIS D 34 29.05 11.18 20.46
C HIS D 34 29.25 10.42 19.15
N PHE D 35 29.48 9.11 19.23
CA PHE D 35 29.74 8.22 18.07
C PHE D 35 31.11 8.51 17.46
N SER D 36 31.98 7.49 17.34
CA SER D 36 33.33 7.72 16.81
C SER D 36 33.26 8.19 15.35
N ALA D 37 34.35 8.79 14.89
CA ALA D 37 34.46 9.27 13.50
C ALA D 37 34.33 8.16 12.44
N ALA D 38 34.58 6.91 12.85
CA ALA D 38 34.36 5.74 12.01
C ALA D 38 32.91 5.55 11.57
N ALA D 39 31.95 6.05 12.36
CA ALA D 39 30.54 5.95 12.02
C ALA D 39 30.15 6.95 10.92
N PRO D 40 29.28 6.55 9.97
CA PRO D 40 28.81 7.47 8.93
C PRO D 40 27.77 8.47 9.46
N ARG D 41 28.24 9.50 10.14
CA ARG D 41 27.38 10.53 10.77
C ARG D 41 26.58 11.43 9.79
N ASP D 42 26.72 11.19 8.47
CA ASP D 42 26.08 12.00 7.43
C ASP D 42 24.96 11.29 6.69
N ASN D 43 25.03 9.96 6.57
CA ASN D 43 23.83 9.15 6.28
C ASN D 43 22.74 9.33 7.41
N VAL D 44 23.10 9.99 8.53
CA VAL D 44 22.16 10.29 9.65
C VAL D 44 21.23 11.50 9.40
N THR D 45 20.00 11.20 8.99
CA THR D 45 18.96 12.20 8.65
C THR D 45 17.98 12.48 9.79
N SER D 46 17.89 11.57 10.76
CA SER D 46 17.00 11.72 11.90
C SER D 46 17.62 11.09 13.15
N LEU D 47 17.42 11.71 14.31
CA LEU D 47 18.01 11.24 15.58
C LEU D 47 16.98 11.25 16.71
N SER D 48 16.71 10.07 17.28
CA SER D 48 15.67 9.94 18.29
C SER D 48 16.29 9.65 19.65
N LEU D 49 15.98 10.48 20.64
CA LEU D 49 16.48 10.31 21.99
C LEU D 49 15.31 10.33 22.98
N LEU D 50 14.21 9.66 22.59
CA LEU D 50 12.97 9.69 23.38
C LEU D 50 13.14 9.05 24.77
N SER D 51 12.69 9.76 25.80
CA SER D 51 12.55 9.19 27.14
C SER D 51 13.84 8.65 27.76
N ASN D 52 14.97 9.26 27.43
CA ASN D 52 16.22 9.04 28.18
C ASN D 52 16.22 10.00 29.41
N ARG D 53 17.38 10.28 30.01
CA ARG D 53 17.46 11.21 31.15
C ARG D 53 18.61 12.21 30.94
N ILE D 54 18.62 12.81 29.77
CA ILE D 54 19.59 13.82 29.40
C ILE D 54 19.06 15.15 29.91
N HIS D 55 19.70 15.67 30.97
CA HIS D 55 19.34 16.97 31.58
C HIS D 55 20.23 18.13 31.15
N HIS D 56 21.37 17.84 30.48
CA HIS D 56 22.35 18.87 30.08
C HIS D 56 22.71 18.70 28.57
N LEU D 57 22.37 19.71 27.78
CA LEU D 57 22.64 19.73 26.33
C LEU D 57 23.77 20.69 25.96
N HIS D 58 24.74 20.19 25.17
CA HIS D 58 25.99 20.90 24.89
C HIS D 58 26.11 21.35 23.42
N ASP D 59 27.11 22.18 23.14
CA ASP D 59 27.41 22.61 21.78
C ASP D 59 27.91 21.45 20.90
N SER D 60 28.80 20.63 21.45
CA SER D 60 29.38 19.49 20.73
C SER D 60 28.43 18.30 20.48
N ASP D 61 27.29 18.26 21.17
CA ASP D 61 26.39 17.09 21.12
C ASP D 61 25.85 16.76 19.73
N PHE D 62 25.51 17.77 18.94
CA PHE D 62 24.99 17.53 17.59
C PHE D 62 25.86 18.08 16.47
N ALA D 63 27.04 18.61 16.82
CA ALA D 63 27.88 19.34 15.85
C ALA D 63 28.30 18.46 14.68
N GLN D 64 28.67 17.21 14.99
CA GLN D 64 29.18 16.28 14.00
C GLN D 64 28.10 15.56 13.17
N LEU D 65 26.83 15.94 13.31
CA LEU D 65 25.73 15.29 12.58
C LEU D 65 25.24 16.23 11.50
N SER D 66 26.12 16.48 10.53
CA SER D 66 26.03 17.64 9.65
C SER D 66 24.90 17.61 8.64
N ASN D 67 24.24 16.47 8.45
CA ASN D 67 23.02 16.40 7.62
C ASN D 67 21.72 16.07 8.41
N LEU D 68 21.69 16.42 9.69
CA LEU D 68 20.56 16.10 10.57
C LEU D 68 19.34 16.99 10.26
N GLN D 69 18.21 16.36 9.96
CA GLN D 69 16.95 17.03 9.66
C GLN D 69 15.93 16.95 10.79
N LYS D 70 15.90 15.85 11.56
CA LYS D 70 14.91 15.66 12.64
C LYS D 70 15.56 15.25 13.97
N LEU D 71 15.21 15.94 15.04
CA LEU D 71 15.74 15.65 16.38
C LEU D 71 14.61 15.57 17.39
N ASN D 72 14.41 14.39 17.98
CA ASN D 72 13.41 14.18 19.05
C ASN D 72 14.11 14.05 20.42
N LEU D 73 13.81 14.97 21.33
CA LEU D 73 14.41 14.98 22.66
C LEU D 73 13.34 14.96 23.77
N LYS D 74 12.21 14.33 23.44
CA LYS D 74 11.00 14.36 24.26
C LYS D 74 11.18 13.53 25.52
N TRP D 75 10.56 13.97 26.61
CA TRP D 75 10.47 13.19 27.85
C TRP D 75 11.82 12.97 28.57
N ASN D 76 12.83 13.78 28.26
CA ASN D 76 14.14 13.59 28.85
C ASN D 76 14.28 14.21 30.23
N CYS D 77 13.51 15.25 30.51
CA CYS D 77 13.67 16.01 31.74
C CYS D 77 12.32 16.56 32.19
N PRO D 78 11.40 15.64 32.54
CA PRO D 78 10.00 16.03 32.71
C PRO D 78 9.77 16.90 33.94
N PRO D 79 8.98 17.99 33.79
CA PRO D 79 8.51 18.78 34.93
C PRO D 79 7.89 17.91 35.99
N ALA D 80 7.94 18.38 37.23
CA ALA D 80 7.50 17.59 38.39
C ALA D 80 6.10 17.00 38.23
N GLY D 81 5.16 17.78 37.70
CA GLY D 81 3.79 17.31 37.50
C GLY D 81 3.62 16.14 36.53
N LEU D 82 4.55 15.98 35.60
CA LEU D 82 4.53 14.91 34.61
C LEU D 82 5.50 13.77 34.90
N SER D 83 6.46 14.04 35.78
CA SER D 83 7.33 13.00 36.33
C SER D 83 6.47 11.94 37.03
N PRO D 84 6.58 10.67 36.62
CA PRO D 84 5.81 9.65 37.29
C PRO D 84 5.86 9.64 38.83
N MET D 85 6.92 10.21 39.43
CA MET D 85 7.05 10.29 40.89
C MET D 85 7.29 11.70 41.37
N HIS D 86 6.76 12.66 40.63
CA HIS D 86 6.92 14.11 40.91
C HIS D 86 8.33 14.63 41.28
N PHE D 87 9.33 14.11 40.57
CA PHE D 87 10.70 14.57 40.66
C PHE D 87 10.93 15.79 39.79
N PRO D 88 11.42 16.90 40.37
CA PRO D 88 11.70 18.08 39.52
C PRO D 88 12.90 17.86 38.61
N CYS D 89 12.94 18.65 37.53
CA CYS D 89 14.00 18.54 36.54
C CYS D 89 14.08 19.84 35.75
N HIS D 90 15.25 20.50 35.77
CA HIS D 90 15.55 21.60 34.85
C HIS D 90 16.60 21.13 33.82
N MET D 91 16.42 21.57 32.57
CA MET D 91 17.32 21.21 31.46
C MET D 91 18.10 22.45 31.00
N THR D 92 19.43 22.36 31.03
CA THR D 92 20.33 23.43 30.60
C THR D 92 20.71 23.20 29.15
N ILE D 93 20.62 24.24 28.34
CA ILE D 93 21.00 24.17 26.92
C ILE D 93 22.10 25.21 26.70
N GLU D 94 23.25 24.78 26.16
CA GLU D 94 24.32 25.72 25.82
C GLU D 94 23.90 26.51 24.57
N PRO D 95 24.18 27.84 24.55
CA PRO D 95 23.50 28.69 23.56
C PRO D 95 23.64 28.32 22.08
N ASN D 96 24.65 27.53 21.71
CA ASN D 96 24.87 27.14 20.30
C ASN D 96 24.45 25.71 19.99
N THR D 97 23.76 25.07 20.93
CA THR D 97 23.38 23.65 20.87
C THR D 97 22.75 23.26 19.55
N PHE D 98 21.73 24.03 19.16
CA PHE D 98 20.95 23.74 17.95
C PHE D 98 21.43 24.51 16.74
N LEU D 99 22.13 25.64 16.97
CA LEU D 99 22.76 26.42 15.88
C LEU D 99 23.81 25.60 15.15
N ALA D 100 24.53 24.74 15.88
CA ALA D 100 25.52 23.83 15.29
C ALA D 100 24.94 22.81 14.29
N VAL D 101 23.61 22.68 14.23
CA VAL D 101 22.94 21.87 13.23
C VAL D 101 22.16 22.78 12.27
N PRO D 102 22.87 23.37 11.29
CA PRO D 102 22.21 24.31 10.37
C PRO D 102 21.17 23.67 9.44
N THR D 103 21.22 22.35 9.29
CA THR D 103 20.27 21.59 8.47
C THR D 103 18.99 21.15 9.19
N LEU D 104 18.89 21.44 10.49
CA LEU D 104 17.78 20.95 11.31
C LEU D 104 16.41 21.51 10.86
N GLU D 105 15.46 20.60 10.61
CA GLU D 105 14.11 20.93 10.14
C GLU D 105 12.97 20.72 11.16
N GLU D 106 13.03 19.67 11.97
CA GLU D 106 11.98 19.40 12.98
C GLU D 106 12.62 19.10 14.32
N LEU D 107 12.11 19.72 15.38
CA LEU D 107 12.64 19.50 16.74
C LEU D 107 11.50 19.28 17.72
N ASN D 108 11.68 18.29 18.59
CA ASN D 108 10.75 17.98 19.66
C ASN D 108 11.50 18.12 20.99
N LEU D 109 11.19 19.20 21.72
CA LEU D 109 11.77 19.46 23.06
C LEU D 109 10.66 19.35 24.12
N SER D 110 9.60 18.62 23.80
CA SER D 110 8.46 18.47 24.71
C SER D 110 8.76 17.55 25.90
N TYR D 111 7.95 17.70 26.96
CA TYR D 111 8.12 16.97 28.23
C TYR D 111 9.58 17.11 28.71
N ASN D 112 9.99 18.37 28.86
CA ASN D 112 11.33 18.76 29.31
C ASN D 112 11.24 20.08 30.09
N GLY D 113 11.84 20.13 31.28
CA GLY D 113 11.89 21.37 32.08
C GLY D 113 12.81 22.47 31.54
N ILE D 114 12.27 23.30 30.65
CA ILE D 114 12.93 24.51 30.17
C ILE D 114 11.96 25.68 30.26
N THR D 115 12.48 26.84 30.66
CA THR D 115 11.69 28.05 30.89
C THR D 115 11.90 29.13 29.83
N THR D 116 12.89 28.99 28.95
CA THR D 116 13.03 29.84 27.76
C THR D 116 13.36 29.02 26.53
N VAL D 117 12.98 29.56 25.37
CA VAL D 117 13.30 28.97 24.07
C VAL D 117 14.78 29.20 23.77
N PRO D 118 15.49 28.16 23.31
CA PRO D 118 16.88 28.34 22.90
C PRO D 118 17.03 28.86 21.47
N ALA D 119 18.25 29.29 21.14
CA ALA D 119 18.57 29.74 19.81
C ALA D 119 18.43 28.57 18.85
N LEU D 120 17.79 28.82 17.72
CA LEU D 120 17.45 27.78 16.74
C LEU D 120 17.83 28.18 15.31
N PRO D 121 18.33 27.22 14.50
CA PRO D 121 18.74 27.57 13.16
C PRO D 121 17.55 28.00 12.31
N SER D 122 17.79 28.98 11.43
CA SER D 122 16.76 29.51 10.53
C SER D 122 16.05 28.45 9.66
N SER D 123 16.73 27.32 9.40
CA SER D 123 16.19 26.17 8.66
C SER D 123 14.95 25.49 9.26
N LEU D 124 14.74 25.63 10.57
CA LEU D 124 13.68 24.95 11.31
C LEU D 124 12.28 25.19 10.73
N VAL D 125 11.65 24.09 10.31
CA VAL D 125 10.28 24.05 9.76
C VAL D 125 9.25 23.68 10.84
N SER D 126 9.66 22.97 11.89
CA SER D 126 8.75 22.50 12.95
C SER D 126 9.37 22.53 14.36
N LEU D 127 8.64 23.10 15.31
CA LEU D 127 9.09 23.19 16.69
C LEU D 127 7.96 22.76 17.61
N ILE D 128 8.24 21.80 18.48
CA ILE D 128 7.28 21.30 19.50
C ILE D 128 7.85 21.62 20.89
N LEU D 129 7.14 22.49 21.62
CA LEU D 129 7.54 22.90 22.97
C LEU D 129 6.53 22.54 24.05
N SER D 130 5.65 21.58 23.76
CA SER D 130 4.55 21.24 24.64
C SER D 130 5.00 20.59 25.95
N ARG D 131 4.21 20.74 27.01
CA ARG D 131 4.56 20.25 28.37
C ARG D 131 6.00 20.60 28.77
N THR D 132 6.37 21.85 28.51
CA THR D 132 7.61 22.44 29.03
C THR D 132 7.20 23.43 30.13
N ASN D 133 8.15 24.22 30.64
CA ASN D 133 7.83 25.26 31.62
C ASN D 133 7.96 26.67 31.02
N ILE D 134 7.84 26.78 29.71
CA ILE D 134 7.91 28.08 29.03
C ILE D 134 6.60 28.80 29.29
N LEU D 135 6.68 29.94 30.00
CA LEU D 135 5.50 30.72 30.41
C LEU D 135 5.30 32.02 29.63
N GLN D 136 6.16 32.30 28.66
CA GLN D 136 6.11 33.58 27.93
C GLN D 136 6.67 33.43 26.53
N LEU D 137 5.99 34.06 25.57
CA LEU D 137 6.48 34.14 24.20
C LEU D 137 6.41 35.60 23.74
N ASP D 138 7.57 36.11 23.31
CA ASP D 138 7.74 37.46 22.78
C ASP D 138 8.74 37.36 21.63
N PRO D 139 8.87 38.43 20.81
CA PRO D 139 9.59 38.22 19.53
C PRO D 139 11.05 37.79 19.65
N THR D 140 11.70 38.08 20.79
CA THR D 140 13.08 37.65 21.05
C THR D 140 13.20 36.11 21.18
N SER D 141 12.10 35.44 21.56
CA SER D 141 12.02 33.96 21.67
C SER D 141 12.37 33.16 20.41
N LEU D 142 11.77 33.56 19.30
CA LEU D 142 11.82 32.79 18.05
C LEU D 142 12.49 33.59 16.92
N THR D 143 13.61 34.21 17.24
CA THR D 143 14.33 35.11 16.35
C THR D 143 14.82 34.38 15.09
N GLY D 144 14.56 34.96 13.92
CA GLY D 144 15.07 34.46 12.64
C GLY D 144 14.60 33.10 12.16
N LEU D 145 13.36 32.73 12.48
CA LEU D 145 12.78 31.46 12.04
C LEU D 145 11.72 31.73 10.98
N HIS D 146 12.16 32.29 9.88
CA HIS D 146 11.26 32.70 8.81
C HIS D 146 10.73 31.50 7.99
N ALA D 147 11.40 30.35 8.07
CA ALA D 147 10.92 29.12 7.41
C ALA D 147 9.92 28.31 8.24
N LEU D 148 9.73 28.67 9.51
CA LEU D 148 8.92 27.89 10.46
C LEU D 148 7.43 27.84 10.06
N ARG D 149 6.91 26.62 9.89
CA ARG D 149 5.52 26.40 9.53
C ARG D 149 4.65 25.79 10.66
N PHE D 150 5.27 25.08 11.62
CA PHE D 150 4.57 24.39 12.74
C PHE D 150 5.10 24.78 14.12
N LEU D 151 4.25 25.38 14.95
CA LEU D 151 4.56 25.61 16.37
C LEU D 151 3.53 24.94 17.28
N TYR D 152 3.97 23.96 18.05
CA TYR D 152 3.09 23.22 18.96
C TYR D 152 3.57 23.50 20.40
N MET D 153 2.76 24.20 21.18
CA MET D 153 3.11 24.42 22.56
C MET D 153 1.91 24.31 23.50
N ASP D 154 1.45 23.08 23.64
CA ASP D 154 0.35 22.74 24.52
C ASP D 154 0.84 22.39 25.91
N GLY D 155 -0.01 22.61 26.91
CA GLY D 155 0.20 22.02 28.23
C GLY D 155 1.32 22.61 29.05
N ASN D 156 1.54 23.92 28.91
CA ASN D 156 2.52 24.63 29.73
C ASN D 156 1.92 25.27 30.97
N CYS D 157 0.60 25.19 31.16
CA CYS D 157 -0.02 25.62 32.42
C CYS D 157 -1.41 25.03 32.60
N TYR D 158 -1.45 23.85 33.22
CA TYR D 158 -2.71 23.14 33.46
C TYR D 158 -2.60 22.22 34.68
N TYR D 159 -3.65 21.45 35.01
CA TYR D 159 -3.64 20.61 36.25
C TYR D 159 -2.37 19.76 36.45
N LYS D 160 -1.84 19.21 35.35
CA LYS D 160 -0.67 18.35 35.42
C LYS D 160 0.66 19.09 35.31
N ASN D 161 0.65 20.39 35.05
CA ASN D 161 1.88 21.17 34.86
C ASN D 161 1.57 22.61 35.24
N PRO D 162 1.22 22.83 36.52
CA PRO D 162 0.74 24.15 36.96
C PRO D 162 1.82 25.22 36.95
N CYS D 163 1.37 26.47 36.88
CA CYS D 163 2.26 27.65 36.86
C CYS D 163 1.79 28.82 37.76
N GLY D 164 0.48 28.96 37.99
CA GLY D 164 -0.08 29.99 38.89
C GLY D 164 -0.58 31.23 38.17
N ARG D 165 -0.68 31.17 36.85
CA ARG D 165 -1.03 32.33 36.04
C ARG D 165 -1.37 31.86 34.63
N ALA D 166 -1.68 32.80 33.73
CA ALA D 166 -1.83 32.48 32.32
C ALA D 166 -0.45 32.50 31.66
N LEU D 167 -0.28 31.68 30.63
CA LEU D 167 0.81 31.87 29.68
C LEU D 167 0.67 33.24 29.02
N GLU D 168 1.78 33.96 28.87
CA GLU D 168 1.78 35.36 28.37
C GLU D 168 2.40 35.48 26.98
N VAL D 169 1.55 35.39 25.97
CA VAL D 169 1.94 35.61 24.58
C VAL D 169 1.71 37.09 24.32
N ALA D 170 2.79 37.87 24.25
CA ALA D 170 2.68 39.30 24.03
C ALA D 170 2.08 39.64 22.65
N PRO D 171 1.33 40.75 22.54
CA PRO D 171 0.80 41.17 21.25
C PRO D 171 1.83 41.24 20.12
N GLY D 172 1.53 40.61 18.98
CA GLY D 172 2.44 40.60 17.83
C GLY D 172 3.69 39.75 18.00
N ALA D 173 3.72 38.91 19.04
CA ALA D 173 4.95 38.17 19.38
C ALA D 173 5.42 37.21 18.30
N LEU D 174 4.47 36.63 17.57
CA LEU D 174 4.80 35.65 16.54
C LEU D 174 4.76 36.22 15.13
N LEU D 175 4.49 37.52 14.97
CA LEU D 175 4.37 38.14 13.63
C LEU D 175 5.61 38.00 12.75
N GLY D 176 6.80 37.98 13.38
CA GLY D 176 8.06 37.63 12.71
C GLY D 176 8.08 36.34 11.90
N LEU D 177 7.14 35.43 12.17
CA LEU D 177 7.00 34.12 11.51
C LEU D 177 6.06 34.19 10.32
N GLY D 178 6.63 34.54 9.16
CA GLY D 178 5.86 34.72 7.92
C GLY D 178 5.26 33.47 7.32
N ASN D 179 5.90 32.32 7.55
CA ASN D 179 5.44 31.01 7.00
C ASN D 179 4.54 30.19 7.98
N LEU D 180 4.30 30.68 9.19
CA LEU D 180 3.63 29.89 10.23
C LEU D 180 2.18 29.53 9.88
N THR D 181 1.95 28.24 9.58
CA THR D 181 0.61 27.73 9.26
C THR D 181 -0.09 27.02 10.43
N HIS D 182 0.68 26.36 11.30
CA HIS D 182 0.12 25.56 12.40
C HIS D 182 0.54 26.09 13.77
N LEU D 183 -0.42 26.57 14.57
CA LEU D 183 -0.18 26.98 15.94
C LEU D 183 -1.10 26.23 16.90
N SER D 184 -0.56 25.79 18.03
CA SER D 184 -1.35 25.11 19.06
C SER D 184 -0.91 25.55 20.42
N LEU D 185 -1.87 25.98 21.24
CA LEU D 185 -1.59 26.49 22.57
C LEU D 185 -2.71 26.02 23.53
N LYS D 186 -2.97 24.72 23.49
CA LYS D 186 -3.98 24.10 24.34
C LYS D 186 -3.46 23.93 25.78
N TYR D 187 -4.38 23.91 26.75
CA TYR D 187 -4.04 23.63 28.16
C TYR D 187 -2.97 24.58 28.67
N ASN D 188 -3.13 25.88 28.38
CA ASN D 188 -2.16 26.90 28.80
C ASN D 188 -2.76 27.95 29.74
N ASN D 189 -4.01 27.76 30.17
CA ASN D 189 -4.68 28.66 31.13
C ASN D 189 -4.90 30.05 30.54
N LEU D 190 -5.07 30.11 29.22
CA LEU D 190 -5.35 31.36 28.54
C LEU D 190 -6.79 31.80 28.84
N THR D 191 -6.98 33.11 28.97
CA THR D 191 -8.30 33.72 29.13
C THR D 191 -8.74 34.52 27.90
N THR D 192 -7.80 34.92 27.06
CA THR D 192 -8.11 35.64 25.82
C THR D 192 -7.22 35.09 24.74
N VAL D 193 -7.65 35.24 23.50
CA VAL D 193 -6.84 34.86 22.34
C VAL D 193 -5.65 35.84 22.29
N PRO D 194 -4.44 35.35 21.96
CA PRO D 194 -3.30 36.28 21.81
C PRO D 194 -3.47 37.30 20.65
N ARG D 195 -3.13 38.56 20.92
CA ARG D 195 -3.33 39.64 19.95
C ARG D 195 -2.36 39.53 18.77
N SER D 196 -2.88 39.72 17.56
CA SER D 196 -2.09 39.79 16.33
C SER D 196 -1.18 38.58 16.10
N LEU D 197 -1.80 37.48 15.69
CA LEU D 197 -1.06 36.30 15.29
C LEU D 197 -0.88 36.40 13.77
N PRO D 198 0.11 35.66 13.20
CA PRO D 198 0.40 35.81 11.76
C PRO D 198 -0.82 35.52 10.89
N PRO D 199 -1.16 36.44 9.96
CA PRO D 199 -2.22 36.20 8.96
C PRO D 199 -2.06 34.90 8.17
N SER D 200 -0.82 34.43 8.03
CA SER D 200 -0.51 33.12 7.44
C SER D 200 -1.10 31.88 8.15
N LEU D 201 -1.59 32.01 9.38
CA LEU D 201 -2.14 30.86 10.12
C LEU D 201 -3.28 30.14 9.40
N GLU D 202 -3.15 28.82 9.27
CA GLU D 202 -4.17 27.96 8.69
C GLU D 202 -4.87 27.05 9.73
N TYR D 203 -4.12 26.55 10.72
CA TYR D 203 -4.67 25.72 11.81
C TYR D 203 -4.37 26.41 13.14
N LEU D 204 -5.40 26.86 13.85
CA LEU D 204 -5.23 27.49 15.18
C LEU D 204 -5.99 26.71 16.26
N LEU D 205 -5.25 26.12 17.19
CA LEU D 205 -5.81 25.22 18.21
C LEU D 205 -5.63 25.80 19.62
N LEU D 206 -6.74 26.23 20.23
CA LEU D 206 -6.72 26.89 21.55
C LEU D 206 -7.64 26.20 22.56
N SER D 207 -7.91 24.91 22.35
CA SER D 207 -8.83 24.16 23.21
C SER D 207 -8.32 23.92 24.63
N TYR D 208 -9.25 23.72 25.57
CA TYR D 208 -8.94 23.50 27.01
C TYR D 208 -8.11 24.61 27.65
N ASN D 209 -8.44 25.85 27.30
CA ASN D 209 -7.98 27.03 28.01
C ASN D 209 -9.21 27.52 28.81
N HIS D 210 -9.30 28.79 29.15
CA HIS D 210 -10.52 29.36 29.76
C HIS D 210 -10.92 30.64 29.03
N ILE D 211 -10.90 30.56 27.70
CA ILE D 211 -11.35 31.64 26.83
C ILE D 211 -12.87 31.54 26.79
N VAL D 212 -13.53 32.36 27.60
CA VAL D 212 -14.98 32.29 27.77
C VAL D 212 -15.76 33.26 26.84
N THR D 213 -15.13 34.34 26.38
CA THR D 213 -15.71 35.29 25.41
C THR D 213 -14.96 35.26 24.08
N LEU D 214 -15.69 35.34 22.98
CA LEU D 214 -15.09 35.52 21.66
C LEU D 214 -15.87 36.59 20.90
N ALA D 215 -15.19 37.25 19.96
CA ALA D 215 -15.78 38.27 19.06
C ALA D 215 -14.93 38.33 17.77
N PRO D 216 -15.38 39.07 16.74
CA PRO D 216 -14.50 39.15 15.55
C PRO D 216 -13.12 39.82 15.78
N GLU D 217 -13.00 40.69 16.80
CA GLU D 217 -11.68 41.28 17.17
C GLU D 217 -10.67 40.21 17.57
N ASP D 218 -11.14 39.21 18.31
CA ASP D 218 -10.28 38.13 18.81
C ASP D 218 -9.62 37.27 17.71
N LEU D 219 -10.21 37.24 16.52
CA LEU D 219 -9.66 36.52 15.36
C LEU D 219 -9.32 37.48 14.20
N ALA D 220 -8.81 38.66 14.53
CA ALA D 220 -8.58 39.72 13.54
C ALA D 220 -7.48 39.30 12.58
N ASN D 221 -7.74 39.51 11.28
CA ASN D 221 -6.76 39.28 10.20
C ASN D 221 -6.39 37.81 9.97
N LEU D 222 -7.21 36.87 10.43
CA LEU D 222 -6.84 35.46 10.31
C LEU D 222 -7.70 34.82 9.25
N THR D 223 -7.70 35.43 8.06
CA THR D 223 -8.58 35.00 6.98
C THR D 223 -8.09 33.71 6.30
N ALA D 224 -6.85 33.29 6.56
CA ALA D 224 -6.33 32.03 5.97
C ALA D 224 -6.78 30.75 6.70
N LEU D 225 -7.43 30.90 7.87
CA LEU D 225 -7.80 29.78 8.74
C LEU D 225 -8.64 28.73 8.04
N ARG D 226 -8.10 27.52 7.97
CA ARG D 226 -8.82 26.37 7.48
C ARG D 226 -9.39 25.53 8.64
N VAL D 227 -8.72 25.51 9.79
CA VAL D 227 -9.23 24.82 11.01
C VAL D 227 -9.08 25.72 12.23
N LEU D 228 -10.14 25.79 13.04
CA LEU D 228 -10.10 26.52 14.30
C LEU D 228 -10.74 25.65 15.40
N ASP D 229 -9.93 25.24 16.38
CA ASP D 229 -10.40 24.53 17.59
C ASP D 229 -10.44 25.51 18.76
N VAL D 230 -11.65 25.70 19.30
CA VAL D 230 -11.86 26.48 20.53
C VAL D 230 -12.70 25.74 21.58
N GLY D 231 -12.78 24.41 21.46
CA GLY D 231 -13.57 23.59 22.37
C GLY D 231 -12.98 23.48 23.78
N GLY D 232 -13.80 23.08 24.74
CA GLY D 232 -13.31 22.85 26.10
C GLY D 232 -12.93 24.07 26.91
N ASN D 233 -13.29 25.27 26.45
CA ASN D 233 -13.06 26.50 27.22
C ASN D 233 -14.15 26.82 28.24
N CYS D 234 -15.33 26.25 28.06
CA CYS D 234 -16.43 26.39 29.01
C CYS D 234 -17.12 25.03 29.16
N ARG D 235 -16.59 24.22 30.06
CA ARG D 235 -16.86 22.78 30.10
C ARG D 235 -18.06 22.42 30.97
N ARG D 236 -18.66 21.28 30.62
CA ARG D 236 -19.64 20.61 31.49
C ARG D 236 -18.89 19.52 32.24
N CYS D 237 -18.68 19.74 33.53
CA CYS D 237 -17.86 18.83 34.33
C CYS D 237 -18.56 17.54 34.71
N ASP D 238 -19.89 17.48 34.58
CA ASP D 238 -20.63 16.21 34.75
C ASP D 238 -20.22 15.10 33.76
N HIS D 239 -19.63 15.50 32.64
CA HIS D 239 -19.04 14.57 31.67
C HIS D 239 -17.50 14.49 31.74
N ALA D 240 -16.85 15.27 32.59
CA ALA D 240 -15.38 15.30 32.64
C ALA D 240 -14.80 14.04 33.27
N ARG D 241 -13.80 13.47 32.60
CA ARG D 241 -12.97 12.40 33.15
C ARG D 241 -11.76 12.95 33.93
N ASN D 242 -11.33 14.16 33.63
CA ASN D 242 -10.11 14.76 34.23
C ASN D 242 -10.54 15.89 35.14
N PRO D 243 -9.58 16.56 35.82
CA PRO D 243 -9.97 17.74 36.60
C PRO D 243 -10.53 18.84 35.72
N CYS D 244 -11.50 19.59 36.26
CA CYS D 244 -12.38 20.43 35.44
C CYS D 244 -12.97 21.58 36.24
N VAL D 245 -13.01 22.76 35.63
CA VAL D 245 -13.70 23.88 36.24
C VAL D 245 -15.00 24.09 35.48
N GLU D 246 -16.11 24.20 36.22
CA GLU D 246 -17.41 24.31 35.57
C GLU D 246 -17.50 25.69 34.95
N CYS D 247 -18.12 25.73 33.78
CA CYS D 247 -18.37 26.96 33.02
C CYS D 247 -19.24 27.93 33.84
N PRO D 248 -18.79 29.20 34.06
CA PRO D 248 -19.61 30.16 34.85
C PRO D 248 -21.01 30.45 34.27
N HIS D 249 -21.95 30.95 35.07
CA HIS D 249 -23.30 31.25 34.54
C HIS D 249 -23.24 32.52 33.69
N LYS D 250 -24.10 32.55 32.66
CA LYS D 250 -24.14 33.58 31.61
C LYS D 250 -22.89 33.54 30.68
N PHE D 251 -22.38 32.33 30.48
CA PHE D 251 -21.24 32.08 29.58
C PHE D 251 -21.44 30.76 28.86
N PRO D 252 -20.78 30.55 27.72
CA PRO D 252 -19.89 31.52 27.07
C PRO D 252 -20.63 32.54 26.23
N GLN D 253 -19.97 33.65 25.93
CA GLN D 253 -20.50 34.68 25.03
C GLN D 253 -19.72 34.66 23.71
N LEU D 254 -20.32 34.06 22.68
CA LEU D 254 -19.78 34.09 21.33
C LEU D 254 -20.63 35.04 20.52
N HIS D 255 -20.05 36.19 20.14
CA HIS D 255 -20.73 37.19 19.30
C HIS D 255 -21.07 36.55 17.93
N SER D 256 -22.21 36.96 17.38
CA SER D 256 -22.79 36.39 16.15
C SER D 256 -21.83 36.24 14.98
N ASP D 257 -21.08 37.31 14.72
CA ASP D 257 -20.28 37.46 13.52
C ASP D 257 -18.83 37.11 13.79
N THR D 258 -18.58 36.29 14.82
CA THR D 258 -17.23 35.96 15.23
C THR D 258 -16.49 35.22 14.12
N PHE D 259 -17.20 34.34 13.41
CA PHE D 259 -16.59 33.53 12.36
C PHE D 259 -16.91 34.02 10.94
N SER D 260 -17.46 35.25 10.84
CA SER D 260 -17.97 35.79 9.57
C SER D 260 -16.89 36.03 8.50
N HIS D 261 -15.71 36.45 8.93
CA HIS D 261 -14.60 36.71 8.02
C HIS D 261 -13.70 35.49 7.77
N LEU D 262 -14.23 34.27 7.92
CA LEU D 262 -13.41 33.05 7.76
C LEU D 262 -13.93 32.18 6.61
N SER D 263 -13.93 32.74 5.40
CA SER D 263 -14.51 32.04 4.24
C SER D 263 -13.84 30.72 3.88
N ARG D 264 -12.55 30.59 4.19
CA ARG D 264 -11.79 29.38 3.88
C ARG D 264 -11.86 28.29 4.96
N LEU D 265 -12.64 28.50 6.03
CA LEU D 265 -12.67 27.55 7.15
C LEU D 265 -13.33 26.21 6.81
N GLU D 266 -12.55 25.15 6.93
CA GLU D 266 -12.95 23.76 6.64
C GLU D 266 -13.45 23.05 7.90
N GLY D 267 -12.78 23.33 9.04
CA GLY D 267 -13.04 22.63 10.30
C GLY D 267 -13.24 23.55 11.50
N LEU D 268 -14.40 23.44 12.15
CA LEU D 268 -14.71 24.22 13.35
C LEU D 268 -15.05 23.30 14.54
N VAL D 269 -14.17 23.28 15.54
CA VAL D 269 -14.41 22.51 16.75
C VAL D 269 -14.98 23.41 17.84
N LEU D 270 -16.22 23.15 18.25
CA LEU D 270 -16.88 23.91 19.34
C LEU D 270 -17.33 22.97 20.46
N LYS D 271 -16.60 21.88 20.66
CA LYS D 271 -17.00 20.88 21.61
C LYS D 271 -16.84 21.36 23.05
N ASP D 272 -17.70 20.88 23.93
CA ASP D 272 -17.55 21.06 25.36
C ASP D 272 -17.49 22.55 25.71
N SER D 273 -18.43 23.28 25.13
CA SER D 273 -18.51 24.71 25.28
C SER D 273 -19.82 25.15 25.97
N SER D 274 -20.55 24.20 26.58
CA SER D 274 -21.77 24.49 27.33
C SER D 274 -22.85 25.26 26.54
N LEU D 275 -22.98 24.92 25.25
CA LEU D 275 -23.92 25.60 24.36
C LEU D 275 -25.31 25.00 24.51
N TYR D 276 -26.29 25.87 24.86
CA TYR D 276 -27.72 25.50 24.89
C TYR D 276 -28.44 25.91 23.60
N GLN D 277 -27.83 26.73 22.76
CA GLN D 277 -28.44 27.21 21.52
C GLN D 277 -27.45 27.54 20.44
N LEU D 278 -27.71 27.06 19.23
CA LEU D 278 -26.84 27.41 18.10
C LEU D 278 -27.34 28.71 17.48
N ASN D 279 -26.48 29.73 17.47
CA ASN D 279 -26.74 30.96 16.74
C ASN D 279 -26.43 30.75 15.26
N PRO D 280 -27.45 30.85 14.36
CA PRO D 280 -27.17 30.55 12.94
C PRO D 280 -26.20 31.52 12.31
N ARG D 281 -26.07 32.70 12.89
CA ARG D 281 -25.15 33.70 12.37
C ARG D 281 -23.69 33.27 12.52
N TRP D 282 -23.39 32.39 13.48
CA TRP D 282 -22.07 31.77 13.58
C TRP D 282 -21.64 31.06 12.29
N PHE D 283 -22.60 30.39 11.64
CA PHE D 283 -22.31 29.60 10.42
C PHE D 283 -22.55 30.32 9.08
N ARG D 284 -22.91 31.61 9.12
CA ARG D 284 -22.96 32.44 7.92
C ARG D 284 -21.54 32.72 7.42
N GLY D 285 -21.37 32.63 6.10
CA GLY D 285 -20.06 32.81 5.48
C GLY D 285 -19.13 31.62 5.65
N LEU D 286 -19.67 30.46 6.04
CA LEU D 286 -18.90 29.22 6.20
C LEU D 286 -19.38 28.20 5.17
N GLY D 287 -19.30 28.60 3.90
CA GLY D 287 -19.76 27.77 2.79
C GLY D 287 -18.76 26.72 2.39
N ASN D 288 -17.52 26.85 2.86
CA ASN D 288 -16.48 25.84 2.65
C ASN D 288 -16.30 24.87 3.83
N LEU D 289 -17.25 24.86 4.77
CA LEU D 289 -17.12 24.08 6.01
C LEU D 289 -17.42 22.60 5.77
N THR D 290 -16.42 21.74 6.05
CA THR D 290 -16.51 20.28 5.87
C THR D 290 -16.61 19.47 7.17
N VAL D 291 -16.14 20.02 8.30
CA VAL D 291 -16.17 19.30 9.58
C VAL D 291 -16.58 20.23 10.71
N LEU D 292 -17.57 19.81 11.50
CA LEU D 292 -18.12 20.62 12.57
C LEU D 292 -18.32 19.75 13.79
N ASP D 293 -17.54 20.00 14.84
CA ASP D 293 -17.65 19.24 16.10
C ASP D 293 -18.37 20.02 17.20
N LEU D 294 -19.57 19.54 17.55
CA LEU D 294 -20.41 20.16 18.56
C LEU D 294 -20.64 19.25 19.79
N SER D 295 -19.69 18.38 20.06
CA SER D 295 -19.89 17.35 21.09
C SER D 295 -19.87 17.94 22.53
N GLU D 296 -20.48 17.22 23.46
CA GLU D 296 -20.46 17.53 24.90
C GLU D 296 -21.03 18.91 25.23
N ASN D 297 -22.03 19.32 24.45
CA ASN D 297 -22.76 20.58 24.67
C ASN D 297 -24.15 20.23 25.17
N PHE D 298 -25.06 21.20 25.26
CA PHE D 298 -26.42 20.94 25.72
C PHE D 298 -27.43 21.18 24.59
N LEU D 299 -27.11 20.69 23.39
CA LEU D 299 -27.95 20.95 22.19
C LEU D 299 -29.08 19.91 21.92
N TYR D 300 -29.51 19.19 22.96
CA TYR D 300 -30.53 18.14 22.82
C TYR D 300 -31.87 18.65 22.31
N ASP D 301 -32.29 19.83 22.77
CA ASP D 301 -33.49 20.43 22.24
C ASP D 301 -33.23 21.10 20.90
N CYS D 302 -32.10 21.82 20.80
CA CYS D 302 -31.79 22.62 19.61
C CYS D 302 -31.71 21.77 18.32
N ILE D 303 -31.27 20.51 18.40
CA ILE D 303 -31.19 19.60 17.22
C ILE D 303 -32.55 19.02 16.73
N THR D 304 -33.62 19.23 17.48
CA THR D 304 -34.98 18.91 17.00
C THR D 304 -35.62 20.09 16.27
N LYS D 305 -35.06 21.31 16.41
CA LYS D 305 -35.67 22.57 15.92
C LYS D 305 -34.86 23.40 14.93
N THR D 306 -33.60 23.66 15.27
CA THR D 306 -32.73 24.64 14.61
C THR D 306 -32.77 24.61 13.08
N LYS D 307 -32.40 25.73 12.48
CA LYS D 307 -32.19 25.83 11.04
C LYS D 307 -30.78 26.29 10.72
N ALA D 308 -29.89 26.20 11.70
CA ALA D 308 -28.53 26.67 11.55
C ALA D 308 -27.68 25.81 10.62
N PHE D 309 -28.14 24.60 10.30
CA PHE D 309 -27.44 23.72 9.36
C PHE D 309 -27.82 23.99 7.90
N GLN D 310 -28.84 24.82 7.68
CA GLN D 310 -29.44 24.99 6.33
C GLN D 310 -28.42 25.48 5.29
N GLY D 311 -27.51 26.37 5.70
CA GLY D 311 -26.47 26.90 4.81
C GLY D 311 -25.28 26.01 4.48
N LEU D 312 -25.09 24.92 5.23
CA LEU D 312 -23.83 24.17 5.20
C LEU D 312 -23.79 23.07 4.14
N ALA D 313 -23.78 23.52 2.89
CA ALA D 313 -23.90 22.66 1.72
C ALA D 313 -22.77 21.66 1.59
N GLN D 314 -21.53 22.09 1.89
CA GLN D 314 -20.34 21.25 1.74
C GLN D 314 -19.98 20.37 2.98
N LEU D 315 -20.79 20.41 4.05
CA LEU D 315 -20.45 19.71 5.32
C LEU D 315 -20.46 18.17 5.22
N ARG D 316 -19.36 17.56 5.66
CA ARG D 316 -19.18 16.11 5.60
C ARG D 316 -19.29 15.37 6.94
N ARG D 317 -18.73 15.92 8.01
CA ARG D 317 -18.75 15.27 9.32
C ARG D 317 -19.40 16.17 10.35
N LEU D 318 -20.41 15.67 11.02
CA LEU D 318 -21.07 16.40 12.08
C LEU D 318 -21.07 15.59 13.36
N ASN D 319 -20.42 16.09 14.40
CA ASN D 319 -20.36 15.39 15.67
C ASN D 319 -21.28 16.07 16.69
N LEU D 320 -22.39 15.40 17.02
CA LEU D 320 -23.34 15.86 18.05
C LEU D 320 -23.31 14.99 19.34
N SER D 321 -22.24 14.21 19.54
CA SER D 321 -22.23 13.20 20.59
C SER D 321 -22.19 13.81 21.98
N PHE D 322 -22.82 13.15 22.93
CA PHE D 322 -22.89 13.62 24.33
C PHE D 322 -23.53 15.01 24.49
N ASN D 323 -24.52 15.27 23.64
CA ASN D 323 -25.43 16.41 23.81
C ASN D 323 -26.62 15.86 24.56
N TYR D 324 -26.37 15.51 25.82
CA TYR D 324 -27.33 14.81 26.65
C TYR D 324 -27.79 15.74 27.78
N HIS D 325 -29.07 15.64 28.11
CA HIS D 325 -29.64 16.39 29.20
C HIS D 325 -29.27 15.71 30.51
N LYS D 326 -28.71 16.47 31.44
CA LYS D 326 -28.42 15.98 32.79
C LYS D 326 -29.51 15.13 33.39
N LYS D 327 -29.12 13.97 33.89
CA LYS D 327 -29.99 13.05 34.63
C LYS D 327 -31.17 12.46 33.85
N VAL D 328 -31.26 12.67 32.53
CA VAL D 328 -32.39 12.13 31.76
C VAL D 328 -32.00 11.51 30.42
N SER D 329 -32.77 10.51 30.02
CA SER D 329 -32.90 10.07 28.64
C SER D 329 -34.30 10.45 28.15
N PHE D 330 -34.38 10.79 26.87
CA PHE D 330 -35.63 11.21 26.28
C PHE D 330 -36.37 9.98 25.83
N ALA D 331 -37.69 10.03 25.86
CA ALA D 331 -38.51 8.97 25.29
C ALA D 331 -38.40 8.95 23.77
N HIS D 332 -38.29 10.13 23.17
CA HIS D 332 -38.26 10.29 21.71
C HIS D 332 -37.24 11.37 21.33
N LEU D 333 -36.67 11.22 20.15
CA LEU D 333 -35.87 12.28 19.57
C LEU D 333 -36.25 12.34 18.11
N THR D 334 -36.60 13.53 17.62
CA THR D 334 -36.92 13.73 16.21
C THR D 334 -35.99 14.84 15.71
N LEU D 335 -35.19 14.53 14.69
CA LEU D 335 -34.24 15.49 14.17
C LEU D 335 -34.97 16.58 13.40
N ALA D 336 -34.37 17.77 13.39
CA ALA D 336 -34.88 18.93 12.67
C ALA D 336 -35.01 18.71 11.15
N PRO D 337 -36.03 19.31 10.51
CA PRO D 337 -36.10 19.34 9.04
C PRO D 337 -34.82 19.85 8.34
N SER D 338 -34.13 20.82 8.94
CA SER D 338 -32.91 21.41 8.36
C SER D 338 -31.70 20.46 8.17
N PHE D 339 -31.71 19.32 8.84
CA PHE D 339 -30.73 18.26 8.56
C PHE D 339 -30.80 17.80 7.10
N GLY D 340 -32.01 17.83 6.53
CA GLY D 340 -32.25 17.45 5.14
C GLY D 340 -31.55 18.25 4.06
N SER D 341 -30.97 19.39 4.41
CA SER D 341 -30.19 20.19 3.46
C SER D 341 -28.69 20.01 3.59
N LEU D 342 -28.24 18.94 4.25
CA LEU D 342 -26.82 18.63 4.37
C LEU D 342 -26.42 17.59 3.32
N LEU D 343 -26.45 18.00 2.06
CA LEU D 343 -26.34 17.05 0.93
C LEU D 343 -24.95 16.41 0.77
N SER D 344 -23.95 17.02 1.39
CA SER D 344 -22.60 16.45 1.40
C SER D 344 -22.34 15.45 2.53
N LEU D 345 -23.27 15.37 3.48
CA LEU D 345 -23.01 14.67 4.74
C LEU D 345 -22.67 13.19 4.56
N GLN D 346 -21.49 12.80 5.06
CA GLN D 346 -21.01 11.41 5.05
C GLN D 346 -21.05 10.70 6.40
N GLU D 347 -20.94 11.45 7.50
CA GLU D 347 -20.65 10.89 8.82
C GLU D 347 -21.44 11.71 9.84
N LEU D 348 -22.35 11.07 10.57
CA LEU D 348 -23.13 11.73 11.62
C LEU D 348 -23.03 10.95 12.93
N ASP D 349 -22.52 11.63 13.97
CA ASP D 349 -22.32 11.03 15.30
C ASP D 349 -23.34 11.58 16.33
N MET D 350 -24.28 10.73 16.71
CA MET D 350 -25.29 11.01 17.72
C MET D 350 -25.20 10.09 18.93
N HIS D 351 -24.01 9.59 19.23
CA HIS D 351 -23.81 8.66 20.34
C HIS D 351 -23.79 9.44 21.65
N GLY D 352 -24.41 8.87 22.69
CA GLY D 352 -24.42 9.48 24.02
C GLY D 352 -25.35 10.66 24.21
N ILE D 353 -26.41 10.74 23.42
CA ILE D 353 -27.46 11.76 23.63
C ILE D 353 -28.48 11.29 24.67
N PHE D 354 -28.71 9.97 24.68
CA PHE D 354 -29.62 9.30 25.61
C PHE D 354 -31.08 9.54 25.20
N PHE D 355 -31.60 8.60 24.38
CA PHE D 355 -33.02 8.57 23.99
C PHE D 355 -33.50 7.14 23.76
N ARG D 356 -34.71 6.84 24.19
CA ARG D 356 -35.15 5.44 24.39
C ARG D 356 -35.75 4.76 23.17
N SER D 357 -36.07 5.53 22.13
CA SER D 357 -36.82 5.00 20.98
C SER D 357 -36.14 5.41 19.67
N LEU D 358 -36.06 4.47 18.74
CA LEU D 358 -35.57 4.73 17.38
C LEU D 358 -36.64 4.28 16.37
N SER D 359 -37.31 5.25 15.73
CA SER D 359 -38.41 5.02 14.79
C SER D 359 -38.17 5.74 13.46
N GLN D 360 -39.10 5.58 12.51
CA GLN D 360 -39.04 6.29 11.21
C GLN D 360 -38.85 7.80 11.44
N LYS D 361 -39.61 8.38 12.36
CA LYS D 361 -39.57 9.83 12.60
C LYS D 361 -38.21 10.36 13.06
N THR D 362 -37.45 9.53 13.80
CA THR D 362 -36.17 9.94 14.40
C THR D 362 -35.16 10.49 13.40
N LEU D 363 -35.03 9.74 12.31
CA LEU D 363 -34.03 10.08 11.30
C LEU D 363 -34.60 10.46 9.93
N GLN D 364 -35.91 10.74 9.84
CA GLN D 364 -36.60 11.09 8.58
C GLN D 364 -35.80 12.06 7.68
N PRO D 365 -35.32 13.20 8.21
CA PRO D 365 -34.57 14.16 7.38
C PRO D 365 -33.30 13.63 6.71
N LEU D 366 -32.68 12.61 7.30
CA LEU D 366 -31.47 12.02 6.73
C LEU D 366 -31.76 11.03 5.60
N ALA D 367 -33.00 10.52 5.53
CA ALA D 367 -33.40 9.44 4.61
C ALA D 367 -33.09 9.67 3.12
N ARG D 368 -33.09 10.94 2.70
CA ARG D 368 -32.66 11.29 1.35
C ARG D 368 -31.49 12.24 1.44
N LEU D 369 -30.33 11.68 1.78
CA LEU D 369 -29.04 12.34 1.63
C LEU D 369 -28.20 11.34 0.88
N PRO D 370 -27.73 11.69 -0.33
CA PRO D 370 -27.05 10.68 -1.16
C PRO D 370 -25.70 10.16 -0.60
N MET D 371 -24.90 11.04 0.02
CA MET D 371 -23.55 10.67 0.50
C MET D 371 -23.49 10.10 1.95
N LEU D 372 -24.61 9.96 2.67
CA LEU D 372 -24.58 9.50 4.07
C LEU D 372 -24.20 8.02 4.20
N GLN D 373 -23.02 7.78 4.75
CA GLN D 373 -22.38 6.47 4.77
C GLN D 373 -22.23 5.87 6.17
N ARG D 374 -21.95 6.68 7.18
CA ARG D 374 -21.66 6.17 8.52
C ARG D 374 -22.53 6.85 9.55
N LEU D 375 -23.21 6.08 10.40
CA LEU D 375 -24.14 6.61 11.37
C LEU D 375 -23.92 6.03 12.76
N TYR D 376 -23.52 6.87 13.70
CA TYR D 376 -23.17 6.45 15.06
C TYR D 376 -24.29 6.74 16.07
N LEU D 377 -24.94 5.70 16.55
CA LEU D 377 -26.05 5.81 17.49
C LEU D 377 -25.81 5.01 18.82
N GLN D 378 -24.55 4.73 19.15
CA GLN D 378 -24.24 3.90 20.31
C GLN D 378 -24.44 4.68 21.63
N MET D 379 -24.55 3.96 22.75
CA MET D 379 -24.61 4.56 24.08
C MET D 379 -25.74 5.55 24.25
N ASN D 380 -26.93 5.19 23.78
CA ASN D 380 -28.09 6.07 23.82
C ASN D 380 -29.23 5.54 24.71
N PHE D 381 -28.98 4.46 25.45
CA PHE D 381 -30.03 3.77 26.22
C PHE D 381 -31.30 3.48 25.40
N ILE D 382 -31.13 3.17 24.11
CA ILE D 382 -32.26 2.88 23.22
C ILE D 382 -32.78 1.50 23.59
N ASN D 383 -34.08 1.38 23.91
CA ASN D 383 -34.69 0.05 24.16
C ASN D 383 -35.69 -0.44 23.12
N GLN D 384 -36.10 0.43 22.20
CA GLN D 384 -36.95 0.05 21.08
C GLN D 384 -36.35 0.60 19.81
N ALA D 385 -36.14 -0.27 18.83
CA ALA D 385 -35.54 0.16 17.58
C ALA D 385 -36.17 -0.52 16.41
N GLN D 386 -36.80 0.26 15.53
CA GLN D 386 -37.28 -0.26 14.26
C GLN D 386 -36.10 -0.22 13.30
N LEU D 387 -35.42 -1.35 13.15
CA LEU D 387 -34.26 -1.45 12.26
C LEU D 387 -34.61 -1.32 10.77
N GLY D 388 -35.89 -1.55 10.43
CA GLY D 388 -36.40 -1.39 9.08
C GLY D 388 -36.29 -0.01 8.45
N ILE D 389 -36.12 1.03 9.27
CA ILE D 389 -35.93 2.38 8.75
C ILE D 389 -34.70 2.56 7.85
N PHE D 390 -33.68 1.72 8.06
CA PHE D 390 -32.46 1.83 7.29
C PHE D 390 -32.53 1.32 5.85
N LYS D 391 -33.59 0.57 5.50
CA LYS D 391 -33.74 0.04 4.14
C LYS D 391 -33.56 1.09 3.04
N ASP D 392 -34.33 2.18 3.14
CA ASP D 392 -34.39 3.20 2.08
C ASP D 392 -33.24 4.21 2.10
N PHE D 393 -32.34 4.12 3.07
CA PHE D 393 -31.14 4.99 3.09
C PHE D 393 -30.21 4.63 1.92
N PRO D 394 -29.96 5.58 1.00
CA PRO D 394 -29.36 5.23 -0.29
C PRO D 394 -27.92 4.70 -0.20
N GLY D 395 -27.04 5.42 0.49
CA GLY D 395 -25.61 5.12 0.51
C GLY D 395 -25.02 4.62 1.84
N LEU D 396 -25.86 4.09 2.72
CA LEU D 396 -25.39 3.69 4.06
C LEU D 396 -24.45 2.47 4.02
N ARG D 397 -23.32 2.61 4.70
CA ARG D 397 -22.32 1.57 4.81
C ARG D 397 -22.10 1.05 6.25
N TYR D 398 -22.46 1.85 7.25
CA TYR D 398 -22.13 1.53 8.63
C TYR D 398 -23.09 2.14 9.64
N ILE D 399 -23.63 1.31 10.52
CA ILE D 399 -24.50 1.77 11.61
C ILE D 399 -23.94 1.23 12.90
N ASP D 400 -23.55 2.10 13.82
CA ASP D 400 -23.19 1.65 15.16
C ASP D 400 -24.36 1.86 16.11
N LEU D 401 -25.01 0.77 16.50
CA LEU D 401 -26.06 0.77 17.51
C LEU D 401 -25.63 -0.04 18.75
N SER D 402 -24.31 -0.14 18.99
CA SER D 402 -23.79 -0.89 20.13
C SER D 402 -24.06 -0.14 21.45
N ASP D 403 -23.98 -0.85 22.59
CA ASP D 403 -24.15 -0.25 23.94
C ASP D 403 -25.49 0.46 24.08
N ASN D 404 -26.55 -0.26 23.75
CA ASN D 404 -27.90 0.22 23.84
C ASN D 404 -28.66 -0.87 24.58
N ARG D 405 -29.96 -0.68 24.82
CA ARG D 405 -30.79 -1.67 25.52
C ARG D 405 -31.81 -2.31 24.60
N ILE D 406 -31.47 -2.44 23.31
CA ILE D 406 -32.34 -3.09 22.32
C ILE D 406 -32.35 -4.57 22.63
N SER D 407 -33.54 -5.18 22.60
CA SER D 407 -33.72 -6.58 22.95
C SER D 407 -34.57 -7.40 21.98
N GLY D 408 -35.03 -6.82 20.88
CA GLY D 408 -35.83 -7.56 19.90
C GLY D 408 -36.40 -6.69 18.82
N ALA D 409 -37.47 -7.19 18.18
CA ALA D 409 -38.29 -6.38 17.29
C ALA D 409 -39.29 -5.56 18.12
N VAL D 410 -39.85 -4.52 17.51
CA VAL D 410 -40.68 -3.54 18.22
C VAL D 410 -42.08 -4.08 18.63
N GLU D 411 -42.74 -3.36 19.55
CA GLU D 411 -44.09 -3.71 20.03
C GLU D 411 -45.14 -3.09 19.09
N SER D 442 -6.17 -10.52 15.09
CA SER D 442 -5.56 -11.52 14.23
C SER D 442 -6.46 -11.75 13.00
N GLU D 443 -6.16 -10.99 11.93
CA GLU D 443 -6.96 -11.01 10.66
C GLU D 443 -6.81 -12.26 9.79
N ASP D 444 -5.84 -13.12 10.12
CA ASP D 444 -5.69 -14.44 9.51
C ASP D 444 -6.88 -15.36 9.88
N PHE D 445 -7.36 -15.27 11.13
CA PHE D 445 -8.39 -16.18 11.64
C PHE D 445 -9.81 -15.66 11.61
N MET D 446 -10.00 -14.35 11.69
CA MET D 446 -11.33 -13.76 11.57
C MET D 446 -11.20 -12.44 10.85
N PRO D 447 -11.79 -12.34 9.64
CA PRO D 447 -11.70 -11.09 8.90
C PRO D 447 -12.51 -9.96 9.56
N SER D 448 -12.13 -8.73 9.27
CA SER D 448 -12.89 -7.57 9.72
C SER D 448 -13.93 -7.26 8.67
N CYS D 449 -14.86 -6.41 9.06
CA CYS D 449 -15.93 -5.93 8.20
C CYS D 449 -15.59 -4.63 7.44
N LYS D 450 -14.40 -4.05 7.69
CA LYS D 450 -14.02 -2.73 7.13
C LYS D 450 -14.17 -2.51 5.62
N ASN D 451 -14.01 -3.55 4.81
CA ASN D 451 -14.10 -3.41 3.35
C ASN D 451 -15.44 -3.90 2.74
N LEU D 452 -16.42 -4.21 3.59
CA LEU D 452 -17.74 -4.66 3.12
C LEU D 452 -18.67 -3.46 2.97
N SER D 453 -19.79 -3.69 2.29
CA SER D 453 -20.63 -2.59 1.82
C SER D 453 -21.64 -2.11 2.87
N PHE D 454 -22.05 -2.98 3.79
CA PHE D 454 -23.09 -2.67 4.76
C PHE D 454 -22.89 -3.46 6.05
N THR D 455 -22.54 -2.76 7.13
CA THR D 455 -22.28 -3.35 8.46
C THR D 455 -23.18 -2.78 9.57
N LEU D 456 -23.83 -3.66 10.33
CA LEU D 456 -24.62 -3.27 11.49
C LEU D 456 -23.99 -3.83 12.77
N ASP D 457 -23.56 -2.92 13.64
CA ASP D 457 -23.09 -3.29 14.97
C ASP D 457 -24.20 -3.16 16.01
N LEU D 458 -24.66 -4.32 16.49
CA LEU D 458 -25.65 -4.43 17.56
C LEU D 458 -25.06 -5.08 18.82
N SER D 459 -23.76 -4.93 19.05
CA SER D 459 -23.13 -5.61 20.19
C SER D 459 -23.44 -4.85 21.48
N ARG D 460 -23.20 -5.46 22.63
CA ARG D 460 -23.45 -4.79 23.91
C ARG D 460 -24.91 -4.29 24.06
N ASN D 461 -25.83 -5.16 23.65
CA ASN D 461 -27.26 -4.95 23.76
C ASN D 461 -27.84 -6.07 24.58
N ASN D 462 -29.18 -6.11 24.73
CA ASN D 462 -29.85 -7.05 25.63
C ASN D 462 -30.66 -8.16 24.94
N LEU D 463 -30.30 -8.52 23.71
CA LEU D 463 -30.94 -9.66 23.06
C LEU D 463 -30.70 -10.96 23.84
N VAL D 464 -31.77 -11.67 24.16
CA VAL D 464 -31.68 -13.01 24.75
C VAL D 464 -32.10 -14.11 23.78
N THR D 465 -32.93 -13.77 22.79
CA THR D 465 -33.14 -14.64 21.62
C THR D 465 -33.00 -13.79 20.38
N VAL D 466 -32.91 -14.43 19.23
CA VAL D 466 -32.92 -13.73 17.96
C VAL D 466 -34.26 -14.07 17.29
N GLN D 467 -35.01 -13.01 16.96
CA GLN D 467 -36.29 -13.09 16.23
C GLN D 467 -36.00 -12.78 14.76
N PRO D 468 -36.44 -13.62 13.81
CA PRO D 468 -36.27 -13.23 12.40
C PRO D 468 -36.83 -11.85 12.06
N GLU D 469 -37.95 -11.51 12.71
CA GLU D 469 -38.73 -10.30 12.46
C GLU D 469 -37.91 -9.02 12.52
N MET D 470 -36.95 -8.94 13.44
CA MET D 470 -36.18 -7.70 13.62
C MET D 470 -35.21 -7.41 12.48
N PHE D 471 -34.91 -8.42 11.66
CA PHE D 471 -34.04 -8.23 10.50
C PHE D 471 -34.81 -8.18 9.18
N ALA D 472 -36.13 -8.01 9.26
CA ALA D 472 -37.03 -8.22 8.10
C ALA D 472 -36.62 -7.46 6.84
N GLN D 473 -36.07 -6.26 7.01
CA GLN D 473 -35.80 -5.37 5.89
C GLN D 473 -34.30 -5.11 5.70
N LEU D 474 -33.48 -6.05 6.14
CA LEU D 474 -32.05 -5.87 6.19
C LEU D 474 -31.36 -6.93 5.37
N SER D 475 -31.99 -7.38 4.30
CA SER D 475 -31.42 -8.42 3.44
C SER D 475 -30.16 -7.93 2.70
N ARG D 476 -29.99 -6.62 2.58
CA ARG D 476 -28.75 -6.06 2.04
C ARG D 476 -27.49 -6.25 2.94
N LEU D 477 -27.69 -6.43 4.26
CA LEU D 477 -26.57 -6.51 5.22
C LEU D 477 -25.55 -7.56 4.89
N GLN D 478 -24.29 -7.16 4.94
CA GLN D 478 -23.16 -8.06 4.75
C GLN D 478 -22.46 -8.45 6.07
N CYS D 479 -22.56 -7.62 7.10
CA CYS D 479 -21.91 -7.89 8.37
C CYS D 479 -22.82 -7.51 9.53
N LEU D 480 -22.98 -8.43 10.48
CA LEU D 480 -23.81 -8.22 11.69
C LEU D 480 -22.98 -8.57 12.91
N ARG D 481 -22.80 -7.60 13.81
CA ARG D 481 -22.13 -7.85 15.10
C ARG D 481 -23.18 -7.94 16.18
N LEU D 482 -23.25 -9.08 16.86
CA LEU D 482 -24.15 -9.29 17.99
C LEU D 482 -23.38 -9.74 19.22
N SER D 483 -22.12 -9.33 19.38
CA SER D 483 -21.32 -9.83 20.48
C SER D 483 -21.73 -9.16 21.79
N HIS D 484 -21.35 -9.76 22.92
CA HIS D 484 -21.61 -9.20 24.24
C HIS D 484 -23.10 -8.89 24.37
N ASN D 485 -23.94 -9.82 23.96
CA ASN D 485 -25.36 -9.74 24.26
C ASN D 485 -25.66 -10.75 25.39
N SER D 486 -26.89 -11.24 25.49
CA SER D 486 -27.23 -12.29 26.44
C SER D 486 -27.96 -13.43 25.73
N ILE D 487 -27.60 -13.68 24.48
CA ILE D 487 -28.30 -14.65 23.64
C ILE D 487 -28.07 -16.05 24.23
N SER D 488 -29.12 -16.68 24.72
CA SER D 488 -28.99 -18.01 25.34
C SER D 488 -29.94 -18.99 24.68
N GLN D 489 -29.95 -18.95 23.37
CA GLN D 489 -30.89 -19.67 22.54
C GLN D 489 -30.23 -20.86 21.88
N ALA D 490 -30.98 -21.94 21.70
CA ALA D 490 -30.55 -23.09 20.89
C ALA D 490 -30.85 -22.82 19.43
N VAL D 491 -29.98 -22.07 18.78
CA VAL D 491 -30.21 -21.71 17.37
C VAL D 491 -30.46 -22.95 16.48
N ASN D 492 -31.40 -22.84 15.54
CA ASN D 492 -31.85 -24.03 14.78
C ASN D 492 -32.00 -23.89 13.25
N GLY D 493 -31.66 -22.73 12.68
CA GLY D 493 -31.84 -22.49 11.26
C GLY D 493 -32.94 -21.48 10.92
N SER D 494 -33.66 -20.96 11.93
CA SER D 494 -34.82 -20.07 11.74
C SER D 494 -34.62 -18.64 12.22
N GLN D 495 -33.44 -18.30 12.72
CA GLN D 495 -33.26 -17.02 13.45
C GLN D 495 -32.84 -15.84 12.56
N PHE D 496 -32.07 -16.10 11.50
CA PHE D 496 -31.46 -15.05 10.68
C PHE D 496 -31.95 -15.10 9.22
N VAL D 497 -33.17 -15.54 9.00
CA VAL D 497 -33.68 -15.90 7.66
C VAL D 497 -33.65 -14.76 6.59
N PRO D 498 -34.04 -13.52 6.97
CA PRO D 498 -33.95 -12.42 6.01
C PRO D 498 -32.55 -12.06 5.51
N LEU D 499 -31.49 -12.39 6.25
CA LEU D 499 -30.15 -11.88 5.94
C LEU D 499 -29.44 -12.67 4.83
N THR D 500 -29.96 -12.51 3.62
CA THR D 500 -29.54 -13.32 2.46
C THR D 500 -28.23 -12.86 1.81
N SER D 501 -27.71 -11.69 2.20
CA SER D 501 -26.36 -11.23 1.79
C SER D 501 -25.26 -11.34 2.85
N LEU D 502 -25.61 -11.80 4.05
CA LEU D 502 -24.72 -11.73 5.20
C LEU D 502 -23.50 -12.65 5.05
N GLN D 503 -22.31 -12.05 5.16
CA GLN D 503 -21.06 -12.78 5.04
C GLN D 503 -20.35 -12.96 6.38
N VAL D 504 -20.42 -11.95 7.25
CA VAL D 504 -19.78 -11.99 8.56
C VAL D 504 -20.85 -11.94 9.65
N LEU D 505 -20.77 -12.86 10.61
CA LEU D 505 -21.66 -12.84 11.77
C LEU D 505 -20.86 -13.07 13.05
N ASP D 506 -20.79 -12.04 13.89
CA ASP D 506 -20.07 -12.15 15.17
C ASP D 506 -21.06 -12.41 16.31
N LEU D 507 -20.98 -13.59 16.90
CA LEU D 507 -21.81 -13.92 18.07
C LEU D 507 -20.92 -14.19 19.29
N SER D 508 -19.71 -13.63 19.28
CA SER D 508 -18.79 -13.81 20.40
C SER D 508 -19.39 -13.25 21.69
N HIS D 509 -18.96 -13.78 22.84
CA HIS D 509 -19.37 -13.29 24.17
C HIS D 509 -20.88 -13.33 24.30
N ASN D 510 -21.44 -14.51 24.10
CA ASN D 510 -22.88 -14.76 24.31
C ASN D 510 -23.01 -16.11 25.04
N LYS D 511 -24.19 -16.71 25.04
CA LYS D 511 -24.42 -18.03 25.66
C LYS D 511 -25.13 -19.00 24.71
N LEU D 512 -24.78 -18.99 23.45
CA LEU D 512 -25.41 -19.88 22.47
C LEU D 512 -25.27 -21.38 22.78
N ASP D 513 -26.40 -22.08 22.70
CA ASP D 513 -26.44 -23.52 22.84
C ASP D 513 -26.37 -24.15 21.47
N LEU D 514 -25.23 -24.74 21.15
CA LEU D 514 -25.02 -25.37 19.85
C LEU D 514 -25.49 -26.83 19.98
N TYR D 515 -26.65 -27.15 19.41
CA TYR D 515 -27.31 -28.43 19.65
C TYR D 515 -28.12 -28.93 18.46
N HIS D 516 -28.99 -28.10 17.91
CA HIS D 516 -29.67 -28.41 16.66
C HIS D 516 -28.73 -28.42 15.43
N GLY D 517 -29.00 -29.34 14.53
CA GLY D 517 -28.13 -29.60 13.40
C GLY D 517 -28.05 -28.55 12.30
N ARG D 518 -29.01 -27.63 12.24
CA ARG D 518 -29.12 -26.71 11.09
C ARG D 518 -29.00 -25.24 11.44
N SER D 519 -28.38 -24.95 12.58
CA SER D 519 -28.09 -23.57 12.96
C SER D 519 -27.20 -22.92 11.91
N PHE D 520 -27.57 -21.71 11.53
CA PHE D 520 -26.83 -20.87 10.56
C PHE D 520 -27.00 -21.26 9.05
N THR D 521 -27.69 -22.36 8.75
CA THR D 521 -27.91 -22.77 7.36
C THR D 521 -28.87 -21.86 6.60
N GLU D 522 -29.64 -21.03 7.29
CA GLU D 522 -30.44 -19.99 6.65
C GLU D 522 -29.64 -18.81 6.09
N LEU D 523 -28.31 -18.84 6.24
CA LEU D 523 -27.44 -17.77 5.75
C LEU D 523 -26.61 -18.26 4.55
N PRO D 524 -27.14 -18.10 3.33
CA PRO D 524 -26.48 -18.73 2.16
C PRO D 524 -25.08 -18.20 1.81
N ARG D 525 -24.74 -17.00 2.28
CA ARG D 525 -23.47 -16.31 1.95
C ARG D 525 -22.47 -16.26 3.10
N LEU D 526 -22.74 -16.95 4.20
CA LEU D 526 -21.90 -16.84 5.39
C LEU D 526 -20.46 -17.36 5.15
N GLU D 527 -19.49 -16.47 5.30
CA GLU D 527 -18.07 -16.80 5.18
C GLU D 527 -17.31 -16.76 6.49
N ALA D 528 -17.76 -15.99 7.47
CA ALA D 528 -17.05 -15.84 8.74
C ALA D 528 -18.02 -15.81 9.91
N LEU D 529 -17.82 -16.72 10.86
CA LEU D 529 -18.73 -16.91 11.98
C LEU D 529 -17.94 -16.99 13.29
N ASP D 530 -18.17 -16.05 14.19
CA ASP D 530 -17.43 -16.02 15.43
C ASP D 530 -18.35 -16.47 16.56
N LEU D 531 -18.04 -17.64 17.11
CA LEU D 531 -18.78 -18.19 18.23
C LEU D 531 -17.86 -18.30 19.45
N SER D 532 -16.89 -17.40 19.57
CA SER D 532 -15.95 -17.46 20.69
C SER D 532 -16.61 -16.98 21.99
N TYR D 533 -16.06 -17.37 23.13
CA TYR D 533 -16.59 -16.97 24.44
C TYR D 533 -18.09 -17.21 24.56
N ASN D 534 -18.51 -18.42 24.20
CA ASN D 534 -19.86 -18.90 24.45
C ASN D 534 -19.65 -20.18 25.28
N SER D 535 -18.89 -20.00 26.37
CA SER D 535 -18.38 -21.11 27.16
C SER D 535 -19.43 -21.73 28.08
N GLN D 536 -20.40 -20.93 28.52
CA GLN D 536 -21.30 -21.34 29.59
C GLN D 536 -22.07 -22.64 29.30
N PRO D 537 -22.66 -22.79 28.09
CA PRO D 537 -23.27 -24.08 27.77
C PRO D 537 -22.28 -25.24 27.82
N PHE D 538 -21.06 -25.05 27.35
CA PHE D 538 -20.04 -26.12 27.37
C PHE D 538 -19.54 -26.45 28.78
N SER D 539 -19.72 -25.53 29.73
CA SER D 539 -19.44 -25.82 31.16
C SER D 539 -20.44 -26.72 31.86
N MET D 540 -21.61 -26.88 31.27
CA MET D 540 -22.75 -27.59 31.85
C MET D 540 -22.43 -29.09 31.91
N ARG D 541 -21.84 -29.49 33.04
CA ARG D 541 -21.33 -30.86 33.21
C ARG D 541 -22.42 -31.94 33.13
N GLY D 542 -22.20 -32.89 32.22
CA GLY D 542 -23.19 -33.90 31.91
C GLY D 542 -24.18 -33.53 30.81
N VAL D 543 -24.00 -32.36 30.18
CA VAL D 543 -24.84 -31.97 29.04
C VAL D 543 -23.94 -31.69 27.84
N GLY D 544 -24.14 -32.45 26.78
CA GLY D 544 -23.31 -32.37 25.60
C GLY D 544 -23.87 -31.47 24.53
N HIS D 545 -23.11 -31.33 23.46
CA HIS D 545 -23.40 -30.35 22.43
C HIS D 545 -23.00 -30.84 21.06
N ASN D 546 -23.56 -30.20 20.05
CA ASN D 546 -23.42 -30.66 18.67
C ASN D 546 -22.75 -29.60 17.81
N LEU D 547 -21.59 -29.98 17.24
CA LEU D 547 -20.88 -29.13 16.29
C LEU D 547 -21.04 -29.58 14.84
N SER D 548 -21.94 -30.54 14.58
CA SER D 548 -22.10 -31.05 13.21
C SER D 548 -22.71 -30.06 12.23
N PHE D 549 -23.28 -28.94 12.71
CA PHE D 549 -23.72 -27.84 11.83
C PHE D 549 -22.63 -27.27 10.90
N VAL D 550 -21.35 -27.39 11.28
CA VAL D 550 -20.27 -26.84 10.47
C VAL D 550 -20.20 -27.48 9.06
N ALA D 551 -20.47 -28.79 8.97
CA ALA D 551 -20.65 -29.50 7.69
C ALA D 551 -21.75 -28.92 6.78
N GLN D 552 -22.80 -28.36 7.37
CA GLN D 552 -23.95 -27.79 6.63
C GLN D 552 -23.79 -26.33 6.19
N LEU D 553 -22.62 -25.72 6.44
CA LEU D 553 -22.34 -24.36 6.00
C LEU D 553 -21.35 -24.40 4.84
N PRO D 554 -21.85 -24.59 3.61
CA PRO D 554 -21.01 -24.91 2.44
C PRO D 554 -20.06 -23.80 2.00
N THR D 555 -20.38 -22.54 2.33
CA THR D 555 -19.56 -21.36 2.01
C THR D 555 -18.63 -20.87 3.13
N LEU D 556 -18.68 -21.49 4.30
CA LEU D 556 -17.93 -21.00 5.46
C LEU D 556 -16.40 -21.09 5.29
N ARG D 557 -15.71 -19.99 5.54
CA ARG D 557 -14.25 -19.96 5.45
C ARG D 557 -13.53 -19.73 6.75
N TYR D 558 -14.16 -19.01 7.68
CA TYR D 558 -13.54 -18.64 8.96
C TYR D 558 -14.48 -19.01 10.10
N LEU D 559 -13.93 -19.62 11.15
CA LEU D 559 -14.72 -20.06 12.30
C LEU D 559 -13.89 -19.95 13.57
N SER D 560 -14.44 -19.29 14.58
CA SER D 560 -13.80 -19.26 15.90
C SER D 560 -14.69 -20.01 16.87
N LEU D 561 -14.20 -21.10 17.42
CA LEU D 561 -14.82 -21.72 18.57
C LEU D 561 -13.97 -21.45 19.81
N ALA D 562 -13.27 -20.31 19.81
CA ALA D 562 -12.26 -20.00 20.83
C ALA D 562 -12.86 -19.68 22.19
N HIS D 563 -12.13 -20.02 23.25
CA HIS D 563 -12.45 -19.66 24.63
C HIS D 563 -13.83 -20.16 25.09
N ASN D 564 -14.17 -21.36 24.62
CA ASN D 564 -15.45 -22.00 24.93
C ASN D 564 -15.35 -23.09 25.99
N GLY D 565 -14.13 -23.42 26.40
CA GLY D 565 -13.90 -24.52 27.33
C GLY D 565 -14.51 -25.83 26.91
N ILE D 566 -14.41 -26.16 25.63
CA ILE D 566 -14.94 -27.42 25.09
C ILE D 566 -14.08 -28.54 25.63
N HIS D 567 -14.65 -29.43 26.44
CA HIS D 567 -13.88 -30.49 27.08
C HIS D 567 -14.44 -31.92 26.97
N SER D 568 -15.75 -32.08 26.82
CA SER D 568 -16.38 -33.41 26.75
C SER D 568 -17.77 -33.33 26.15
N ARG D 569 -18.27 -34.47 25.69
CA ARG D 569 -19.62 -34.59 25.14
C ARG D 569 -19.87 -33.60 24.00
N VAL D 570 -19.06 -33.72 22.96
CA VAL D 570 -19.26 -32.96 21.74
C VAL D 570 -19.05 -33.91 20.60
N SER D 571 -19.41 -33.44 19.40
CA SER D 571 -19.27 -34.21 18.18
C SER D 571 -17.86 -34.68 18.04
N GLN D 572 -17.67 -35.92 17.65
CA GLN D 572 -16.30 -36.47 17.55
C GLN D 572 -15.45 -35.93 16.41
N GLN D 573 -16.09 -35.36 15.39
CA GLN D 573 -15.39 -34.77 14.27
C GLN D 573 -16.00 -33.46 13.84
N LEU D 574 -15.17 -32.47 13.58
CA LEU D 574 -15.57 -31.34 12.75
C LEU D 574 -15.35 -31.74 11.31
N CYS D 575 -16.37 -31.52 10.49
CA CYS D 575 -16.33 -31.89 9.10
C CYS D 575 -16.69 -30.61 8.30
N SER D 576 -15.86 -30.29 7.30
CA SER D 576 -16.11 -29.17 6.34
C SER D 576 -15.14 -29.20 5.17
N THR D 577 -15.65 -29.05 3.95
CA THR D 577 -14.75 -28.92 2.77
C THR D 577 -14.37 -27.49 2.47
N SER D 578 -15.13 -26.49 2.94
CA SER D 578 -14.84 -25.06 2.67
C SER D 578 -13.86 -24.34 3.65
N LEU D 579 -13.84 -24.79 4.90
CA LEU D 579 -13.25 -24.02 5.97
C LEU D 579 -11.75 -23.86 5.79
N TRP D 580 -11.27 -22.62 5.82
CA TRP D 580 -9.86 -22.31 5.76
C TRP D 580 -9.22 -22.08 7.14
N ALA D 581 -9.97 -21.56 8.09
CA ALA D 581 -9.36 -21.16 9.35
C ALA D 581 -10.27 -21.49 10.52
N LEU D 582 -9.68 -22.03 11.59
CA LEU D 582 -10.41 -22.40 12.78
C LEU D 582 -9.62 -22.01 14.00
N ASP D 583 -10.10 -21.03 14.74
CA ASP D 583 -9.57 -20.76 16.08
C ASP D 583 -10.26 -21.69 17.08
N PHE D 584 -9.53 -22.69 17.55
CA PHE D 584 -9.99 -23.58 18.60
C PHE D 584 -9.25 -23.32 19.90
N SER D 585 -8.67 -22.13 20.05
CA SER D 585 -7.84 -21.84 21.23
C SER D 585 -8.75 -21.72 22.44
N GLY D 586 -8.17 -21.85 23.65
CA GLY D 586 -8.93 -21.70 24.89
C GLY D 586 -10.01 -22.76 25.12
N ASN D 587 -9.69 -24.01 24.84
CA ASN D 587 -10.58 -25.13 25.09
C ASN D 587 -9.74 -26.18 25.82
N SER D 588 -10.16 -27.43 25.88
CA SER D 588 -9.37 -28.50 26.50
C SER D 588 -9.28 -29.67 25.60
N LEU D 589 -8.55 -29.50 24.50
CA LEU D 589 -8.19 -30.65 23.67
C LEU D 589 -7.46 -31.70 24.49
N SER D 590 -6.75 -31.23 25.52
CA SER D 590 -6.16 -32.07 26.56
C SER D 590 -7.06 -33.17 27.06
N GLN D 591 -8.20 -32.79 27.60
CA GLN D 591 -9.17 -33.76 28.09
C GLN D 591 -9.81 -34.61 26.98
N MET D 592 -10.08 -33.97 25.83
CA MET D 592 -10.62 -34.66 24.66
C MET D 592 -9.70 -35.75 24.14
N TRP D 593 -8.45 -35.40 23.91
CA TRP D 593 -7.46 -36.34 23.38
C TRP D 593 -7.00 -37.38 24.42
N ALA D 594 -7.22 -37.10 25.70
CA ALA D 594 -7.03 -38.11 26.75
C ALA D 594 -8.13 -39.16 26.78
N GLU D 595 -9.27 -38.90 26.16
CA GLU D 595 -10.46 -39.74 26.33
C GLU D 595 -10.54 -40.89 25.31
N GLY D 596 -9.61 -41.84 25.40
CA GLY D 596 -9.55 -42.95 24.46
C GLY D 596 -9.39 -42.44 23.04
N ASP D 597 -10.03 -43.10 22.09
CA ASP D 597 -9.84 -42.77 20.67
C ASP D 597 -10.96 -41.91 20.07
N LEU D 598 -11.77 -41.26 20.93
CA LEU D 598 -13.00 -40.61 20.47
C LEU D 598 -12.74 -39.38 19.62
N TYR D 599 -11.77 -38.55 20.04
CA TYR D 599 -11.54 -37.27 19.40
C TYR D 599 -10.21 -37.14 18.63
N LEU D 600 -9.55 -38.27 18.33
CA LEU D 600 -8.22 -38.23 17.68
C LEU D 600 -8.24 -37.67 16.24
N ARG D 601 -9.35 -37.90 15.54
CA ARG D 601 -9.59 -37.39 14.20
C ARG D 601 -10.49 -36.14 14.19
N PHE D 602 -10.53 -35.37 15.29
CA PHE D 602 -11.48 -34.24 15.46
C PHE D 602 -11.36 -33.18 14.37
N PHE D 603 -10.15 -32.86 13.95
CA PHE D 603 -9.91 -31.80 12.98
C PHE D 603 -9.66 -32.35 11.59
N GLN D 604 -9.72 -33.67 11.42
CA GLN D 604 -9.27 -34.28 10.17
C GLN D 604 -10.18 -34.02 8.98
N GLY D 605 -11.49 -33.98 9.24
CA GLY D 605 -12.48 -33.68 8.22
C GLY D 605 -12.50 -32.25 7.72
N LEU D 606 -11.62 -31.38 8.24
CA LEU D 606 -11.45 -30.02 7.71
C LEU D 606 -10.44 -30.09 6.57
N ARG D 607 -10.96 -30.47 5.40
CA ARG D 607 -10.16 -30.90 4.24
C ARG D 607 -9.37 -29.79 3.56
N SER D 608 -9.82 -28.56 3.65
CA SER D 608 -9.14 -27.39 3.07
C SER D 608 -8.46 -26.47 4.09
N LEU D 609 -8.46 -26.86 5.36
CA LEU D 609 -8.03 -25.99 6.42
C LEU D 609 -6.57 -25.61 6.25
N ILE D 610 -6.27 -24.31 6.27
CA ILE D 610 -4.90 -23.82 6.19
C ILE D 610 -4.39 -23.17 7.47
N ARG D 611 -5.27 -22.77 8.38
CA ARG D 611 -4.84 -22.21 9.67
C ARG D 611 -5.61 -22.83 10.83
N LEU D 612 -4.89 -23.30 11.85
CA LEU D 612 -5.48 -23.89 13.04
C LEU D 612 -4.80 -23.37 14.26
N ASP D 613 -5.58 -22.81 15.19
CA ASP D 613 -5.05 -22.36 16.47
C ASP D 613 -5.47 -23.31 17.59
N LEU D 614 -4.53 -24.10 18.08
CA LEU D 614 -4.73 -24.95 19.25
C LEU D 614 -4.07 -24.39 20.54
N SER D 615 -3.88 -23.07 20.61
CA SER D 615 -3.27 -22.45 21.79
C SER D 615 -4.14 -22.58 23.06
N GLN D 616 -3.53 -22.39 24.23
CA GLN D 616 -4.17 -22.54 25.52
C GLN D 616 -5.24 -23.59 25.50
N ASN D 617 -4.83 -24.81 25.17
CA ASN D 617 -5.71 -25.96 25.26
C ASN D 617 -5.30 -26.95 26.37
N ARG D 618 -4.53 -26.48 27.36
CA ARG D 618 -4.01 -27.31 28.45
C ARG D 618 -3.22 -28.56 28.05
N LEU D 619 -2.69 -28.58 26.83
CA LEU D 619 -1.97 -29.76 26.34
C LEU D 619 -0.62 -30.02 27.05
N HIS D 620 -0.57 -31.05 27.90
CA HIS D 620 0.68 -31.51 28.49
C HIS D 620 1.40 -32.49 27.58
N THR D 621 0.73 -33.01 26.55
CA THR D 621 1.34 -34.02 25.69
C THR D 621 0.68 -34.06 24.33
N LEU D 622 1.39 -34.56 23.34
CA LEU D 622 0.84 -34.83 22.00
C LEU D 622 1.36 -36.17 21.53
N LEU D 623 0.50 -37.00 20.97
CA LEU D 623 1.00 -38.17 20.22
C LEU D 623 1.45 -37.72 18.82
N PRO D 624 2.50 -38.38 18.26
CA PRO D 624 2.77 -38.18 16.81
C PRO D 624 1.58 -38.60 15.94
N CYS D 625 0.83 -39.60 16.42
CA CYS D 625 -0.44 -40.02 15.83
C CYS D 625 -1.54 -38.91 15.79
N THR D 626 -1.56 -38.04 16.80
CA THR D 626 -2.52 -36.93 16.87
C THR D 626 -2.18 -35.83 15.84
N LEU D 627 -0.89 -35.49 15.72
CA LEU D 627 -0.44 -34.46 14.78
C LEU D 627 -0.64 -34.84 13.29
N GLY D 628 -0.45 -36.12 12.95
CA GLY D 628 -0.68 -36.60 11.59
C GLY D 628 -2.13 -36.65 11.16
N ASN D 629 -3.03 -36.70 12.14
CA ASN D 629 -4.46 -36.61 11.89
C ASN D 629 -4.97 -35.20 11.72
N LEU D 630 -4.10 -34.20 11.81
CA LEU D 630 -4.46 -32.86 11.40
C LEU D 630 -4.37 -32.77 9.87
N PRO D 631 -5.21 -31.93 9.25
CA PRO D 631 -5.27 -31.82 7.79
C PRO D 631 -3.93 -31.61 7.10
N LYS D 632 -3.69 -32.34 6.01
CA LYS D 632 -2.44 -32.21 5.22
C LYS D 632 -2.27 -30.78 4.69
N SER D 633 -3.39 -30.11 4.43
CA SER D 633 -3.37 -28.75 3.89
C SER D 633 -2.85 -27.67 4.84
N LEU D 634 -2.61 -27.99 6.11
CA LEU D 634 -2.22 -26.95 7.08
C LEU D 634 -0.92 -26.21 6.76
N GLN D 635 -0.99 -24.88 6.72
CA GLN D 635 0.18 -24.01 6.61
C GLN D 635 0.58 -23.37 7.92
N LEU D 636 -0.40 -23.06 8.79
CA LEU D 636 -0.15 -22.43 10.11
C LEU D 636 -0.70 -23.27 11.26
N LEU D 637 0.13 -23.57 12.27
CA LEU D 637 -0.30 -24.26 13.49
C LEU D 637 0.20 -23.55 14.72
N ARG D 638 -0.72 -23.05 15.53
CA ARG D 638 -0.36 -22.47 16.83
C ARG D 638 -0.61 -23.43 17.97
N LEU D 639 0.35 -23.53 18.87
CA LEU D 639 0.21 -24.32 20.09
C LEU D 639 0.73 -23.49 21.26
N ARG D 640 0.38 -22.20 21.26
CA ARG D 640 0.94 -21.27 22.22
C ARG D 640 0.37 -21.57 23.59
N ASN D 641 1.16 -21.31 24.62
CA ASN D 641 0.69 -21.30 26.00
C ASN D 641 0.01 -22.61 26.37
N ASN D 642 0.63 -23.71 25.95
CA ASN D 642 0.23 -25.02 26.43
C ASN D 642 1.26 -25.44 27.51
N TYR D 643 1.32 -26.71 27.90
CA TYR D 643 2.32 -27.19 28.87
C TYR D 643 3.26 -28.28 28.28
N LEU D 644 3.59 -28.14 27.00
CA LEU D 644 4.40 -29.12 26.30
C LEU D 644 5.86 -29.02 26.76
N ALA D 645 6.39 -30.14 27.23
CA ALA D 645 7.78 -30.25 27.65
C ALA D 645 8.60 -31.10 26.66
N PHE D 646 8.01 -31.50 25.54
CA PHE D 646 8.62 -32.44 24.62
C PHE D 646 7.90 -32.28 23.30
N PHE D 647 8.63 -32.35 22.19
CA PHE D 647 8.01 -32.28 20.87
C PHE D 647 8.84 -33.18 19.95
N ASN D 648 8.21 -34.22 19.43
CA ASN D 648 8.82 -35.08 18.43
C ASN D 648 8.90 -34.30 17.12
N TRP D 649 10.06 -33.69 16.84
CA TRP D 649 10.24 -32.89 15.62
C TRP D 649 10.08 -33.67 14.30
N SER D 650 10.33 -34.98 14.30
CA SER D 650 10.27 -35.78 13.06
C SER D 650 8.85 -35.86 12.49
N SER D 651 7.86 -35.83 13.37
CA SER D 651 6.45 -35.81 12.96
C SER D 651 6.01 -34.56 12.21
N LEU D 652 6.85 -33.52 12.14
CA LEU D 652 6.58 -32.41 11.23
C LEU D 652 6.46 -32.81 9.76
N THR D 653 7.03 -33.94 9.36
CA THR D 653 6.85 -34.42 7.98
C THR D 653 5.44 -34.87 7.68
N LEU D 654 4.66 -35.19 8.73
CA LEU D 654 3.23 -35.48 8.59
C LEU D 654 2.33 -34.25 8.26
N LEU D 655 2.90 -33.05 8.37
CA LEU D 655 2.29 -31.80 7.90
C LEU D 655 3.21 -31.17 6.82
N PRO D 656 3.24 -31.74 5.61
CA PRO D 656 4.20 -31.31 4.56
C PRO D 656 4.09 -29.86 4.10
N ASN D 657 2.91 -29.26 4.26
CA ASN D 657 2.66 -27.87 3.87
C ASN D 657 2.91 -26.83 4.98
N LEU D 658 3.37 -27.26 6.16
CA LEU D 658 3.47 -26.34 7.29
C LEU D 658 4.55 -25.29 7.07
N GLU D 659 4.14 -24.03 6.98
CA GLU D 659 5.05 -22.89 6.83
C GLU D 659 5.28 -22.18 8.17
N THR D 660 4.32 -22.20 9.10
CA THR D 660 4.47 -21.51 10.39
C THR D 660 4.12 -22.42 11.56
N LEU D 661 4.95 -22.39 12.60
CA LEU D 661 4.72 -23.22 13.79
C LEU D 661 4.99 -22.37 15.03
N ASP D 662 3.95 -22.18 15.84
CA ASP D 662 4.06 -21.36 17.03
C ASP D 662 4.00 -22.24 18.26
N LEU D 663 5.14 -22.43 18.91
CA LEU D 663 5.18 -23.11 20.18
C LEU D 663 5.49 -22.16 21.33
N ALA D 664 5.29 -20.84 21.14
CA ALA D 664 5.66 -19.89 22.18
C ALA D 664 4.92 -20.21 23.47
N GLY D 665 5.55 -19.99 24.61
CA GLY D 665 4.87 -20.15 25.91
C GLY D 665 4.70 -21.54 26.50
N ASN D 666 5.45 -22.52 25.99
CA ASN D 666 5.39 -23.89 26.50
C ASN D 666 6.54 -24.11 27.47
N GLN D 667 6.92 -25.37 27.75
CA GLN D 667 7.98 -25.68 28.71
C GLN D 667 9.12 -26.53 28.13
N LEU D 668 9.49 -26.28 26.88
CA LEU D 668 10.60 -27.00 26.26
C LEU D 668 11.91 -26.71 26.99
N LYS D 669 12.62 -27.76 27.43
CA LYS D 669 13.93 -27.59 28.11
C LYS D 669 15.13 -27.58 27.15
N ALA D 670 14.86 -27.88 25.88
CA ALA D 670 15.88 -27.97 24.85
C ALA D 670 15.24 -28.14 23.49
N LEU D 671 15.99 -27.75 22.45
CA LEU D 671 15.66 -28.10 21.08
C LEU D 671 16.48 -29.34 20.72
N SER D 672 15.86 -30.50 20.79
CA SER D 672 16.55 -31.78 20.66
C SER D 672 15.55 -32.90 20.40
N ASN D 673 15.96 -34.16 20.53
CA ASN D 673 15.13 -35.32 20.25
C ASN D 673 14.84 -35.36 18.76
N GLY D 674 15.92 -35.34 17.98
CA GLY D 674 15.88 -35.20 16.53
C GLY D 674 16.15 -33.78 16.14
N SER D 675 16.17 -33.51 14.85
CA SER D 675 16.29 -32.16 14.31
C SER D 675 15.04 -31.82 13.52
N LEU D 676 14.95 -30.59 13.04
CA LEU D 676 13.92 -30.28 12.06
C LEU D 676 14.18 -31.18 10.86
N PRO D 677 13.19 -32.00 10.50
CA PRO D 677 13.47 -33.05 9.54
C PRO D 677 13.67 -32.51 8.14
N SER D 678 14.19 -33.37 7.29
CA SER D 678 14.56 -33.01 5.93
C SER D 678 13.34 -32.65 5.10
N GLY D 679 13.53 -31.73 4.16
CA GLY D 679 12.46 -31.33 3.23
C GLY D 679 11.30 -30.55 3.84
N THR D 680 11.48 -30.02 5.05
CA THR D 680 10.41 -29.32 5.72
C THR D 680 10.28 -27.93 5.11
N GLN D 681 9.04 -27.45 4.94
CA GLN D 681 8.74 -26.14 4.31
C GLN D 681 8.64 -24.96 5.29
N LEU D 682 9.12 -25.17 6.51
CA LEU D 682 8.86 -24.26 7.60
C LEU D 682 9.66 -22.97 7.44
N GLN D 683 8.98 -21.84 7.46
CA GLN D 683 9.59 -20.50 7.36
C GLN D 683 9.63 -19.70 8.66
N ARG D 684 8.56 -19.81 9.46
CA ARG D 684 8.42 -19.13 10.75
C ARG D 684 8.40 -20.16 11.88
N LEU D 685 9.30 -20.02 12.85
CA LEU D 685 9.28 -20.89 14.04
C LEU D 685 9.47 -20.06 15.28
N ASP D 686 8.50 -20.16 16.21
CA ASP D 686 8.53 -19.41 17.46
C ASP D 686 8.60 -20.42 18.58
N VAL D 687 9.71 -20.44 19.30
CA VAL D 687 9.83 -21.21 20.55
C VAL D 687 10.23 -20.26 21.69
N SER D 688 9.63 -19.07 21.68
CA SER D 688 9.91 -18.07 22.71
C SER D 688 9.16 -18.44 23.99
N ARG D 689 9.57 -17.85 25.11
CA ARG D 689 8.97 -18.12 26.42
C ARG D 689 8.85 -19.62 26.75
N ASN D 690 9.88 -20.38 26.41
CA ASN D 690 10.05 -21.73 26.94
C ASN D 690 11.17 -21.69 28.02
N SER D 691 11.74 -22.84 28.35
CA SER D 691 12.88 -22.96 29.27
C SER D 691 14.08 -23.64 28.60
N ILE D 692 14.35 -23.28 27.35
CA ILE D 692 15.36 -23.94 26.56
C ILE D 692 16.80 -23.63 27.04
N ILE D 693 17.45 -24.68 27.53
CA ILE D 693 18.83 -24.66 28.07
C ILE D 693 19.89 -24.81 26.99
N PHE D 694 19.62 -25.62 25.98
CA PHE D 694 20.55 -25.80 24.89
C PHE D 694 19.86 -26.20 23.59
N VAL D 695 20.65 -26.23 22.52
CA VAL D 695 20.18 -26.69 21.21
C VAL D 695 21.21 -27.66 20.68
N VAL D 696 20.75 -28.81 20.19
CA VAL D 696 21.66 -29.79 19.58
C VAL D 696 22.27 -29.24 18.28
N PRO D 697 23.56 -29.57 18.02
CA PRO D 697 24.21 -29.19 16.77
C PRO D 697 23.45 -29.65 15.53
N GLY D 698 23.33 -28.75 14.54
CA GLY D 698 22.64 -29.03 13.30
C GLY D 698 21.13 -29.14 13.42
N PHE D 699 20.52 -28.46 14.40
CA PHE D 699 19.07 -28.59 14.66
C PHE D 699 18.23 -27.95 13.56
N PHE D 700 18.61 -26.75 13.17
CA PHE D 700 17.92 -26.02 12.11
C PHE D 700 18.44 -26.36 10.72
N ALA D 701 19.55 -27.10 10.63
CA ALA D 701 20.33 -27.26 9.37
C ALA D 701 19.50 -27.63 8.13
N LEU D 702 18.60 -28.59 8.30
CA LEU D 702 17.79 -29.13 7.19
C LEU D 702 16.55 -28.28 6.89
N ALA D 703 16.27 -27.25 7.70
CA ALA D 703 15.17 -26.31 7.44
C ALA D 703 15.63 -25.16 6.54
N THR D 704 15.82 -25.47 5.26
CA THR D 704 16.35 -24.50 4.28
C THR D 704 15.40 -23.34 3.95
N ARG D 705 14.10 -23.52 4.18
CA ARG D 705 13.13 -22.44 3.96
C ARG D 705 12.95 -21.51 5.18
N LEU D 706 13.57 -21.87 6.31
CA LEU D 706 13.41 -21.11 7.58
C LEU D 706 13.91 -19.68 7.46
N ARG D 707 13.02 -18.69 7.62
CA ARG D 707 13.41 -17.27 7.55
C ARG D 707 13.32 -16.50 8.85
N GLU D 708 12.37 -16.85 9.71
CA GLU D 708 12.14 -16.09 10.94
C GLU D 708 12.16 -17.06 12.10
N LEU D 709 12.92 -16.74 13.15
CA LEU D 709 13.14 -17.65 14.26
C LEU D 709 13.21 -16.86 15.55
N ASN D 710 12.39 -17.26 16.53
CA ASN D 710 12.31 -16.55 17.80
C ASN D 710 12.74 -17.45 18.97
N LEU D 711 13.90 -17.13 19.55
CA LEU D 711 14.42 -17.87 20.70
C LEU D 711 14.41 -17.02 21.96
N SER D 712 13.62 -15.96 21.94
CA SER D 712 13.55 -15.03 23.04
C SER D 712 13.01 -15.69 24.33
N ALA D 713 13.38 -15.10 25.48
CA ALA D 713 12.83 -15.47 26.79
C ALA D 713 12.97 -16.97 27.07
N ASN D 714 14.20 -17.44 26.98
CA ASN D 714 14.55 -18.84 27.24
C ASN D 714 15.68 -18.88 28.26
N ALA D 715 16.38 -20.00 28.39
CA ALA D 715 17.52 -20.12 29.33
C ALA D 715 18.85 -20.40 28.61
N LEU D 716 18.94 -19.98 27.35
CA LEU D 716 20.15 -20.12 26.56
C LEU D 716 21.29 -19.24 27.10
N ARG D 717 22.40 -19.89 27.47
CA ARG D 717 23.62 -19.18 27.92
C ARG D 717 24.58 -18.84 26.80
N THR D 718 24.22 -19.20 25.58
CA THR D 718 25.03 -18.95 24.39
C THR D 718 24.17 -19.04 23.16
N VAL D 719 24.71 -18.59 22.04
CA VAL D 719 24.12 -18.73 20.71
C VAL D 719 25.23 -19.26 19.81
N GLU D 720 25.02 -20.43 19.21
CA GLU D 720 26.06 -21.10 18.43
C GLU D 720 25.73 -21.10 16.94
N PRO D 721 26.75 -20.86 16.07
CA PRO D 721 26.51 -21.05 14.63
C PRO D 721 26.30 -22.52 14.26
N SER D 722 26.81 -23.42 15.10
CA SER D 722 26.64 -24.86 14.91
C SER D 722 25.18 -25.35 14.99
N TRP D 723 24.27 -24.55 15.55
CA TRP D 723 22.84 -24.91 15.55
C TRP D 723 22.27 -24.91 14.16
N PHE D 724 22.81 -24.03 13.31
CA PHE D 724 22.26 -23.76 11.98
C PHE D 724 22.96 -24.50 10.84
N GLY D 725 23.64 -25.61 11.16
CA GLY D 725 24.63 -26.17 10.24
C GLY D 725 25.64 -25.06 10.12
N PHE D 726 25.86 -24.55 8.92
CA PHE D 726 26.50 -23.25 8.77
C PHE D 726 25.79 -22.42 7.69
N LEU D 727 24.46 -22.60 7.66
CA LEU D 727 23.56 -21.99 6.67
C LEU D 727 22.63 -20.93 7.33
N ALA D 728 23.06 -20.33 8.46
CA ALA D 728 22.27 -19.30 9.17
C ALA D 728 22.05 -17.98 8.39
N GLY D 729 22.88 -17.71 7.38
CA GLY D 729 22.79 -16.49 6.58
C GLY D 729 21.48 -16.25 5.84
N SER D 730 20.67 -17.29 5.63
CA SER D 730 19.34 -17.14 5.06
C SER D 730 18.31 -16.51 6.00
N LEU D 731 18.57 -16.54 7.31
CA LEU D 731 17.62 -16.00 8.29
C LEU D 731 17.43 -14.50 8.20
N GLU D 732 16.17 -14.07 8.21
CA GLU D 732 15.82 -12.65 8.23
C GLU D 732 15.59 -12.14 9.65
N VAL D 733 15.06 -12.96 10.53
CA VAL D 733 14.83 -12.55 11.92
C VAL D 733 15.36 -13.61 12.87
N LEU D 734 16.24 -13.22 13.80
CA LEU D 734 16.70 -14.12 14.85
C LEU D 734 16.65 -13.36 16.17
N ASP D 735 15.57 -13.55 16.93
CA ASP D 735 15.45 -12.88 18.22
C ASP D 735 16.07 -13.77 19.30
N VAL D 736 17.12 -13.26 19.96
CA VAL D 736 17.77 -13.97 21.09
C VAL D 736 17.83 -13.13 22.37
N SER D 737 16.92 -12.15 22.44
CA SER D 737 16.82 -11.25 23.59
C SER D 737 16.29 -12.00 24.83
N ALA D 738 16.47 -11.40 26.00
CA ALA D 738 16.03 -12.02 27.26
C ALA D 738 16.52 -13.45 27.47
N ASN D 739 17.79 -13.69 27.23
CA ASN D 739 18.41 -14.98 27.49
C ASN D 739 19.61 -14.77 28.39
N PRO D 740 19.83 -15.65 29.38
CA PRO D 740 20.90 -15.44 30.37
C PRO D 740 22.32 -15.76 29.84
N LEU D 741 22.72 -15.04 28.79
CA LEU D 741 23.95 -15.31 28.04
C LEU D 741 25.19 -15.17 28.90
N HIS D 742 26.18 -16.04 28.64
CA HIS D 742 27.43 -16.10 29.39
C HIS D 742 28.45 -15.19 28.71
N CYS D 743 28.57 -13.96 29.21
CA CYS D 743 29.42 -12.92 28.62
C CYS D 743 30.83 -13.01 29.18
N ALA D 744 31.44 -14.15 28.92
CA ALA D 744 32.80 -14.43 29.32
C ALA D 744 33.63 -13.82 28.22
N CYS D 745 34.76 -13.21 28.62
CA CYS D 745 35.67 -12.58 27.67
C CYS D 745 36.11 -13.56 26.58
N GLY D 746 35.93 -13.13 25.33
CA GLY D 746 36.24 -13.92 24.13
C GLY D 746 35.21 -14.96 23.73
N ALA D 747 33.93 -14.74 24.06
CA ALA D 747 32.88 -15.76 23.87
C ALA D 747 32.46 -15.93 22.42
N ALA D 748 32.24 -17.17 22.02
CA ALA D 748 31.97 -17.52 20.61
C ALA D 748 30.68 -16.89 20.07
N PHE D 749 29.68 -16.71 20.93
CA PHE D 749 28.40 -16.09 20.52
C PHE D 749 28.53 -14.65 19.97
N VAL D 750 29.38 -13.84 20.62
CA VAL D 750 29.51 -12.40 20.33
C VAL D 750 29.82 -12.18 18.85
N ASP D 751 30.78 -12.97 18.38
CA ASP D 751 31.23 -12.91 17.01
C ASP D 751 30.12 -13.30 16.06
N PHE D 752 29.41 -14.37 16.41
CA PHE D 752 28.32 -14.90 15.59
C PHE D 752 27.19 -13.89 15.37
N LEU D 753 26.74 -13.25 16.44
CA LEU D 753 25.65 -12.30 16.33
C LEU D 753 25.99 -11.08 15.45
N LEU D 754 27.28 -10.72 15.41
CA LEU D 754 27.76 -9.66 14.52
C LEU D 754 27.78 -10.10 13.05
N GLN D 755 28.05 -11.37 12.78
CA GLN D 755 28.02 -11.87 11.40
C GLN D 755 26.60 -11.92 10.84
N VAL D 756 25.58 -11.98 11.70
CA VAL D 756 24.17 -11.96 11.25
C VAL D 756 23.36 -10.81 11.85
N GLN D 757 24.05 -9.72 12.23
CA GLN D 757 23.42 -8.59 12.95
C GLN D 757 22.18 -7.98 12.25
N ALA D 758 22.21 -7.94 10.91
CA ALA D 758 21.06 -7.44 10.12
C ALA D 758 19.74 -8.14 10.48
N ALA D 759 19.83 -9.38 10.93
CA ALA D 759 18.69 -10.22 11.27
C ALA D 759 18.32 -10.24 12.76
N VAL D 760 19.14 -9.65 13.65
CA VAL D 760 18.91 -9.72 15.10
C VAL D 760 18.28 -8.43 15.59
N PRO D 761 16.96 -8.43 15.88
CA PRO D 761 16.34 -7.18 16.32
C PRO D 761 16.83 -6.79 17.72
N GLY D 762 17.05 -5.51 17.92
CA GLY D 762 17.46 -4.98 19.21
C GLY D 762 18.83 -5.38 19.68
N LEU D 763 19.72 -5.75 18.75
CA LEU D 763 21.06 -6.25 19.11
C LEU D 763 21.88 -5.31 20.01
N PRO D 764 21.88 -3.98 19.70
CA PRO D 764 22.68 -3.03 20.49
C PRO D 764 22.29 -2.88 21.95
N SER D 765 21.02 -3.11 22.30
CA SER D 765 20.52 -2.77 23.64
C SER D 765 19.83 -3.89 24.41
N ARG D 766 19.11 -4.75 23.70
CA ARG D 766 18.16 -5.67 24.32
C ARG D 766 18.62 -7.13 24.39
N VAL D 767 19.79 -7.46 23.80
CA VAL D 767 20.43 -8.76 24.00
C VAL D 767 21.45 -8.64 25.14
N LYS D 768 21.19 -9.35 26.25
CA LYS D 768 21.82 -9.08 27.54
C LYS D 768 22.49 -10.29 28.15
N CYS D 769 23.30 -10.04 29.18
CA CYS D 769 24.08 -11.08 29.86
C CYS D 769 23.36 -11.53 31.13
N GLY D 770 23.37 -12.84 31.38
CA GLY D 770 22.93 -13.43 32.66
C GLY D 770 24.08 -13.68 33.63
N SER D 771 25.28 -13.73 33.07
CA SER D 771 26.52 -14.02 33.78
C SER D 771 27.70 -13.44 32.95
N PRO D 772 28.90 -13.30 33.52
CA PRO D 772 29.22 -13.51 34.93
C PRO D 772 29.12 -12.22 35.73
N GLY D 773 29.01 -12.34 37.05
CA GLY D 773 29.06 -11.20 37.99
C GLY D 773 28.33 -9.91 37.59
N GLN D 774 29.09 -8.84 37.43
CA GLN D 774 28.56 -7.48 37.27
C GLN D 774 27.97 -7.21 35.87
N LEU D 775 28.17 -8.14 34.93
CA LEU D 775 27.56 -8.05 33.58
C LEU D 775 26.10 -8.52 33.52
N GLN D 776 25.64 -9.23 34.55
CA GLN D 776 24.24 -9.68 34.60
C GLN D 776 23.24 -8.53 34.50
N GLY D 777 22.38 -8.59 33.49
CA GLY D 777 21.33 -7.58 33.27
C GLY D 777 21.79 -6.39 32.45
N ARG D 778 22.97 -6.51 31.85
CA ARG D 778 23.55 -5.46 31.04
C ARG D 778 23.88 -6.00 29.66
N SER D 779 23.92 -5.11 28.68
CA SER D 779 24.08 -5.49 27.27
C SER D 779 25.36 -6.22 27.01
N ILE D 780 25.37 -7.00 25.94
CA ILE D 780 26.59 -7.72 25.51
C ILE D 780 27.72 -6.76 25.12
N PHE D 781 27.36 -5.55 24.68
CA PHE D 781 28.33 -4.50 24.36
C PHE D 781 28.63 -3.53 25.52
N ALA D 782 28.23 -3.86 26.75
CA ALA D 782 28.53 -2.99 27.91
C ALA D 782 30.02 -3.01 28.29
N GLN D 783 30.75 -4.02 27.80
CA GLN D 783 32.22 -4.03 27.79
C GLN D 783 32.66 -4.83 26.58
N ASP D 784 33.83 -4.49 26.03
CA ASP D 784 34.30 -5.12 24.78
C ASP D 784 34.78 -6.54 25.10
N LEU D 785 34.10 -7.52 24.52
CA LEU D 785 34.38 -8.93 24.81
C LEU D 785 35.59 -9.46 24.03
N ARG D 786 35.89 -8.89 22.86
CA ARG D 786 37.07 -9.26 22.05
C ARG D 786 38.27 -8.36 22.39
C1 NAG G . 21.47 9.44 -16.71
C2 NAG G . 20.45 8.41 -16.27
C3 NAG G . 20.20 7.39 -17.37
C4 NAG G . 19.92 8.07 -18.74
C5 NAG G . 21.05 9.05 -19.08
C6 NAG G . 20.93 9.78 -20.44
C7 NAG G . 20.29 7.60 -13.90
C8 NAG G . 21.07 6.89 -12.84
N2 NAG G . 20.95 7.76 -15.07
O3 NAG G . 19.09 6.59 -16.95
O4 NAG G . 19.80 7.11 -19.81
O5 NAG G . 21.12 9.98 -17.99
O6 NAG G . 20.24 11.05 -20.40
O7 NAG G . 19.15 8.00 -13.70
C1 NAG G . 18.51 7.18 -20.47
C2 NAG G . 18.56 6.50 -21.85
C3 NAG G . 17.15 6.40 -22.45
C4 NAG G . 16.10 5.93 -21.44
C5 NAG G . 16.20 6.72 -20.13
C6 NAG G . 15.21 6.21 -19.07
C7 NAG G . 20.72 7.04 -22.97
C8 NAG G . 21.37 8.00 -23.95
N2 NAG G . 19.42 7.27 -22.76
O3 NAG G . 17.11 5.47 -23.55
O4 NAG G . 14.83 6.07 -22.07
O5 NAG G . 17.53 6.59 -19.63
O6 NAG G . 15.64 6.53 -17.73
O7 NAG G . 21.36 6.14 -22.43
C1 NAG H . 9.60 -12.98 19.92
C2 NAG H . 9.02 -11.72 19.29
C3 NAG H . 8.71 -10.66 20.34
C4 NAG H . 7.93 -11.23 21.54
C5 NAG H . 8.70 -12.44 22.10
C6 NAG H . 8.06 -13.08 23.35
C7 NAG H . 9.78 -10.92 17.07
C8 NAG H . 11.00 -10.46 16.31
N2 NAG H . 10.01 -11.24 18.35
O3 NAG H . 7.92 -9.61 19.78
O4 NAG H . 7.78 -10.15 22.50
O5 NAG H . 8.81 -13.40 21.03
O6 NAG H . 7.21 -14.21 23.05
O7 NAG H . 8.70 -10.97 16.55
C1 NAG H . 6.41 -9.89 22.88
C2 NAG H . 6.35 -9.20 24.25
C3 NAG H . 4.87 -8.90 24.58
C4 NAG H . 4.23 -8.11 23.43
C5 NAG H . 4.33 -8.94 22.14
C6 NAG H . 3.61 -8.29 20.96
C7 NAG H . 8.28 -10.14 25.57
C8 NAG H . 8.67 -11.18 26.60
N2 NAG H . 6.96 -10.09 25.25
O3 NAG H . 4.65 -8.21 25.81
O4 NAG H . 2.86 -7.79 23.75
O5 NAG H . 5.73 -9.12 21.87
O6 NAG H . 4.13 -8.77 19.72
O7 NAG H . 9.13 -9.41 25.06
C1 NAG I . 7.73 -32.88 -2.04
C2 NAG I . 7.68 -34.39 -1.76
C3 NAG I . 8.13 -34.62 -0.32
C4 NAG I . 9.39 -33.84 0.12
C5 NAG I . 9.62 -32.49 -0.58
C6 NAG I . 11.09 -32.07 -0.62
C7 NAG I . 6.03 -35.99 -2.72
C8 NAG I . 4.58 -36.43 -2.72
N2 NAG I . 6.35 -34.96 -1.91
O3 NAG I . 8.34 -36.02 -0.17
O4 NAG I . 9.26 -33.58 1.52
O5 NAG I . 9.12 -32.53 -1.91
O6 NAG I . 11.22 -30.63 -0.72
O7 NAG I . 6.85 -36.55 -3.42
C1 NAG J . 1.08 -29.58 -36.36
C2 NAG J . 2.11 -29.11 -37.39
C3 NAG J . 1.65 -29.54 -38.80
C4 NAG J . 1.52 -31.06 -38.84
C5 NAG J . 0.58 -31.62 -37.75
C6 NAG J . 0.85 -33.10 -37.49
C7 NAG J . 3.36 -27.00 -36.92
C8 NAG J . 3.21 -25.51 -36.81
N2 NAG J . 2.23 -27.67 -37.25
O3 NAG J . 2.58 -29.14 -39.81
O4 NAG J . 1.05 -31.42 -40.13
O5 NAG J . 0.67 -30.96 -36.46
O6 NAG J . -0.23 -33.90 -37.99
O7 NAG J . 4.43 -27.55 -36.71
C1 NAG K . -7.40 -42.43 -11.94
C2 NAG K . -6.57 -43.27 -12.90
C3 NAG K . -6.77 -44.77 -12.66
C4 NAG K . -6.62 -45.08 -11.16
C5 NAG K . -7.64 -44.24 -10.37
C6 NAG K . -7.72 -44.54 -8.89
C7 NAG K . -6.08 -42.18 -15.06
C8 NAG K . -6.57 -41.87 -16.44
N2 NAG K . -6.90 -42.90 -14.27
O3 NAG K . -5.79 -45.47 -13.44
O4 NAG K . -6.77 -46.48 -10.93
O5 NAG K . -7.29 -42.87 -10.57
O6 NAG K . -6.46 -44.27 -8.26
O7 NAG K . -4.99 -41.78 -14.69
C1 NAG L . 26.49 35.83 -13.70
C2 NAG L . 27.76 36.35 -14.40
C3 NAG L . 28.42 37.43 -13.54
C4 NAG L . 27.43 38.49 -13.03
C5 NAG L . 26.18 37.83 -12.44
C6 NAG L . 25.12 38.81 -11.92
C7 NAG L . 29.39 35.05 -15.77
C8 NAG L . 30.32 33.86 -15.70
N2 NAG L . 28.72 35.28 -14.62
O3 NAG L . 29.46 38.06 -14.28
O4 NAG L . 28.12 39.28 -12.05
O5 NAG L . 25.62 36.93 -13.42
O6 NAG L . 24.58 39.61 -12.98
O7 NAG L . 29.28 35.72 -16.80
C1 NAG M . -21.38 30.53 -20.85
C2 NAG M . -22.20 31.52 -20.04
C3 NAG M . -23.71 31.36 -20.34
C4 NAG M . -24.01 31.19 -21.83
C5 NAG M . -23.14 30.05 -22.36
C6 NAG M . -23.37 29.65 -23.82
C7 NAG M . -21.08 31.79 -17.82
C8 NAG M . -20.98 31.22 -16.43
N2 NAG M . -21.94 31.18 -18.65
O3 NAG M . -24.48 32.45 -19.77
O4 NAG M . -25.39 30.87 -22.03
O5 NAG M . -21.81 30.50 -22.21
O6 NAG M . -22.96 28.28 -23.97
O7 NAG M . -20.42 32.76 -18.13
C1 NAG N . -8.30 37.92 -19.61
C2 NAG N . -8.69 39.30 -20.18
C3 NAG N . -8.90 40.24 -19.01
C4 NAG N . -9.93 39.65 -18.08
C5 NAG N . -9.46 38.30 -17.56
C6 NAG N . -10.42 37.68 -16.54
C7 NAG N . -7.91 40.30 -22.33
C8 NAG N . -6.73 40.85 -23.07
N2 NAG N . -7.68 39.86 -21.06
O3 NAG N . -9.38 41.50 -19.47
O4 NAG N . -10.07 40.50 -16.97
O5 NAG N . -9.29 37.45 -18.69
O6 NAG N . -11.76 37.94 -16.99
O7 NAG N . -8.99 40.24 -22.87
C1 NAG O . 32.82 30.25 -19.82
C2 NAG O . 33.66 31.41 -20.35
C3 NAG O . 34.05 31.04 -21.78
C4 NAG O . 34.75 29.69 -21.81
C5 NAG O . 33.83 28.65 -21.20
C6 NAG O . 34.33 27.21 -21.28
C7 NAG O . 32.58 33.25 -19.11
C8 NAG O . 31.70 34.46 -19.26
N2 NAG O . 32.84 32.63 -20.27
O3 NAG O . 34.88 32.02 -22.36
O4 NAG O . 35.04 29.28 -23.14
O5 NAG O . 33.60 29.05 -19.86
O6 NAG O . 35.63 27.13 -20.71
O7 NAG O . 33.00 32.88 -18.01
C1 NAG P . 9.23 30.77 3.85
C2 NAG P . 9.71 32.18 3.58
C3 NAG P . 10.44 32.19 2.24
C4 NAG P . 11.54 31.10 2.14
C5 NAG P . 11.12 29.77 2.74
C6 NAG P . 12.31 28.86 3.02
C7 NAG P . 8.43 34.16 4.38
C8 NAG P . 7.19 34.99 4.13
N2 NAG P . 8.60 33.13 3.53
O3 NAG P . 10.93 33.53 2.06
O4 NAG P . 11.89 30.82 0.77
O5 NAG P . 10.42 29.98 3.96
O6 NAG P . 11.93 27.49 2.80
O7 NAG P . 9.20 34.41 5.31
C1 NAG Q . -4.77 29.86 35.98
C2 NAG Q . -4.13 29.18 37.19
C3 NAG Q . -4.79 29.71 38.46
C4 NAG Q . -4.57 31.22 38.50
C5 NAG Q . -5.17 31.92 37.29
C6 NAG Q . -4.74 33.40 37.24
C7 NAG Q . -3.31 26.84 36.84
C8 NAG Q . -3.74 25.42 36.63
N2 NAG Q . -4.31 27.73 36.99
O3 NAG Q . -4.26 29.14 39.66
O4 NAG Q . -5.14 31.72 39.70
O5 NAG Q . -4.77 31.30 36.05
O6 NAG Q . -5.87 34.27 37.07
O7 NAG Q . -2.11 27.12 36.88
C1 NAG R . -4.87 43.77 10.85
C2 NAG R . -4.17 44.51 12.01
C3 NAG R . -3.90 45.99 11.68
C4 NAG R . -3.38 46.18 10.26
C5 NAG R . -4.42 45.57 9.30
C6 NAG R . -4.29 45.94 7.80
C7 NAG R . -4.66 43.74 14.31
C8 NAG R . -5.65 43.75 15.45
N2 NAG R . -5.00 44.41 13.20
O3 NAG R . -2.94 46.52 12.60
O4 NAG R . -3.16 47.59 10.05
O5 NAG R . -4.36 44.16 9.54
O6 NAG R . -3.25 45.25 7.12
O7 NAG R . -3.62 43.14 14.41
C1 NAG S . 9.15 -39.88 17.21
C2 NAG S . 10.18 -40.58 18.14
C3 NAG S . 10.71 -41.89 17.54
C4 NAG S . 9.62 -42.77 16.93
C5 NAG S . 8.58 -41.96 16.13
C6 NAG S . 7.39 -42.82 15.69
C7 NAG S . 11.85 -39.51 19.65
C8 NAG S . 13.03 -38.59 19.67
N2 NAG S . 11.33 -39.72 18.43
O3 NAG S . 11.46 -42.64 18.52
O4 NAG S . 10.23 -43.75 16.07
O5 NAG S . 8.12 -40.82 16.88
O6 NAG S . 6.16 -42.27 16.16
O7 NAG S . 11.40 -40.01 20.69
C1 NAG T . -36.89 -23.80 15.04
C2 NAG T . -37.80 -24.55 14.06
C3 NAG T . -39.21 -23.94 13.98
C4 NAG T . -39.79 -23.67 15.36
C5 NAG T . -38.78 -22.89 16.18
C6 NAG T . -39.26 -22.49 17.57
C7 NAG T . -36.43 -25.38 12.16
C8 NAG T . -35.80 -24.98 10.86
N2 NAG T . -37.12 -24.42 12.78
O3 NAG T . -40.12 -24.75 13.21
O4 NAG T . -40.97 -22.89 15.25
O5 NAG T . -37.60 -23.69 16.28
O6 NAG T . -38.50 -21.36 17.99
O7 NAG T . -36.32 -26.50 12.60
C1 NAG U . -25.76 -33.95 16.04
C2 NAG U . -26.50 -35.19 16.53
C3 NAG U . -26.76 -36.15 15.37
C4 NAG U . -27.45 -35.43 14.24
C5 NAG U . -26.63 -34.23 13.79
C6 NAG U . -27.30 -33.48 12.64
C7 NAG U . -26.22 -36.35 18.70
C8 NAG U . -25.23 -37.06 19.58
N2 NAG U . -25.73 -35.88 17.53
O3 NAG U . -27.61 -37.20 15.83
O4 NAG U . -27.62 -36.32 13.13
O5 NAG U . -26.43 -33.36 14.92
O6 NAG U . -28.59 -33.03 13.11
O7 NAG U . -27.38 -36.22 19.06
C1 NAG V . 15.14 -35.86 24.62
C2 NAG V . 15.45 -37.23 25.25
C3 NAG V . 15.63 -37.04 26.77
C4 NAG V . 16.65 -35.94 27.03
C5 NAG V . 16.14 -34.65 26.40
C6 NAG V . 16.93 -33.39 26.76
C7 NAG V . 14.24 -38.76 23.75
C8 NAG V . 13.06 -39.70 23.64
N2 NAG V . 14.37 -38.17 24.95
O3 NAG V . 16.01 -38.22 27.48
O4 NAG V . 16.77 -35.82 28.43
O5 NAG V . 16.12 -34.87 24.99
O6 NAG V . 18.24 -33.45 26.19
O7 NAG V . 15.01 -38.59 22.81
C1 NAG W . -14.50 28.68 -0.76
C2 NAG W . -15.78 29.36 -1.26
C3 NAG W . -15.53 30.31 -2.46
C4 NAG W . -14.13 30.95 -2.54
C5 NAG W . -13.01 30.07 -1.98
C6 NAG W . -11.68 30.79 -1.82
C7 NAG W . -16.91 27.34 -2.37
C8 NAG W . -18.20 26.56 -2.37
N2 NAG W . -16.88 28.39 -1.51
O3 NAG W . -16.50 31.37 -2.36
O4 NAG W . -13.80 31.24 -3.92
O5 NAG W . -13.42 29.60 -0.70
O6 NAG W . -10.76 29.91 -1.16
O7 NAG W . -16.00 27.00 -3.11
#